data_5BX1
# 
_entry.id   5BX1 
# 
_audit_conform.dict_name       mmcif_pdbx.dic 
_audit_conform.dict_version    5.398 
_audit_conform.dict_location   http://mmcif.pdb.org/dictionaries/ascii/mmcif_pdbx.dic 
# 
loop_
_database_2.database_id 
_database_2.database_code 
_database_2.pdbx_database_accession 
_database_2.pdbx_DOI 
PDB   5BX1         pdb_00005bx1 10.2210/pdb5bx1/pdb 
WWPDB D_1000210695 ?            ?                   
# 
loop_
_pdbx_audit_revision_history.ordinal 
_pdbx_audit_revision_history.data_content_type 
_pdbx_audit_revision_history.major_revision 
_pdbx_audit_revision_history.minor_revision 
_pdbx_audit_revision_history.revision_date 
1 'Structure model' 1 0 2016-12-21 
2 'Structure model' 1 1 2017-09-20 
3 'Structure model' 1 2 2022-03-23 
4 'Structure model' 1 3 2023-09-27 
5 'Structure model' 1 4 2024-11-06 
# 
_pdbx_audit_revision_details.ordinal             1 
_pdbx_audit_revision_details.revision_ordinal    1 
_pdbx_audit_revision_details.data_content_type   'Structure model' 
_pdbx_audit_revision_details.provider            repository 
_pdbx_audit_revision_details.type                'Initial release' 
_pdbx_audit_revision_details.description         ? 
_pdbx_audit_revision_details.details             ? 
# 
loop_
_pdbx_audit_revision_group.ordinal 
_pdbx_audit_revision_group.revision_ordinal 
_pdbx_audit_revision_group.data_content_type 
_pdbx_audit_revision_group.group 
1 2 'Structure model' 'Author supporting evidence' 
2 3 'Structure model' 'Author supporting evidence' 
3 3 'Structure model' 'Database references'        
4 4 'Structure model' 'Data collection'            
5 4 'Structure model' 'Refinement description'     
6 5 'Structure model' 'Structure summary'          
# 
loop_
_pdbx_audit_revision_category.ordinal 
_pdbx_audit_revision_category.revision_ordinal 
_pdbx_audit_revision_category.data_content_type 
_pdbx_audit_revision_category.category 
1 2 'Structure model' pdbx_audit_support            
2 3 'Structure model' database_2                    
3 3 'Structure model' pdbx_audit_support            
4 4 'Structure model' chem_comp_atom                
5 4 'Structure model' chem_comp_bond                
6 4 'Structure model' pdbx_initial_refinement_model 
7 5 'Structure model' pdbx_entry_details            
8 5 'Structure model' pdbx_modification_feature     
# 
loop_
_pdbx_audit_revision_item.ordinal 
_pdbx_audit_revision_item.revision_ordinal 
_pdbx_audit_revision_item.data_content_type 
_pdbx_audit_revision_item.item 
1 2 'Structure model' '_pdbx_audit_support.funding_organization' 
2 3 'Structure model' '_database_2.pdbx_DOI'                     
3 3 'Structure model' '_database_2.pdbx_database_accession'      
4 3 'Structure model' '_pdbx_audit_support.funding_organization' 
# 
_pdbx_database_status.status_code                     REL 
_pdbx_database_status.status_code_sf                  REL 
_pdbx_database_status.status_code_mr                  ? 
_pdbx_database_status.entry_id                        5BX1 
_pdbx_database_status.recvd_initial_deposition_date   2015-06-08 
_pdbx_database_status.SG_entry                        N 
_pdbx_database_status.deposit_site                    RCSB 
_pdbx_database_status.process_site                    RCSB 
_pdbx_database_status.status_code_cs                  ? 
_pdbx_database_status.methods_development_category    ? 
_pdbx_database_status.pdb_format_compatible           Y 
_pdbx_database_status.status_code_nmr_data            ? 
# 
_pdbx_database_related.db_name        PDB 
_pdbx_database_related.details        '1ZCK is a trimer in the crystal form' 
_pdbx_database_related.db_id          1ZCK 
_pdbx_database_related.content_type   unspecified 
# 
loop_
_audit_author.name 
_audit_author.pdbx_ordinal 
_audit_author.identifier_ORCID 
'Liu, S.'   1 ? 
'Bai, Y.'   2 ? 
'Zhang, Z.' 3 ? 
# 
_citation.abstract                  ? 
_citation.abstract_id_CAS           ? 
_citation.book_id_ISBN              ? 
_citation.book_publisher            ? 
_citation.book_publisher_city       ? 
_citation.book_title                ? 
_citation.coordinate_linkage        ? 
_citation.country                   ? 
_citation.database_id_Medline       ? 
_citation.details                   ? 
_citation.id                        primary 
_citation.journal_abbrev            'To Be Published' 
_citation.journal_id_ASTM           ? 
_citation.journal_id_CSD            0353 
_citation.journal_id_ISSN           ? 
_citation.journal_full              ? 
_citation.journal_issue             ? 
_citation.journal_volume            ? 
_citation.language                  ? 
_citation.page_first                ? 
_citation.page_last                 ? 
_citation.title                     'Crystal Structure of PRL-1 complex with compound analogy 3' 
_citation.year                      ? 
_citation.database_id_CSD           ? 
_citation.pdbx_database_id_DOI      ? 
_citation.pdbx_database_id_PubMed   ? 
_citation.unpublished_flag          ? 
# 
loop_
_citation_author.citation_id 
_citation_author.name 
_citation_author.ordinal 
_citation_author.identifier_ORCID 
primary 'Liu, S.'   1 ? 
primary 'Bai, Y.'   2 ? 
primary 'Zhang, Z.' 3 ? 
# 
loop_
_entity.id 
_entity.type 
_entity.src_method 
_entity.pdbx_description 
_entity.formula_weight 
_entity.pdbx_number_of_molecules 
_entity.pdbx_ec 
_entity.pdbx_mutation 
_entity.pdbx_fragment 
_entity.details 
1 polymer     man 'Protein tyrosine phosphatase type IVA 1'                                        18012.029 1   3.1.3.48 ? 
'UNP residues 4-160' ? 
2 non-polymer syn "3-(5,6-dimethyl-2H-isoindol-2-yl)-N'-[(E)-furan-2-ylmethylidene]benzohydrazide" 357.405   1   ?        ? ? ? 
3 non-polymer syn 'SULFATE ION'                                                                    96.063    2   ?        ? ? ? 
4 water       nat water                                                                            18.015    100 ?        ? ? ? 
# 
_entity_name_com.entity_id   1 
_entity_name_com.name        
'PTP(CAAXI),Protein-tyrosine phosphatase 4a1,Protein-tyrosine phosphatase of regenerating liver 1,PRL-1' 
# 
_entity_poly.entity_id                      1 
_entity_poly.type                           'polypeptide(L)' 
_entity_poly.nstd_linkage                   no 
_entity_poly.nstd_monomer                   no 
_entity_poly.pdbx_seq_one_letter_code       
;MNRPAPVEVTYKNMRFLITHNPTNATLNKFIEELKKYGVTTIVRVCEATYDTTLVEKEGIHVLDWPFDDGAPPSNQIVDD
WLSLVKIKFREEPGCCIAVHCVAGLGRAPVLVALALIEGGMKYEDAVQFIRQKRRGAFNSKQLLYLEKYRPKMRLRF
;
_entity_poly.pdbx_seq_one_letter_code_can   
;MNRPAPVEVTYKNMRFLITHNPTNATLNKFIEELKKYGVTTIVRVCEATYDTTLVEKEGIHVLDWPFDDGAPPSNQIVDD
WLSLVKIKFREEPGCCIAVHCVAGLGRAPVLVALALIEGGMKYEDAVQFIRQKRRGAFNSKQLLYLEKYRPKMRLRF
;
_entity_poly.pdbx_strand_id                 A 
_entity_poly.pdbx_target_identifier         ? 
# 
loop_
_pdbx_entity_nonpoly.entity_id 
_pdbx_entity_nonpoly.name 
_pdbx_entity_nonpoly.comp_id 
2 "3-(5,6-dimethyl-2H-isoindol-2-yl)-N'-[(E)-furan-2-ylmethylidene]benzohydrazide" 4XA 
3 'SULFATE ION'                                                                    SO4 
4 water                                                                            HOH 
# 
loop_
_entity_poly_seq.entity_id 
_entity_poly_seq.num 
_entity_poly_seq.mon_id 
_entity_poly_seq.hetero 
1 1   MET n 
1 2   ASN n 
1 3   ARG n 
1 4   PRO n 
1 5   ALA n 
1 6   PRO n 
1 7   VAL n 
1 8   GLU n 
1 9   VAL n 
1 10  THR n 
1 11  TYR n 
1 12  LYS n 
1 13  ASN n 
1 14  MET n 
1 15  ARG n 
1 16  PHE n 
1 17  LEU n 
1 18  ILE n 
1 19  THR n 
1 20  HIS n 
1 21  ASN n 
1 22  PRO n 
1 23  THR n 
1 24  ASN n 
1 25  ALA n 
1 26  THR n 
1 27  LEU n 
1 28  ASN n 
1 29  LYS n 
1 30  PHE n 
1 31  ILE n 
1 32  GLU n 
1 33  GLU n 
1 34  LEU n 
1 35  LYS n 
1 36  LYS n 
1 37  TYR n 
1 38  GLY n 
1 39  VAL n 
1 40  THR n 
1 41  THR n 
1 42  ILE n 
1 43  VAL n 
1 44  ARG n 
1 45  VAL n 
1 46  CYS n 
1 47  GLU n 
1 48  ALA n 
1 49  THR n 
1 50  TYR n 
1 51  ASP n 
1 52  THR n 
1 53  THR n 
1 54  LEU n 
1 55  VAL n 
1 56  GLU n 
1 57  LYS n 
1 58  GLU n 
1 59  GLY n 
1 60  ILE n 
1 61  HIS n 
1 62  VAL n 
1 63  LEU n 
1 64  ASP n 
1 65  TRP n 
1 66  PRO n 
1 67  PHE n 
1 68  ASP n 
1 69  ASP n 
1 70  GLY n 
1 71  ALA n 
1 72  PRO n 
1 73  PRO n 
1 74  SER n 
1 75  ASN n 
1 76  GLN n 
1 77  ILE n 
1 78  VAL n 
1 79  ASP n 
1 80  ASP n 
1 81  TRP n 
1 82  LEU n 
1 83  SER n 
1 84  LEU n 
1 85  VAL n 
1 86  LYS n 
1 87  ILE n 
1 88  LYS n 
1 89  PHE n 
1 90  ARG n 
1 91  GLU n 
1 92  GLU n 
1 93  PRO n 
1 94  GLY n 
1 95  CYS n 
1 96  CYS n 
1 97  ILE n 
1 98  ALA n 
1 99  VAL n 
1 100 HIS n 
1 101 CYS n 
1 102 VAL n 
1 103 ALA n 
1 104 GLY n 
1 105 LEU n 
1 106 GLY n 
1 107 ARG n 
1 108 ALA n 
1 109 PRO n 
1 110 VAL n 
1 111 LEU n 
1 112 VAL n 
1 113 ALA n 
1 114 LEU n 
1 115 ALA n 
1 116 LEU n 
1 117 ILE n 
1 118 GLU n 
1 119 GLY n 
1 120 GLY n 
1 121 MET n 
1 122 LYS n 
1 123 TYR n 
1 124 GLU n 
1 125 ASP n 
1 126 ALA n 
1 127 VAL n 
1 128 GLN n 
1 129 PHE n 
1 130 ILE n 
1 131 ARG n 
1 132 GLN n 
1 133 LYS n 
1 134 ARG n 
1 135 ARG n 
1 136 GLY n 
1 137 ALA n 
1 138 PHE n 
1 139 ASN n 
1 140 SER n 
1 141 LYS n 
1 142 GLN n 
1 143 LEU n 
1 144 LEU n 
1 145 TYR n 
1 146 LEU n 
1 147 GLU n 
1 148 LYS n 
1 149 TYR n 
1 150 ARG n 
1 151 PRO n 
1 152 LYS n 
1 153 MET n 
1 154 ARG n 
1 155 LEU n 
1 156 ARG n 
1 157 PHE n 
# 
_entity_src_gen.entity_id                          1 
_entity_src_gen.pdbx_src_id                        1 
_entity_src_gen.pdbx_alt_source_flag               sample 
_entity_src_gen.pdbx_seq_type                      'Biological sequence' 
_entity_src_gen.pdbx_beg_seq_num                   1 
_entity_src_gen.pdbx_end_seq_num                   157 
_entity_src_gen.gene_src_common_name               Human 
_entity_src_gen.gene_src_genus                     ? 
_entity_src_gen.pdbx_gene_src_gene                 'PTP4A1, PRL1, PTPCAAX1' 
_entity_src_gen.gene_src_species                   ? 
_entity_src_gen.gene_src_strain                    ? 
_entity_src_gen.gene_src_tissue                    ? 
_entity_src_gen.gene_src_tissue_fraction           ? 
_entity_src_gen.gene_src_details                   ? 
_entity_src_gen.pdbx_gene_src_fragment             ? 
_entity_src_gen.pdbx_gene_src_scientific_name      'Homo sapiens' 
_entity_src_gen.pdbx_gene_src_ncbi_taxonomy_id     9606 
_entity_src_gen.pdbx_gene_src_variant              ? 
_entity_src_gen.pdbx_gene_src_cell_line            ? 
_entity_src_gen.pdbx_gene_src_atcc                 ? 
_entity_src_gen.pdbx_gene_src_organ                ? 
_entity_src_gen.pdbx_gene_src_organelle            ? 
_entity_src_gen.pdbx_gene_src_cell                 ? 
_entity_src_gen.pdbx_gene_src_cellular_location    ? 
_entity_src_gen.host_org_common_name               ? 
_entity_src_gen.pdbx_host_org_scientific_name      'Escherichia coli' 
_entity_src_gen.pdbx_host_org_ncbi_taxonomy_id     562 
_entity_src_gen.host_org_genus                     ? 
_entity_src_gen.pdbx_host_org_gene                 ? 
_entity_src_gen.pdbx_host_org_organ                ? 
_entity_src_gen.host_org_species                   ? 
_entity_src_gen.pdbx_host_org_tissue               ? 
_entity_src_gen.pdbx_host_org_tissue_fraction      ? 
_entity_src_gen.pdbx_host_org_strain               ? 
_entity_src_gen.pdbx_host_org_variant              ? 
_entity_src_gen.pdbx_host_org_cell_line            ? 
_entity_src_gen.pdbx_host_org_atcc                 ? 
_entity_src_gen.pdbx_host_org_culture_collection   ? 
_entity_src_gen.pdbx_host_org_cell                 ? 
_entity_src_gen.pdbx_host_org_organelle            ? 
_entity_src_gen.pdbx_host_org_cellular_location    ? 
_entity_src_gen.pdbx_host_org_vector_type          ? 
_entity_src_gen.pdbx_host_org_vector               ? 
_entity_src_gen.host_org_details                   ? 
_entity_src_gen.expression_system_id               ? 
_entity_src_gen.plasmid_name                       ? 
_entity_src_gen.plasmid_details                    ? 
_entity_src_gen.pdbx_description                   ? 
# 
loop_
_chem_comp.id 
_chem_comp.type 
_chem_comp.mon_nstd_flag 
_chem_comp.name 
_chem_comp.pdbx_synonyms 
_chem_comp.formula 
_chem_comp.formula_weight 
4XA non-polymer         . "3-(5,6-dimethyl-2H-isoindol-2-yl)-N'-[(E)-furan-2-ylmethylidene]benzohydrazide" ? 'C22 H19 N3 O2'  
357.405 
ALA 'L-peptide linking' y ALANINE                                                                          ? 'C3 H7 N O2'     
89.093  
ARG 'L-peptide linking' y ARGININE                                                                         ? 'C6 H15 N4 O2 1' 
175.209 
ASN 'L-peptide linking' y ASPARAGINE                                                                       ? 'C4 H8 N2 O3'    
132.118 
ASP 'L-peptide linking' y 'ASPARTIC ACID'                                                                  ? 'C4 H7 N O4'     
133.103 
CYS 'L-peptide linking' y CYSTEINE                                                                         ? 'C3 H7 N O2 S'   
121.158 
GLN 'L-peptide linking' y GLUTAMINE                                                                        ? 'C5 H10 N2 O3'   
146.144 
GLU 'L-peptide linking' y 'GLUTAMIC ACID'                                                                  ? 'C5 H9 N O4'     
147.129 
GLY 'peptide linking'   y GLYCINE                                                                          ? 'C2 H5 N O2'     
75.067  
HIS 'L-peptide linking' y HISTIDINE                                                                        ? 'C6 H10 N3 O2 1' 
156.162 
HOH non-polymer         . WATER                                                                            ? 'H2 O'           
18.015  
ILE 'L-peptide linking' y ISOLEUCINE                                                                       ? 'C6 H13 N O2'    
131.173 
LEU 'L-peptide linking' y LEUCINE                                                                          ? 'C6 H13 N O2'    
131.173 
LYS 'L-peptide linking' y LYSINE                                                                           ? 'C6 H15 N2 O2 1' 
147.195 
MET 'L-peptide linking' y METHIONINE                                                                       ? 'C5 H11 N O2 S'  
149.211 
PHE 'L-peptide linking' y PHENYLALANINE                                                                    ? 'C9 H11 N O2'    
165.189 
PRO 'L-peptide linking' y PROLINE                                                                          ? 'C5 H9 N O2'     
115.130 
SER 'L-peptide linking' y SERINE                                                                           ? 'C3 H7 N O3'     
105.093 
SO4 non-polymer         . 'SULFATE ION'                                                                    ? 'O4 S -2'        
96.063  
THR 'L-peptide linking' y THREONINE                                                                        ? 'C4 H9 N O3'     
119.119 
TRP 'L-peptide linking' y TRYPTOPHAN                                                                       ? 'C11 H12 N2 O2'  
204.225 
TYR 'L-peptide linking' y TYROSINE                                                                         ? 'C9 H11 N O3'    
181.189 
VAL 'L-peptide linking' y VALINE                                                                           ? 'C5 H11 N O2'    
117.146 
# 
loop_
_pdbx_poly_seq_scheme.asym_id 
_pdbx_poly_seq_scheme.entity_id 
_pdbx_poly_seq_scheme.seq_id 
_pdbx_poly_seq_scheme.mon_id 
_pdbx_poly_seq_scheme.ndb_seq_num 
_pdbx_poly_seq_scheme.pdb_seq_num 
_pdbx_poly_seq_scheme.auth_seq_num 
_pdbx_poly_seq_scheme.pdb_mon_id 
_pdbx_poly_seq_scheme.auth_mon_id 
_pdbx_poly_seq_scheme.pdb_strand_id 
_pdbx_poly_seq_scheme.pdb_ins_code 
_pdbx_poly_seq_scheme.hetero 
A 1 1   MET 1   4   ?   ?   ?   A . n 
A 1 2   ASN 2   5   ?   ?   ?   A . n 
A 1 3   ARG 3   6   ?   ?   ?   A . n 
A 1 4   PRO 4   7   ?   ?   ?   A . n 
A 1 5   ALA 5   8   8   ALA ALA A . n 
A 1 6   PRO 6   9   9   PRO PRO A . n 
A 1 7   VAL 7   10  10  VAL VAL A . n 
A 1 8   GLU 8   11  11  GLU GLU A . n 
A 1 9   VAL 9   12  12  VAL VAL A . n 
A 1 10  THR 10  13  13  THR THR A . n 
A 1 11  TYR 11  14  14  TYR TYR A . n 
A 1 12  LYS 12  15  15  LYS LYS A . n 
A 1 13  ASN 13  16  16  ASN ASN A . n 
A 1 14  MET 14  17  17  MET MET A . n 
A 1 15  ARG 15  18  18  ARG ARG A . n 
A 1 16  PHE 16  19  19  PHE PHE A . n 
A 1 17  LEU 17  20  20  LEU LEU A . n 
A 1 18  ILE 18  21  21  ILE ILE A . n 
A 1 19  THR 19  22  22  THR THR A . n 
A 1 20  HIS 20  23  23  HIS HIS A . n 
A 1 21  ASN 21  24  24  ASN ASN A . n 
A 1 22  PRO 22  25  25  PRO PRO A . n 
A 1 23  THR 23  26  26  THR THR A . n 
A 1 24  ASN 24  27  27  ASN ASN A . n 
A 1 25  ALA 25  28  28  ALA ALA A . n 
A 1 26  THR 26  29  29  THR THR A . n 
A 1 27  LEU 27  30  30  LEU LEU A . n 
A 1 28  ASN 28  31  31  ASN ASN A . n 
A 1 29  LYS 29  32  32  LYS LYS A . n 
A 1 30  PHE 30  33  33  PHE PHE A . n 
A 1 31  ILE 31  34  34  ILE ILE A . n 
A 1 32  GLU 32  35  35  GLU GLU A . n 
A 1 33  GLU 33  36  36  GLU GLU A . n 
A 1 34  LEU 34  37  37  LEU LEU A . n 
A 1 35  LYS 35  38  38  LYS LYS A . n 
A 1 36  LYS 36  39  39  LYS LYS A . n 
A 1 37  TYR 37  40  40  TYR TYR A . n 
A 1 38  GLY 38  41  41  GLY GLY A . n 
A 1 39  VAL 39  42  42  VAL VAL A . n 
A 1 40  THR 40  43  43  THR THR A . n 
A 1 41  THR 41  44  44  THR THR A . n 
A 1 42  ILE 42  45  45  ILE ILE A . n 
A 1 43  VAL 43  46  46  VAL VAL A . n 
A 1 44  ARG 44  47  47  ARG ARG A . n 
A 1 45  VAL 45  48  48  VAL VAL A . n 
A 1 46  CYS 46  49  49  CYS CYS A . n 
A 1 47  GLU 47  50  50  GLU GLU A . n 
A 1 48  ALA 48  51  51  ALA ALA A . n 
A 1 49  THR 49  52  52  THR THR A . n 
A 1 50  TYR 50  53  53  TYR TYR A . n 
A 1 51  ASP 51  54  54  ASP ASP A . n 
A 1 52  THR 52  55  55  THR THR A . n 
A 1 53  THR 53  56  56  THR THR A . n 
A 1 54  LEU 54  57  57  LEU LEU A . n 
A 1 55  VAL 55  58  58  VAL VAL A . n 
A 1 56  GLU 56  59  59  GLU GLU A . n 
A 1 57  LYS 57  60  60  LYS LYS A . n 
A 1 58  GLU 58  61  61  GLU GLU A . n 
A 1 59  GLY 59  62  62  GLY GLY A . n 
A 1 60  ILE 60  63  63  ILE ILE A . n 
A 1 61  HIS 61  64  64  HIS HIS A . n 
A 1 62  VAL 62  65  65  VAL VAL A . n 
A 1 63  LEU 63  66  66  LEU LEU A . n 
A 1 64  ASP 64  67  67  ASP ASP A . n 
A 1 65  TRP 65  68  68  TRP TRP A . n 
A 1 66  PRO 66  69  69  PRO PRO A . n 
A 1 67  PHE 67  70  70  PHE PHE A . n 
A 1 68  ASP 68  71  71  ASP ASP A . n 
A 1 69  ASP 69  72  72  ASP ASP A . n 
A 1 70  GLY 70  73  73  GLY GLY A . n 
A 1 71  ALA 71  74  74  ALA ALA A . n 
A 1 72  PRO 72  75  75  PRO PRO A . n 
A 1 73  PRO 73  76  76  PRO PRO A . n 
A 1 74  SER 74  77  77  SER SER A . n 
A 1 75  ASN 75  78  78  ASN ASN A . n 
A 1 76  GLN 76  79  79  GLN GLN A . n 
A 1 77  ILE 77  80  80  ILE ILE A . n 
A 1 78  VAL 78  81  81  VAL VAL A . n 
A 1 79  ASP 79  82  82  ASP ASP A . n 
A 1 80  ASP 80  83  83  ASP ASP A . n 
A 1 81  TRP 81  84  84  TRP TRP A . n 
A 1 82  LEU 82  85  85  LEU LEU A . n 
A 1 83  SER 83  86  86  SER SER A . n 
A 1 84  LEU 84  87  87  LEU LEU A . n 
A 1 85  VAL 85  88  88  VAL VAL A . n 
A 1 86  LYS 86  89  89  LYS LYS A . n 
A 1 87  ILE 87  90  90  ILE ILE A . n 
A 1 88  LYS 88  91  91  LYS LYS A . n 
A 1 89  PHE 89  92  92  PHE PHE A . n 
A 1 90  ARG 90  93  93  ARG ARG A . n 
A 1 91  GLU 91  94  94  GLU GLU A . n 
A 1 92  GLU 92  95  95  GLU GLU A . n 
A 1 93  PRO 93  96  96  PRO PRO A . n 
A 1 94  GLY 94  97  97  GLY GLY A . n 
A 1 95  CYS 95  98  98  CYS CYS A . n 
A 1 96  CYS 96  99  99  CYS CYS A . n 
A 1 97  ILE 97  100 100 ILE ILE A . n 
A 1 98  ALA 98  101 101 ALA ALA A . n 
A 1 99  VAL 99  102 102 VAL VAL A . n 
A 1 100 HIS 100 103 103 HIS HIS A . n 
A 1 101 CYS 101 104 104 CYS CYS A . n 
A 1 102 VAL 102 105 105 VAL VAL A . n 
A 1 103 ALA 103 106 106 ALA ALA A . n 
A 1 104 GLY 104 107 107 GLY GLY A . n 
A 1 105 LEU 105 108 108 LEU LEU A . n 
A 1 106 GLY 106 109 109 GLY GLY A . n 
A 1 107 ARG 107 110 110 ARG ARG A . n 
A 1 108 ALA 108 111 111 ALA ALA A . n 
A 1 109 PRO 109 112 112 PRO PRO A . n 
A 1 110 VAL 110 113 113 VAL VAL A . n 
A 1 111 LEU 111 114 114 LEU LEU A . n 
A 1 112 VAL 112 115 115 VAL VAL A . n 
A 1 113 ALA 113 116 116 ALA ALA A . n 
A 1 114 LEU 114 117 117 LEU LEU A . n 
A 1 115 ALA 115 118 118 ALA ALA A . n 
A 1 116 LEU 116 119 119 LEU LEU A . n 
A 1 117 ILE 117 120 120 ILE ILE A . n 
A 1 118 GLU 118 121 121 GLU GLU A . n 
A 1 119 GLY 119 122 122 GLY GLY A . n 
A 1 120 GLY 120 123 123 GLY GLY A . n 
A 1 121 MET 121 124 124 MET MET A . n 
A 1 122 LYS 122 125 125 LYS LYS A . n 
A 1 123 TYR 123 126 126 TYR TYR A . n 
A 1 124 GLU 124 127 127 GLU GLU A . n 
A 1 125 ASP 125 128 128 ASP ASP A . n 
A 1 126 ALA 126 129 129 ALA ALA A . n 
A 1 127 VAL 127 130 130 VAL VAL A . n 
A 1 128 GLN 128 131 131 GLN GLN A . n 
A 1 129 PHE 129 132 132 PHE PHE A . n 
A 1 130 ILE 130 133 133 ILE ILE A . n 
A 1 131 ARG 131 134 134 ARG ARG A . n 
A 1 132 GLN 132 135 135 GLN GLN A . n 
A 1 133 LYS 133 136 136 LYS LYS A . n 
A 1 134 ARG 134 137 137 ARG ARG A . n 
A 1 135 ARG 135 138 138 ARG ARG A . n 
A 1 136 GLY 136 139 139 GLY GLY A . n 
A 1 137 ALA 137 140 140 ALA ALA A . n 
A 1 138 PHE 138 141 141 PHE PHE A . n 
A 1 139 ASN 139 142 142 ASN ASN A . n 
A 1 140 SER 140 143 143 SER ALA A . n 
A 1 141 LYS 141 144 144 LYS LYS A . n 
A 1 142 GLN 142 145 145 GLN GLN A . n 
A 1 143 LEU 143 146 146 LEU LEU A . n 
A 1 144 LEU 144 147 147 LEU LEU A . n 
A 1 145 TYR 145 148 148 TYR TYR A . n 
A 1 146 LEU 146 149 149 LEU LEU A . n 
A 1 147 GLU 147 150 150 GLU GLU A . n 
A 1 148 LYS 148 151 151 LYS LYS A . n 
A 1 149 TYR 149 152 152 TYR TYR A . n 
A 1 150 ARG 150 153 153 ARG ARG A . n 
A 1 151 PRO 151 154 154 PRO PRO A . n 
A 1 152 LYS 152 155 155 LYS LYS A . n 
A 1 153 MET 153 156 156 MET MET A . n 
A 1 154 ARG 154 157 157 ARG ARG A . n 
A 1 155 LEU 155 158 158 LEU LEU A . n 
A 1 156 ARG 156 159 159 ARG ARG A . n 
A 1 157 PHE 157 160 160 PHE PHE A . n 
# 
loop_
_pdbx_nonpoly_scheme.asym_id 
_pdbx_nonpoly_scheme.entity_id 
_pdbx_nonpoly_scheme.mon_id 
_pdbx_nonpoly_scheme.ndb_seq_num 
_pdbx_nonpoly_scheme.pdb_seq_num 
_pdbx_nonpoly_scheme.auth_seq_num 
_pdbx_nonpoly_scheme.pdb_mon_id 
_pdbx_nonpoly_scheme.auth_mon_id 
_pdbx_nonpoly_scheme.pdb_strand_id 
_pdbx_nonpoly_scheme.pdb_ins_code 
B 2 4XA 1   201 1   4XA CM  A . 
C 3 SO4 1   202 2   SO4 SO4 A . 
D 3 SO4 1   203 3   SO4 SO4 A . 
E 4 HOH 1   301 67  HOH HOH A . 
E 4 HOH 2   302 97  HOH HOH A . 
E 4 HOH 3   303 71  HOH HOH A . 
E 4 HOH 4   304 9   HOH HOH A . 
E 4 HOH 5   305 46  HOH HOH A . 
E 4 HOH 6   306 59  HOH HOH A . 
E 4 HOH 7   307 5   HOH HOH A . 
E 4 HOH 8   308 32  HOH HOH A . 
E 4 HOH 9   309 6   HOH HOH A . 
E 4 HOH 10  310 10  HOH HOH A . 
E 4 HOH 11  311 23  HOH HOH A . 
E 4 HOH 12  312 28  HOH HOH A . 
E 4 HOH 13  313 20  HOH HOH A . 
E 4 HOH 14  314 2   HOH HOH A . 
E 4 HOH 15  315 74  HOH HOH A . 
E 4 HOH 16  316 22  HOH HOH A . 
E 4 HOH 17  317 88  HOH HOH A . 
E 4 HOH 18  318 48  HOH HOH A . 
E 4 HOH 19  319 60  HOH HOH A . 
E 4 HOH 20  320 21  HOH HOH A . 
E 4 HOH 21  321 17  HOH HOH A . 
E 4 HOH 22  322 80  HOH HOH A . 
E 4 HOH 23  323 50  HOH HOH A . 
E 4 HOH 24  324 38  HOH HOH A . 
E 4 HOH 25  325 44  HOH HOH A . 
E 4 HOH 26  326 11  HOH HOH A . 
E 4 HOH 27  327 34  HOH HOH A . 
E 4 HOH 28  328 33  HOH HOH A . 
E 4 HOH 29  329 14  HOH HOH A . 
E 4 HOH 30  330 61  HOH HOH A . 
E 4 HOH 31  331 39  HOH HOH A . 
E 4 HOH 32  332 55  HOH HOH A . 
E 4 HOH 33  333 8   HOH HOH A . 
E 4 HOH 34  334 51  HOH HOH A . 
E 4 HOH 35  335 47  HOH HOH A . 
E 4 HOH 36  336 66  HOH HOH A . 
E 4 HOH 37  337 16  HOH HOH A . 
E 4 HOH 38  338 57  HOH HOH A . 
E 4 HOH 39  339 13  HOH HOH A . 
E 4 HOH 40  340 83  HOH HOH A . 
E 4 HOH 41  341 25  HOH HOH A . 
E 4 HOH 42  342 82  HOH HOH A . 
E 4 HOH 43  343 29  HOH HOH A . 
E 4 HOH 44  344 4   HOH HOH A . 
E 4 HOH 45  345 24  HOH HOH A . 
E 4 HOH 46  346 53  HOH HOH A . 
E 4 HOH 47  347 68  HOH HOH A . 
E 4 HOH 48  348 70  HOH HOH A . 
E 4 HOH 49  349 89  HOH HOH A . 
E 4 HOH 50  350 36  HOH HOH A . 
E 4 HOH 51  351 63  HOH HOH A . 
E 4 HOH 52  352 79  HOH HOH A . 
E 4 HOH 53  353 65  HOH HOH A . 
E 4 HOH 54  354 1   HOH HOH A . 
E 4 HOH 55  355 30  HOH HOH A . 
E 4 HOH 56  356 19  HOH HOH A . 
E 4 HOH 57  357 87  HOH HOH A . 
E 4 HOH 58  358 12  HOH HOH A . 
E 4 HOH 59  359 7   HOH HOH A . 
E 4 HOH 60  360 27  HOH HOH A . 
E 4 HOH 61  361 15  HOH HOH A . 
E 4 HOH 62  362 99  HOH HOH A . 
E 4 HOH 63  363 52  HOH HOH A . 
E 4 HOH 64  364 81  HOH HOH A . 
E 4 HOH 65  365 18  HOH HOH A . 
E 4 HOH 66  366 42  HOH HOH A . 
E 4 HOH 67  367 77  HOH HOH A . 
E 4 HOH 68  368 45  HOH HOH A . 
E 4 HOH 69  369 3   HOH HOH A . 
E 4 HOH 70  370 58  HOH HOH A . 
E 4 HOH 71  371 35  HOH HOH A . 
E 4 HOH 72  372 95  HOH HOH A . 
E 4 HOH 73  373 102 HOH HOH A . 
E 4 HOH 74  374 90  HOH HOH A . 
E 4 HOH 75  375 37  HOH HOH A . 
E 4 HOH 76  376 31  HOH HOH A . 
E 4 HOH 77  377 92  HOH HOH A . 
E 4 HOH 78  378 76  HOH HOH A . 
E 4 HOH 79  379 62  HOH HOH A . 
E 4 HOH 80  380 85  HOH HOH A . 
E 4 HOH 81  381 100 HOH HOH A . 
E 4 HOH 82  382 49  HOH HOH A . 
E 4 HOH 83  383 40  HOH HOH A . 
E 4 HOH 84  384 94  HOH HOH A . 
E 4 HOH 85  385 73  HOH HOH A . 
E 4 HOH 86  386 64  HOH HOH A . 
E 4 HOH 87  387 54  HOH HOH A . 
E 4 HOH 88  388 26  HOH HOH A . 
E 4 HOH 89  389 43  HOH HOH A . 
E 4 HOH 90  390 69  HOH HOH A . 
E 4 HOH 91  391 96  HOH HOH A . 
E 4 HOH 92  392 84  HOH HOH A . 
E 4 HOH 93  393 75  HOH HOH A . 
E 4 HOH 94  394 98  HOH HOH A . 
E 4 HOH 95  395 41  HOH HOH A . 
E 4 HOH 96  396 56  HOH HOH A . 
E 4 HOH 97  397 101 HOH HOH A . 
E 4 HOH 98  398 72  HOH HOH A . 
E 4 HOH 99  399 93  HOH HOH A . 
E 4 HOH 100 400 86  HOH HOH A . 
# 
_pdbx_unobs_or_zero_occ_atoms.id               1 
_pdbx_unobs_or_zero_occ_atoms.PDB_model_num    1 
_pdbx_unobs_or_zero_occ_atoms.polymer_flag     Y 
_pdbx_unobs_or_zero_occ_atoms.occupancy_flag   1 
_pdbx_unobs_or_zero_occ_atoms.auth_asym_id     A 
_pdbx_unobs_or_zero_occ_atoms.auth_comp_id     SER 
_pdbx_unobs_or_zero_occ_atoms.auth_seq_id      143 
_pdbx_unobs_or_zero_occ_atoms.PDB_ins_code     ? 
_pdbx_unobs_or_zero_occ_atoms.auth_atom_id     OG 
_pdbx_unobs_or_zero_occ_atoms.label_alt_id     ? 
_pdbx_unobs_or_zero_occ_atoms.label_asym_id    A 
_pdbx_unobs_or_zero_occ_atoms.label_comp_id    SER 
_pdbx_unobs_or_zero_occ_atoms.label_seq_id     140 
_pdbx_unobs_or_zero_occ_atoms.label_atom_id    OG 
# 
loop_
_software.citation_id 
_software.classification 
_software.compiler_name 
_software.compiler_version 
_software.contact_author 
_software.contact_author_email 
_software.date 
_software.description 
_software.dependencies 
_software.hardware 
_software.language 
_software.location 
_software.mods 
_software.name 
_software.os 
_software.os_version 
_software.type 
_software.version 
_software.pdbx_ordinal 
? refinement       ? ? ? ? ? ? ? ? ? ? ? CNS      ? ? ? 1.1 1 
? 'data reduction' ? ? ? ? ? ? ? ? ? ? ? HKL-3000 ? ? ? .   2 
? 'data scaling'   ? ? ? ? ? ? ? ? ? ? ? HKL-3000 ? ? ? .   3 
? phasing          ? ? ? ? ? ? ? ? ? ? ? HKL-3000 ? ? ? .   4 
# 
_cell.angle_alpha                  90.00 
_cell.angle_alpha_esd              ? 
_cell.angle_beta                   90.00 
_cell.angle_beta_esd               ? 
_cell.angle_gamma                  90.00 
_cell.angle_gamma_esd              ? 
_cell.entry_id                     5BX1 
_cell.details                      ? 
_cell.formula_units_Z              ? 
_cell.length_a                     47.070 
_cell.length_a_esd                 ? 
_cell.length_b                     76.471 
_cell.length_b_esd                 ? 
_cell.length_c                     86.873 
_cell.length_c_esd                 ? 
_cell.volume                       ? 
_cell.volume_esd                   ? 
_cell.Z_PDB                        8 
_cell.reciprocal_angle_alpha       ? 
_cell.reciprocal_angle_beta        ? 
_cell.reciprocal_angle_gamma       ? 
_cell.reciprocal_angle_alpha_esd   ? 
_cell.reciprocal_angle_beta_esd    ? 
_cell.reciprocal_angle_gamma_esd   ? 
_cell.reciprocal_length_a          ? 
_cell.reciprocal_length_b          ? 
_cell.reciprocal_length_c          ? 
_cell.reciprocal_length_a_esd      ? 
_cell.reciprocal_length_b_esd      ? 
_cell.reciprocal_length_c_esd      ? 
_cell.pdbx_unique_axis             ? 
# 
_symmetry.entry_id                         5BX1 
_symmetry.cell_setting                     ? 
_symmetry.Int_Tables_number                20 
_symmetry.space_group_name_Hall            ? 
_symmetry.space_group_name_H-M             'C 2 2 21' 
_symmetry.pdbx_full_space_group_name_H-M   ? 
# 
_exptl.absorpt_coefficient_mu     ? 
_exptl.absorpt_correction_T_max   ? 
_exptl.absorpt_correction_T_min   ? 
_exptl.absorpt_correction_type    ? 
_exptl.absorpt_process_details    ? 
_exptl.entry_id                   5BX1 
_exptl.crystals_number            ? 
_exptl.details                    ? 
_exptl.method                     'X-RAY DIFFRACTION' 
_exptl.method_details             ? 
# 
_exptl_crystal.colour                      ? 
_exptl_crystal.density_diffrn              ? 
_exptl_crystal.density_Matthews            2.17 
_exptl_crystal.density_method              ? 
_exptl_crystal.density_percent_sol         43.32 
_exptl_crystal.description                 ? 
_exptl_crystal.F_000                       ? 
_exptl_crystal.id                          1 
_exptl_crystal.preparation                 ? 
_exptl_crystal.size_max                    ? 
_exptl_crystal.size_mid                    ? 
_exptl_crystal.size_min                    ? 
_exptl_crystal.size_rad                    ? 
_exptl_crystal.colour_lustre               ? 
_exptl_crystal.colour_modifier             ? 
_exptl_crystal.colour_primary              ? 
_exptl_crystal.density_meas                ? 
_exptl_crystal.density_meas_esd            ? 
_exptl_crystal.density_meas_gt             ? 
_exptl_crystal.density_meas_lt             ? 
_exptl_crystal.density_meas_temp           ? 
_exptl_crystal.density_meas_temp_esd       ? 
_exptl_crystal.density_meas_temp_gt        ? 
_exptl_crystal.density_meas_temp_lt        ? 
_exptl_crystal.pdbx_crystal_image_url      ? 
_exptl_crystal.pdbx_crystal_image_format   ? 
_exptl_crystal.pdbx_mosaicity              ? 
_exptl_crystal.pdbx_mosaicity_esd          ? 
# 
_exptl_crystal_grow.apparatus       ? 
_exptl_crystal_grow.atmosphere      ? 
_exptl_crystal_grow.crystal_id      1 
_exptl_crystal_grow.details         ? 
_exptl_crystal_grow.method          'VAPOR DIFFUSION, HANGING DROP' 
_exptl_crystal_grow.method_ref      ? 
_exptl_crystal_grow.pH              ? 
_exptl_crystal_grow.pressure        ? 
_exptl_crystal_grow.pressure_esd    ? 
_exptl_crystal_grow.seeding         ? 
_exptl_crystal_grow.seeding_ref     ? 
_exptl_crystal_grow.temp            310 
_exptl_crystal_grow.temp_details    ? 
_exptl_crystal_grow.temp_esd        ? 
_exptl_crystal_grow.time            ? 
_exptl_crystal_grow.pdbx_details    '1.9 M amino sulfate, 100 mM sodium acetate, pH 4.6 ~ 4.9' 
_exptl_crystal_grow.pdbx_pH_range   'pH 4.6 ~ 4.9' 
# 
_diffrn.ambient_environment    ? 
_diffrn.ambient_temp           100 
_diffrn.ambient_temp_details   03/22/2012 
_diffrn.ambient_temp_esd       ? 
_diffrn.crystal_id             1 
_diffrn.crystal_support        ? 
_diffrn.crystal_treatment      ? 
_diffrn.details                ? 
_diffrn.id                     1 
_diffrn.ambient_pressure       ? 
_diffrn.ambient_pressure_esd   ? 
_diffrn.ambient_pressure_gt    ? 
_diffrn.ambient_pressure_lt    ? 
_diffrn.ambient_temp_gt        ? 
_diffrn.ambient_temp_lt        ? 
# 
_diffrn_detector.details                      ? 
_diffrn_detector.detector                     CCD 
_diffrn_detector.diffrn_id                    1 
_diffrn_detector.type                         'ADSC QUANTUM 4r' 
_diffrn_detector.area_resol_mean              ? 
_diffrn_detector.dtime                        ? 
_diffrn_detector.pdbx_frames_total            ? 
_diffrn_detector.pdbx_collection_time_total   ? 
_diffrn_detector.pdbx_collection_date         2012-03-22 
# 
_diffrn_radiation.collimation                      ? 
_diffrn_radiation.diffrn_id                        1 
_diffrn_radiation.filter_edge                      ? 
_diffrn_radiation.inhomogeneity                    ? 
_diffrn_radiation.monochromator                    ? 
_diffrn_radiation.polarisn_norm                    ? 
_diffrn_radiation.polarisn_ratio                   ? 
_diffrn_radiation.probe                            ? 
_diffrn_radiation.type                             ? 
_diffrn_radiation.xray_symbol                      ? 
_diffrn_radiation.wavelength_id                    1 
_diffrn_radiation.pdbx_monochromatic_or_laue_m_l   M 
_diffrn_radiation.pdbx_wavelength_list             ? 
_diffrn_radiation.pdbx_wavelength                  ? 
_diffrn_radiation.pdbx_diffrn_protocol             'SINGLE WAVELENGTH' 
_diffrn_radiation.pdbx_analyzer                    ? 
_diffrn_radiation.pdbx_scattering_type             x-ray 
# 
_diffrn_radiation_wavelength.id           1 
_diffrn_radiation_wavelength.wavelength   1.0 
_diffrn_radiation_wavelength.wt           1.0 
# 
_diffrn_source.current                     ? 
_diffrn_source.details                     ? 
_diffrn_source.diffrn_id                   1 
_diffrn_source.power                       ? 
_diffrn_source.size                        ? 
_diffrn_source.source                      SYNCHROTRON 
_diffrn_source.target                      ? 
_diffrn_source.type                        'APS BEAMLINE 19-BM' 
_diffrn_source.voltage                     ? 
_diffrn_source.take-off_angle              ? 
_diffrn_source.pdbx_wavelength_list        1.0 
_diffrn_source.pdbx_wavelength             ? 
_diffrn_source.pdbx_synchrotron_beamline   19-BM 
_diffrn_source.pdbx_synchrotron_site       APS 
# 
_reflns.B_iso_Wilson_estimate            ? 
_reflns.entry_id                         5BX1 
_reflns.data_reduction_details           ? 
_reflns.data_reduction_method            ? 
_reflns.d_resolution_high                1.84 
_reflns.d_resolution_low                 50.0 
_reflns.details                          ? 
_reflns.limit_h_max                      ? 
_reflns.limit_h_min                      ? 
_reflns.limit_k_max                      ? 
_reflns.limit_k_min                      ? 
_reflns.limit_l_max                      ? 
_reflns.limit_l_min                      ? 
_reflns.number_all                       14049 
_reflns.number_obs                       13768 
_reflns.observed_criterion               ? 
_reflns.observed_criterion_F_max         ? 
_reflns.observed_criterion_F_min         ? 
_reflns.observed_criterion_I_max         ? 
_reflns.observed_criterion_I_min         ? 
_reflns.observed_criterion_sigma_F       ? 
_reflns.observed_criterion_sigma_I       ? 
_reflns.percent_possible_obs             98.0 
_reflns.R_free_details                   ? 
_reflns.Rmerge_F_all                     ? 
_reflns.Rmerge_F_obs                     ? 
_reflns.Friedel_coverage                 ? 
_reflns.number_gt                        ? 
_reflns.threshold_expression             ? 
_reflns.pdbx_redundancy                  5.7 
_reflns.pdbx_Rmerge_I_obs                0.113 
_reflns.pdbx_Rmerge_I_all                ? 
_reflns.pdbx_Rsym_value                  0.07 
_reflns.pdbx_netI_over_av_sigmaI         14.1 
_reflns.pdbx_netI_over_sigmaI            14.1 
_reflns.pdbx_res_netI_over_av_sigmaI_2   ? 
_reflns.pdbx_res_netI_over_sigmaI_2      ? 
_reflns.pdbx_chi_squared                 ? 
_reflns.pdbx_scaling_rejects             ? 
_reflns.pdbx_d_res_high_opt              ? 
_reflns.pdbx_d_res_low_opt               ? 
_reflns.pdbx_d_res_opt_method            ? 
_reflns.phase_calculation_details        ? 
_reflns.pdbx_Rrim_I_all                  ? 
_reflns.pdbx_Rpim_I_all                  ? 
_reflns.pdbx_d_opt                       ? 
_reflns.pdbx_number_measured_all         ? 
_reflns.pdbx_diffrn_id                   1 
_reflns.pdbx_ordinal                     1 
_reflns.pdbx_CC_half                     ? 
_reflns.pdbx_R_split                     ? 
# 
_reflns_shell.d_res_high                  1.84 
_reflns_shell.d_res_low                   1.87 
_reflns_shell.meanI_over_sigI_all         ? 
_reflns_shell.meanI_over_sigI_obs         0.66 
_reflns_shell.number_measured_all         ? 
_reflns_shell.number_measured_obs         ? 
_reflns_shell.number_possible             ? 
_reflns_shell.number_unique_all           ? 
_reflns_shell.number_unique_obs           ? 
_reflns_shell.percent_possible_all        69.1 
_reflns_shell.percent_possible_obs        ? 
_reflns_shell.Rmerge_F_all                ? 
_reflns_shell.Rmerge_F_obs                ? 
_reflns_shell.Rmerge_I_all                ? 
_reflns_shell.Rmerge_I_obs                0.8 
_reflns_shell.meanI_over_sigI_gt          ? 
_reflns_shell.meanI_over_uI_all           ? 
_reflns_shell.meanI_over_uI_gt            ? 
_reflns_shell.number_measured_gt          ? 
_reflns_shell.number_unique_gt            ? 
_reflns_shell.percent_possible_gt         ? 
_reflns_shell.Rmerge_F_gt                 ? 
_reflns_shell.Rmerge_I_gt                 ? 
_reflns_shell.pdbx_redundancy             2.2 
_reflns_shell.pdbx_Rsym_value             ? 
_reflns_shell.pdbx_chi_squared            ? 
_reflns_shell.pdbx_netI_over_sigmaI_all   ? 
_reflns_shell.pdbx_netI_over_sigmaI_obs   ? 
_reflns_shell.pdbx_Rrim_I_all             ? 
_reflns_shell.pdbx_Rpim_I_all             ? 
_reflns_shell.pdbx_rejects                ? 
_reflns_shell.pdbx_ordinal                1 
_reflns_shell.pdbx_diffrn_id              1 
_reflns_shell.pdbx_CC_half                ? 
_reflns_shell.pdbx_R_split                ? 
# 
_refine.aniso_B[1][1]                            ? 
_refine.aniso_B[1][2]                            ? 
_refine.aniso_B[1][3]                            ? 
_refine.aniso_B[2][2]                            ? 
_refine.aniso_B[2][3]                            ? 
_refine.aniso_B[3][3]                            ? 
_refine.B_iso_max                                ? 
_refine.B_iso_mean                               ? 
_refine.B_iso_min                                ? 
_refine.correlation_coeff_Fo_to_Fc               ? 
_refine.correlation_coeff_Fo_to_Fc_free          ? 
_refine.details                                  ? 
_refine.diff_density_max                         ? 
_refine.diff_density_max_esd                     ? 
_refine.diff_density_min                         ? 
_refine.diff_density_min_esd                     ? 
_refine.diff_density_rms                         ? 
_refine.diff_density_rms_esd                     ? 
_refine.entry_id                                 5BX1 
_refine.pdbx_refine_id                           'X-RAY DIFFRACTION' 
_refine.ls_abs_structure_details                 ? 
_refine.ls_abs_structure_Flack                   ? 
_refine.ls_abs_structure_Flack_esd               ? 
_refine.ls_abs_structure_Rogers                  ? 
_refine.ls_abs_structure_Rogers_esd              ? 
_refine.ls_d_res_high                            1.90 
_refine.ls_d_res_low                             50.0 
_refine.ls_extinction_coef                       ? 
_refine.ls_extinction_coef_esd                   ? 
_refine.ls_extinction_expression                 ? 
_refine.ls_extinction_method                     ? 
_refine.ls_goodness_of_fit_all                   ? 
_refine.ls_goodness_of_fit_all_esd               ? 
_refine.ls_goodness_of_fit_obs                   ? 
_refine.ls_goodness_of_fit_obs_esd               ? 
_refine.ls_hydrogen_treatment                    ? 
_refine.ls_matrix_type                           ? 
_refine.ls_number_constraints                    ? 
_refine.ls_number_parameters                     ? 
_refine.ls_number_reflns_all                     ? 
_refine.ls_number_reflns_obs                     11901 
_refine.ls_number_reflns_R_free                  460 
_refine.ls_number_reflns_R_work                  ? 
_refine.ls_number_restraints                     ? 
_refine.ls_percent_reflns_obs                    87.2 
_refine.ls_percent_reflns_R_free                 3.6 
_refine.ls_R_factor_all                          ? 
_refine.ls_R_factor_obs                          ? 
_refine.ls_R_factor_R_free                       0.240 
_refine.ls_R_factor_R_free_error                 ? 
_refine.ls_R_factor_R_free_error_details         ? 
_refine.ls_R_factor_R_work                       0.195 
_refine.ls_R_Fsqd_factor_obs                     ? 
_refine.ls_R_I_factor_obs                        ? 
_refine.ls_redundancy_reflns_all                 ? 
_refine.ls_redundancy_reflns_obs                 ? 
_refine.ls_restrained_S_all                      ? 
_refine.ls_restrained_S_obs                      ? 
_refine.ls_shift_over_esd_max                    ? 
_refine.ls_shift_over_esd_mean                   ? 
_refine.ls_structure_factor_coef                 ? 
_refine.ls_weighting_details                     ? 
_refine.ls_weighting_scheme                      ? 
_refine.ls_wR_factor_all                         ? 
_refine.ls_wR_factor_obs                         ? 
_refine.ls_wR_factor_R_free                      ? 
_refine.ls_wR_factor_R_work                      ? 
_refine.occupancy_max                            ? 
_refine.occupancy_min                            ? 
_refine.solvent_model_details                    ? 
_refine.solvent_model_param_bsol                 ? 
_refine.solvent_model_param_ksol                 ? 
_refine.ls_R_factor_gt                           ? 
_refine.ls_goodness_of_fit_gt                    ? 
_refine.ls_goodness_of_fit_ref                   ? 
_refine.ls_shift_over_su_max                     ? 
_refine.ls_shift_over_su_max_lt                  ? 
_refine.ls_shift_over_su_mean                    ? 
_refine.ls_shift_over_su_mean_lt                 ? 
_refine.pdbx_ls_sigma_I                          ? 
_refine.pdbx_ls_sigma_F                          2.0 
_refine.pdbx_ls_sigma_Fsqd                       ? 
_refine.pdbx_data_cutoff_high_absF               17600 
_refine.pdbx_data_cutoff_high_rms_absF           ? 
_refine.pdbx_data_cutoff_low_absF                0.3 
_refine.pdbx_isotropic_thermal_model             ? 
_refine.pdbx_ls_cross_valid_method               'FREE R-VALUE' 
_refine.pdbx_method_to_determine_struct          'MOLECULAR REPLACEMENT' 
_refine.pdbx_starting_model                      1ZCK 
_refine.pdbx_stereochemistry_target_values       ? 
_refine.pdbx_R_Free_selection_details            'Random selection' 
_refine.pdbx_stereochem_target_val_spec_case     ? 
_refine.pdbx_overall_ESU_R                       ? 
_refine.pdbx_overall_ESU_R_Free                  ? 
_refine.pdbx_solvent_vdw_probe_radii             ? 
_refine.pdbx_solvent_ion_probe_radii             ? 
_refine.pdbx_solvent_shrinkage_radii             ? 
_refine.pdbx_real_space_R                        ? 
_refine.pdbx_density_correlation                 ? 
_refine.pdbx_pd_number_of_powder_patterns        ? 
_refine.pdbx_pd_number_of_points                 ? 
_refine.pdbx_pd_meas_number_of_points            ? 
_refine.pdbx_pd_proc_ls_prof_R_factor            ? 
_refine.pdbx_pd_proc_ls_prof_wR_factor           ? 
_refine.pdbx_pd_Marquardt_correlation_coeff      ? 
_refine.pdbx_pd_Fsqrd_R_factor                   ? 
_refine.pdbx_pd_ls_matrix_band_width             ? 
_refine.pdbx_overall_phase_error                 ? 
_refine.pdbx_overall_SU_R_free_Cruickshank_DPI   ? 
_refine.pdbx_overall_SU_R_free_Blow_DPI          ? 
_refine.pdbx_overall_SU_R_Blow_DPI               ? 
_refine.pdbx_TLS_residual_ADP_flag               ? 
_refine.pdbx_diffrn_id                           1 
_refine.overall_SU_B                             ? 
_refine.overall_SU_ML                            ? 
_refine.overall_SU_R_Cruickshank_DPI             ? 
_refine.overall_SU_R_free                        ? 
_refine.overall_FOM_free_R_set                   ? 
_refine.overall_FOM_work_R_set                   ? 
_refine.pdbx_average_fsc_overall                 ? 
_refine.pdbx_average_fsc_work                    ? 
_refine.pdbx_average_fsc_free                    ? 
# 
_refine_hist.pdbx_refine_id                   'X-RAY DIFFRACTION' 
_refine_hist.cycle_id                         LAST 
_refine_hist.pdbx_number_atoms_protein        1230 
_refine_hist.pdbx_number_atoms_nucleic_acid   0 
_refine_hist.pdbx_number_atoms_ligand         37 
_refine_hist.number_atoms_solvent             100 
_refine_hist.number_atoms_total               1367 
_refine_hist.d_res_high                       1.90 
_refine_hist.d_res_low                        50.0 
# 
_refine_ls_shell.pdbx_refine_id                   'X-RAY DIFFRACTION' 
_refine_ls_shell.d_res_high                       1.90 
_refine_ls_shell.d_res_low                        1.98 
_refine_ls_shell.number_reflns_all                ? 
_refine_ls_shell.number_reflns_obs                ? 
_refine_ls_shell.number_reflns_R_free             35 
_refine_ls_shell.number_reflns_R_work             853 
_refine_ls_shell.percent_reflns_obs               ? 
_refine_ls_shell.percent_reflns_R_free            ? 
_refine_ls_shell.R_factor_all                     ? 
_refine_ls_shell.R_factor_obs                     ? 
_refine_ls_shell.R_factor_R_free                  0.307 
_refine_ls_shell.R_factor_R_free_error            ? 
_refine_ls_shell.R_factor_R_work                  0.285 
_refine_ls_shell.redundancy_reflns_all            ? 
_refine_ls_shell.redundancy_reflns_obs            ? 
_refine_ls_shell.wR_factor_all                    ? 
_refine_ls_shell.wR_factor_obs                    ? 
_refine_ls_shell.wR_factor_R_free                 ? 
_refine_ls_shell.wR_factor_R_work                 ? 
_refine_ls_shell.pdbx_total_number_of_bins_used   ? 
_refine_ls_shell.pdbx_phase_error                 ? 
_refine_ls_shell.pdbx_fsc_work                    ? 
_refine_ls_shell.pdbx_fsc_free                    ? 
# 
_struct.entry_id                     5BX1 
_struct.title                        'Crystal Structure of PRL-1 complex with compound analogy 3' 
_struct.pdbx_model_details           ? 
_struct.pdbx_formula_weight          ? 
_struct.pdbx_formula_weight_method   ? 
_struct.pdbx_model_type_details      ? 
_struct.pdbx_CASP_flag               ? 
# 
_struct_keywords.entry_id        5BX1 
_struct_keywords.text            'monomer, protein tyrosine phosphatase, interface, detrimerizer, HYDROLASE' 
_struct_keywords.pdbx_keywords   HYDROLASE 
# 
loop_
_struct_asym.id 
_struct_asym.pdbx_blank_PDB_chainid_flag 
_struct_asym.pdbx_modified 
_struct_asym.entity_id 
_struct_asym.details 
A N N 1 ? 
B N N 2 ? 
C N N 3 ? 
D N N 3 ? 
E N N 4 ? 
# 
_struct_ref.id                         1 
_struct_ref.db_name                    UNP 
_struct_ref.db_code                    TP4A1_HUMAN 
_struct_ref.pdbx_db_accession          Q93096 
_struct_ref.pdbx_db_isoform            ? 
_struct_ref.entity_id                  1 
_struct_ref.pdbx_seq_one_letter_code   
;MNRPAPVEVTYKNMRFLITHNPTNATLNKFIEELKKYGVTTIVRVCEATYDTTLVEKEGIHVLDWPFDDGAPPSNQIVDD
WLSLVKIKFREEPGCCIAVHCVAGLGRAPVLVALALIEGGMKYEDAVQFIRQKRRGAFNSKQLLYLEKYRPKMRLRF
;
_struct_ref.pdbx_align_begin           4 
# 
_struct_ref_seq.align_id                      1 
_struct_ref_seq.ref_id                        1 
_struct_ref_seq.pdbx_PDB_id_code              5BX1 
_struct_ref_seq.pdbx_strand_id                A 
_struct_ref_seq.seq_align_beg                 1 
_struct_ref_seq.pdbx_seq_align_beg_ins_code   ? 
_struct_ref_seq.seq_align_end                 157 
_struct_ref_seq.pdbx_seq_align_end_ins_code   ? 
_struct_ref_seq.pdbx_db_accession             Q93096 
_struct_ref_seq.db_align_beg                  4 
_struct_ref_seq.pdbx_db_align_beg_ins_code    ? 
_struct_ref_seq.db_align_end                  160 
_struct_ref_seq.pdbx_db_align_end_ins_code    ? 
_struct_ref_seq.pdbx_auth_seq_align_beg       4 
_struct_ref_seq.pdbx_auth_seq_align_end       160 
# 
loop_
_pdbx_struct_assembly.id 
_pdbx_struct_assembly.details 
_pdbx_struct_assembly.method_details 
_pdbx_struct_assembly.oligomeric_details 
_pdbx_struct_assembly.oligomeric_count 
1 author_defined_assembly   ?    monomeric 1 
2 software_defined_assembly PISA dimeric   2 
# 
loop_
_pdbx_struct_assembly_prop.biol_id 
_pdbx_struct_assembly_prop.type 
_pdbx_struct_assembly_prop.value 
_pdbx_struct_assembly_prop.details 
2 'ABSA (A^2)' 2060  ? 
2 MORE         -73   ? 
2 'SSA (A^2)'  14200 ? 
# 
loop_
_pdbx_struct_assembly_gen.assembly_id 
_pdbx_struct_assembly_gen.oper_expression 
_pdbx_struct_assembly_gen.asym_id_list 
1 1   A,B,C,D,E 
2 1,2 A,B,C,D,E 
# 
loop_
_pdbx_struct_oper_list.id 
_pdbx_struct_oper_list.type 
_pdbx_struct_oper_list.name 
_pdbx_struct_oper_list.symmetry_operation 
_pdbx_struct_oper_list.matrix[1][1] 
_pdbx_struct_oper_list.matrix[1][2] 
_pdbx_struct_oper_list.matrix[1][3] 
_pdbx_struct_oper_list.vector[1] 
_pdbx_struct_oper_list.matrix[2][1] 
_pdbx_struct_oper_list.matrix[2][2] 
_pdbx_struct_oper_list.matrix[2][3] 
_pdbx_struct_oper_list.vector[2] 
_pdbx_struct_oper_list.matrix[3][1] 
_pdbx_struct_oper_list.matrix[3][2] 
_pdbx_struct_oper_list.matrix[3][3] 
_pdbx_struct_oper_list.vector[3] 
1 'identity operation'         1_555 x,y,z       1.0000000000  0.0000000000 0.0000000000 0.0000000000  0.0000000000 1.0000000000  0.0000000000 0.0000000000   0.0000000000 0.0000000000 1.0000000000  0.0000000000 
2 'crystal symmetry operation' 3_555 -x,y,-z+1/2 -0.7197353560 0.4568195652 0.5227780620 32.4484619557 0.4568195652 -0.2554033495 0.8521062222 -23.1777712090 0.5227780620 0.8521062222 -0.0248612945 2.8576232183 
# 
loop_
_struct_conf.conf_type_id 
_struct_conf.id 
_struct_conf.pdbx_PDB_helix_id 
_struct_conf.beg_label_comp_id 
_struct_conf.beg_label_asym_id 
_struct_conf.beg_label_seq_id 
_struct_conf.pdbx_beg_PDB_ins_code 
_struct_conf.end_label_comp_id 
_struct_conf.end_label_asym_id 
_struct_conf.end_label_seq_id 
_struct_conf.pdbx_end_PDB_ins_code 
_struct_conf.beg_auth_comp_id 
_struct_conf.beg_auth_asym_id 
_struct_conf.beg_auth_seq_id 
_struct_conf.end_auth_comp_id 
_struct_conf.end_auth_asym_id 
_struct_conf.end_auth_seq_id 
_struct_conf.pdbx_PDB_helix_class 
_struct_conf.details 
_struct_conf.pdbx_PDB_helix_length 
HELX_P HELX_P1 AA1 THR A 23  ? ALA A 25  ? THR A 26  ALA A 28  5 ? 3  
HELX_P HELX_P2 AA2 THR A 26  ? TYR A 37  ? THR A 29  TYR A 40  1 ? 12 
HELX_P HELX_P3 AA3 THR A 52  ? GLU A 58  ? THR A 55  GLU A 61  1 ? 7  
HELX_P HELX_P4 AA4 SER A 74  ? GLU A 92  ? SER A 77  GLU A 95  1 ? 19 
HELX_P HELX_P5 AA5 ARG A 107 ? GLY A 119 ? ARG A 110 GLY A 122 1 ? 13 
HELX_P HELX_P6 AA6 LYS A 122 ? GLN A 132 ? LYS A 125 GLN A 135 1 ? 11 
HELX_P HELX_P7 AA7 ASN A 139 ? TYR A 149 ? ASN A 142 TYR A 152 1 ? 11 
# 
_struct_conf_type.id          HELX_P 
_struct_conf_type.criteria    ? 
_struct_conf_type.reference   ? 
# 
_struct_conn.id                            disulf1 
_struct_conn.conn_type_id                  disulf 
_struct_conn.pdbx_leaving_atom_flag        ? 
_struct_conn.pdbx_PDB_id                   ? 
_struct_conn.ptnr1_label_asym_id           A 
_struct_conn.ptnr1_label_comp_id           CYS 
_struct_conn.ptnr1_label_seq_id            46 
_struct_conn.ptnr1_label_atom_id           SG 
_struct_conn.pdbx_ptnr1_label_alt_id       ? 
_struct_conn.pdbx_ptnr1_PDB_ins_code       ? 
_struct_conn.pdbx_ptnr1_standard_comp_id   ? 
_struct_conn.ptnr1_symmetry                1_555 
_struct_conn.ptnr2_label_asym_id           A 
_struct_conn.ptnr2_label_comp_id           CYS 
_struct_conn.ptnr2_label_seq_id            101 
_struct_conn.ptnr2_label_atom_id           SG 
_struct_conn.pdbx_ptnr2_label_alt_id       ? 
_struct_conn.pdbx_ptnr2_PDB_ins_code       ? 
_struct_conn.ptnr1_auth_asym_id            A 
_struct_conn.ptnr1_auth_comp_id            CYS 
_struct_conn.ptnr1_auth_seq_id             49 
_struct_conn.ptnr2_auth_asym_id            A 
_struct_conn.ptnr2_auth_comp_id            CYS 
_struct_conn.ptnr2_auth_seq_id             104 
_struct_conn.ptnr2_symmetry                1_555 
_struct_conn.pdbx_ptnr3_label_atom_id      ? 
_struct_conn.pdbx_ptnr3_label_seq_id       ? 
_struct_conn.pdbx_ptnr3_label_comp_id      ? 
_struct_conn.pdbx_ptnr3_label_asym_id      ? 
_struct_conn.pdbx_ptnr3_label_alt_id       ? 
_struct_conn.pdbx_ptnr3_PDB_ins_code       ? 
_struct_conn.details                       ? 
_struct_conn.pdbx_dist_value               2.033 
_struct_conn.pdbx_value_order              ? 
_struct_conn.pdbx_role                     ? 
# 
_struct_conn_type.id          disulf 
_struct_conn_type.criteria    ? 
_struct_conn_type.reference   ? 
# 
_pdbx_modification_feature.ordinal                            1 
_pdbx_modification_feature.label_comp_id                      CYS 
_pdbx_modification_feature.label_asym_id                      A 
_pdbx_modification_feature.label_seq_id                       46 
_pdbx_modification_feature.label_alt_id                       ? 
_pdbx_modification_feature.modified_residue_label_comp_id     CYS 
_pdbx_modification_feature.modified_residue_label_asym_id     A 
_pdbx_modification_feature.modified_residue_label_seq_id      101 
_pdbx_modification_feature.modified_residue_label_alt_id      ? 
_pdbx_modification_feature.auth_comp_id                       CYS 
_pdbx_modification_feature.auth_asym_id                       A 
_pdbx_modification_feature.auth_seq_id                        49 
_pdbx_modification_feature.PDB_ins_code                       ? 
_pdbx_modification_feature.symmetry                           1_555 
_pdbx_modification_feature.modified_residue_auth_comp_id      CYS 
_pdbx_modification_feature.modified_residue_auth_asym_id      A 
_pdbx_modification_feature.modified_residue_auth_seq_id       104 
_pdbx_modification_feature.modified_residue_PDB_ins_code      ? 
_pdbx_modification_feature.modified_residue_symmetry          1_555 
_pdbx_modification_feature.comp_id_linking_atom               SG 
_pdbx_modification_feature.modified_residue_id_linking_atom   SG 
_pdbx_modification_feature.modified_residue_id                . 
_pdbx_modification_feature.ref_pcm_id                         . 
_pdbx_modification_feature.ref_comp_id                        . 
_pdbx_modification_feature.type                               None 
_pdbx_modification_feature.category                           'Disulfide bridge' 
# 
_struct_sheet.id               AA1 
_struct_sheet.type             ? 
_struct_sheet.number_strands   5 
_struct_sheet.details          ? 
# 
loop_
_struct_sheet_order.sheet_id 
_struct_sheet_order.range_id_1 
_struct_sheet_order.range_id_2 
_struct_sheet_order.offset 
_struct_sheet_order.sense 
AA1 1 2 ? anti-parallel 
AA1 2 3 ? parallel      
AA1 3 4 ? parallel      
AA1 4 5 ? parallel      
# 
loop_
_struct_sheet_range.sheet_id 
_struct_sheet_range.id 
_struct_sheet_range.beg_label_comp_id 
_struct_sheet_range.beg_label_asym_id 
_struct_sheet_range.beg_label_seq_id 
_struct_sheet_range.pdbx_beg_PDB_ins_code 
_struct_sheet_range.end_label_comp_id 
_struct_sheet_range.end_label_asym_id 
_struct_sheet_range.end_label_seq_id 
_struct_sheet_range.pdbx_end_PDB_ins_code 
_struct_sheet_range.beg_auth_comp_id 
_struct_sheet_range.beg_auth_asym_id 
_struct_sheet_range.beg_auth_seq_id 
_struct_sheet_range.end_auth_comp_id 
_struct_sheet_range.end_auth_asym_id 
_struct_sheet_range.end_auth_seq_id 
AA1 1 VAL A 7  ? THR A 10  ? VAL A 10 THR A 13  
AA1 2 ARG A 15 ? THR A 19  ? ARG A 18 THR A 22  
AA1 3 CYS A 96 ? HIS A 100 ? CYS A 99 HIS A 103 
AA1 4 VAL A 39 ? ARG A 44  ? VAL A 42 ARG A 47  
AA1 5 HIS A 61 ? ASP A 64  ? HIS A 64 ASP A 67  
# 
loop_
_pdbx_struct_sheet_hbond.sheet_id 
_pdbx_struct_sheet_hbond.range_id_1 
_pdbx_struct_sheet_hbond.range_id_2 
_pdbx_struct_sheet_hbond.range_1_label_atom_id 
_pdbx_struct_sheet_hbond.range_1_label_comp_id 
_pdbx_struct_sheet_hbond.range_1_label_asym_id 
_pdbx_struct_sheet_hbond.range_1_label_seq_id 
_pdbx_struct_sheet_hbond.range_1_PDB_ins_code 
_pdbx_struct_sheet_hbond.range_1_auth_atom_id 
_pdbx_struct_sheet_hbond.range_1_auth_comp_id 
_pdbx_struct_sheet_hbond.range_1_auth_asym_id 
_pdbx_struct_sheet_hbond.range_1_auth_seq_id 
_pdbx_struct_sheet_hbond.range_2_label_atom_id 
_pdbx_struct_sheet_hbond.range_2_label_comp_id 
_pdbx_struct_sheet_hbond.range_2_label_asym_id 
_pdbx_struct_sheet_hbond.range_2_label_seq_id 
_pdbx_struct_sheet_hbond.range_2_PDB_ins_code 
_pdbx_struct_sheet_hbond.range_2_auth_atom_id 
_pdbx_struct_sheet_hbond.range_2_auth_comp_id 
_pdbx_struct_sheet_hbond.range_2_auth_asym_id 
_pdbx_struct_sheet_hbond.range_2_auth_seq_id 
AA1 1 2 N VAL A 7  ? N VAL A 10  O ILE A 18 ? O ILE A 21  
AA1 2 3 N LEU A 17 ? N LEU A 20  O VAL A 99 ? O VAL A 102 
AA1 3 4 O ALA A 98 ? O ALA A 101 N THR A 41 ? N THR A 44  
AA1 4 5 N ILE A 42 ? N ILE A 45  O LEU A 63 ? O LEU A 66  
# 
loop_
_struct_site.id 
_struct_site.pdbx_evidence_code 
_struct_site.pdbx_auth_asym_id 
_struct_site.pdbx_auth_comp_id 
_struct_site.pdbx_auth_seq_id 
_struct_site.pdbx_auth_ins_code 
_struct_site.pdbx_num_residues 
_struct_site.details 
AC1 Software A 4XA 201 ? 7  'binding site for residue 4XA A 201' 
AC2 Software A SO4 202 ? 11 'binding site for residue SO4 A 202' 
AC3 Software A SO4 203 ? 7  'binding site for residue SO4 A 203' 
# 
loop_
_struct_site_gen.id 
_struct_site_gen.site_id 
_struct_site_gen.pdbx_num_res 
_struct_site_gen.label_comp_id 
_struct_site_gen.label_asym_id 
_struct_site_gen.label_seq_id 
_struct_site_gen.pdbx_auth_ins_code 
_struct_site_gen.auth_comp_id 
_struct_site_gen.auth_asym_id 
_struct_site_gen.auth_seq_id 
_struct_site_gen.label_atom_id 
_struct_site_gen.label_alt_id 
_struct_site_gen.symmetry 
_struct_site_gen.details 
1  AC1 7  TYR A 11  ? TYR A 14  . ? 1_555 ? 
2  AC1 7  LYS A 12  ? LYS A 15  . ? 1_555 ? 
3  AC1 7  ASN A 13  ? ASN A 16  . ? 1_555 ? 
4  AC1 7  LYS A 35  ? LYS A 38  . ? 4_555 ? 
5  AC1 7  MET A 121 ? MET A 124 . ? 1_555 ? 
6  AC1 7  PHE A 129 ? PHE A 132 . ? 1_555 ? 
7  AC1 7  ARG A 156 ? ARG A 159 . ? 1_555 ? 
8  AC2 11 CYS A 101 ? CYS A 104 . ? 1_555 ? 
9  AC2 11 VAL A 102 ? VAL A 105 . ? 1_555 ? 
10 AC2 11 ALA A 103 ? ALA A 106 . ? 1_555 ? 
11 AC2 11 GLY A 104 ? GLY A 107 . ? 1_555 ? 
12 AC2 11 LEU A 105 ? LEU A 108 . ? 1_555 ? 
13 AC2 11 GLY A 106 ? GLY A 109 . ? 1_555 ? 
14 AC2 11 ARG A 107 ? ARG A 110 . ? 1_555 ? 
15 AC2 11 ALA A 108 ? ALA A 111 . ? 1_555 ? 
16 AC2 11 PRO A 109 ? PRO A 112 . ? 1_555 ? 
17 AC2 11 ARG A 134 ? ARG A 137 . ? 1_555 ? 
18 AC2 11 HOH E .   ? HOH A 307 . ? 1_555 ? 
19 AC3 7  LYS A 122 ? LYS A 125 . ? 1_555 ? 
20 AC3 7  ARG A 150 ? ARG A 153 . ? 1_555 ? 
21 AC3 7  MET A 153 ? MET A 156 . ? 3_555 ? 
22 AC3 7  ARG A 154 ? ARG A 157 . ? 3_555 ? 
23 AC3 7  PHE A 157 ? PHE A 160 . ? 3_555 ? 
24 AC3 7  HOH E .   ? HOH A 308 . ? 3_555 ? 
25 AC3 7  HOH E .   ? HOH A 316 . ? 1_555 ? 
# 
_pdbx_entry_details.entry_id                   5BX1 
_pdbx_entry_details.compound_details           ? 
_pdbx_entry_details.source_details             ? 
_pdbx_entry_details.nonpolymer_details         ? 
_pdbx_entry_details.sequence_details           ? 
_pdbx_entry_details.has_ligand_of_interest     ? 
_pdbx_entry_details.has_protein_modification   Y 
# 
loop_
_pdbx_validate_torsion.id 
_pdbx_validate_torsion.PDB_model_num 
_pdbx_validate_torsion.auth_comp_id 
_pdbx_validate_torsion.auth_asym_id 
_pdbx_validate_torsion.auth_seq_id 
_pdbx_validate_torsion.PDB_ins_code 
_pdbx_validate_torsion.label_alt_id 
_pdbx_validate_torsion.phi 
_pdbx_validate_torsion.psi 
1 1 TYR A 14  ? ? -115.50 -97.09  
2 1 LYS A 15  ? ? -80.35  -100.86 
3 1 ALA A 51  ? ? -49.34  155.35  
4 1 THR A 52  ? ? -142.24 -96.44  
5 1 ASP A 72  ? ? 49.90   -149.18 
6 1 CYS A 104 ? ? -132.19 -91.48  
7 1 MET A 156 ? ? -163.31 93.61   
8 1 ARG A 159 ? ? 84.27   91.21   
# 
loop_
_pdbx_unobs_or_zero_occ_residues.id 
_pdbx_unobs_or_zero_occ_residues.PDB_model_num 
_pdbx_unobs_or_zero_occ_residues.polymer_flag 
_pdbx_unobs_or_zero_occ_residues.occupancy_flag 
_pdbx_unobs_or_zero_occ_residues.auth_asym_id 
_pdbx_unobs_or_zero_occ_residues.auth_comp_id 
_pdbx_unobs_or_zero_occ_residues.auth_seq_id 
_pdbx_unobs_or_zero_occ_residues.PDB_ins_code 
_pdbx_unobs_or_zero_occ_residues.label_asym_id 
_pdbx_unobs_or_zero_occ_residues.label_comp_id 
_pdbx_unobs_or_zero_occ_residues.label_seq_id 
1 1 Y 1 A MET 4 ? A MET 1 
2 1 Y 1 A ASN 5 ? A ASN 2 
3 1 Y 1 A ARG 6 ? A ARG 3 
4 1 Y 1 A PRO 7 ? A PRO 4 
# 
loop_
_chem_comp_atom.comp_id 
_chem_comp_atom.atom_id 
_chem_comp_atom.type_symbol 
_chem_comp_atom.pdbx_aromatic_flag 
_chem_comp_atom.pdbx_stereo_config 
_chem_comp_atom.pdbx_ordinal 
4XA C1   C Y N 1   
4XA C2   C Y N 2   
4XA O1   O N N 3   
4XA O2   O Y N 4   
4XA N1   N Y N 5   
4XA N2   N N N 6   
4XA N3   N N N 7   
4XA C3   C Y N 8   
4XA C4   C Y N 9   
4XA C5   C Y N 10  
4XA C6   C Y N 11  
4XA C7   C Y N 12  
4XA C8   C Y N 13  
4XA C9   C Y N 14  
4XA C10  C Y N 15  
4XA C11  C Y N 16  
4XA C12  C Y N 17  
4XA C13  C Y N 18  
4XA C14  C Y N 19  
4XA C15  C N N 20  
4XA C16  C N N 21  
4XA C17  C Y N 22  
4XA C18  C Y N 23  
4XA C19  C Y N 24  
4XA C20  C Y N 25  
4XA C21  C N N 26  
4XA C22  C N N 27  
4XA H1   H N N 28  
4XA H2   H N N 29  
4XA H3   H N N 30  
4XA H4   H N N 31  
4XA H5   H N N 32  
4XA H6   H N N 33  
4XA H7   H N N 34  
4XA H8   H N N 35  
4XA H9   H N N 36  
4XA H10  H N N 37  
4XA H11  H N N 38  
4XA H12  H N N 39  
4XA H13  H N N 40  
4XA H14  H N N 41  
4XA H15  H N N 42  
4XA H16  H N N 43  
4XA H17  H N N 44  
4XA H18  H N N 45  
4XA H19  H N N 46  
ALA N    N N N 47  
ALA CA   C N S 48  
ALA C    C N N 49  
ALA O    O N N 50  
ALA CB   C N N 51  
ALA OXT  O N N 52  
ALA H    H N N 53  
ALA H2   H N N 54  
ALA HA   H N N 55  
ALA HB1  H N N 56  
ALA HB2  H N N 57  
ALA HB3  H N N 58  
ALA HXT  H N N 59  
ARG N    N N N 60  
ARG CA   C N S 61  
ARG C    C N N 62  
ARG O    O N N 63  
ARG CB   C N N 64  
ARG CG   C N N 65  
ARG CD   C N N 66  
ARG NE   N N N 67  
ARG CZ   C N N 68  
ARG NH1  N N N 69  
ARG NH2  N N N 70  
ARG OXT  O N N 71  
ARG H    H N N 72  
ARG H2   H N N 73  
ARG HA   H N N 74  
ARG HB2  H N N 75  
ARG HB3  H N N 76  
ARG HG2  H N N 77  
ARG HG3  H N N 78  
ARG HD2  H N N 79  
ARG HD3  H N N 80  
ARG HE   H N N 81  
ARG HH11 H N N 82  
ARG HH12 H N N 83  
ARG HH21 H N N 84  
ARG HH22 H N N 85  
ARG HXT  H N N 86  
ASN N    N N N 87  
ASN CA   C N S 88  
ASN C    C N N 89  
ASN O    O N N 90  
ASN CB   C N N 91  
ASN CG   C N N 92  
ASN OD1  O N N 93  
ASN ND2  N N N 94  
ASN OXT  O N N 95  
ASN H    H N N 96  
ASN H2   H N N 97  
ASN HA   H N N 98  
ASN HB2  H N N 99  
ASN HB3  H N N 100 
ASN HD21 H N N 101 
ASN HD22 H N N 102 
ASN HXT  H N N 103 
ASP N    N N N 104 
ASP CA   C N S 105 
ASP C    C N N 106 
ASP O    O N N 107 
ASP CB   C N N 108 
ASP CG   C N N 109 
ASP OD1  O N N 110 
ASP OD2  O N N 111 
ASP OXT  O N N 112 
ASP H    H N N 113 
ASP H2   H N N 114 
ASP HA   H N N 115 
ASP HB2  H N N 116 
ASP HB3  H N N 117 
ASP HD2  H N N 118 
ASP HXT  H N N 119 
CYS N    N N N 120 
CYS CA   C N R 121 
CYS C    C N N 122 
CYS O    O N N 123 
CYS CB   C N N 124 
CYS SG   S N N 125 
CYS OXT  O N N 126 
CYS H    H N N 127 
CYS H2   H N N 128 
CYS HA   H N N 129 
CYS HB2  H N N 130 
CYS HB3  H N N 131 
CYS HG   H N N 132 
CYS HXT  H N N 133 
GLN N    N N N 134 
GLN CA   C N S 135 
GLN C    C N N 136 
GLN O    O N N 137 
GLN CB   C N N 138 
GLN CG   C N N 139 
GLN CD   C N N 140 
GLN OE1  O N N 141 
GLN NE2  N N N 142 
GLN OXT  O N N 143 
GLN H    H N N 144 
GLN H2   H N N 145 
GLN HA   H N N 146 
GLN HB2  H N N 147 
GLN HB3  H N N 148 
GLN HG2  H N N 149 
GLN HG3  H N N 150 
GLN HE21 H N N 151 
GLN HE22 H N N 152 
GLN HXT  H N N 153 
GLU N    N N N 154 
GLU CA   C N S 155 
GLU C    C N N 156 
GLU O    O N N 157 
GLU CB   C N N 158 
GLU CG   C N N 159 
GLU CD   C N N 160 
GLU OE1  O N N 161 
GLU OE2  O N N 162 
GLU OXT  O N N 163 
GLU H    H N N 164 
GLU H2   H N N 165 
GLU HA   H N N 166 
GLU HB2  H N N 167 
GLU HB3  H N N 168 
GLU HG2  H N N 169 
GLU HG3  H N N 170 
GLU HE2  H N N 171 
GLU HXT  H N N 172 
GLY N    N N N 173 
GLY CA   C N N 174 
GLY C    C N N 175 
GLY O    O N N 176 
GLY OXT  O N N 177 
GLY H    H N N 178 
GLY H2   H N N 179 
GLY HA2  H N N 180 
GLY HA3  H N N 181 
GLY HXT  H N N 182 
HIS N    N N N 183 
HIS CA   C N S 184 
HIS C    C N N 185 
HIS O    O N N 186 
HIS CB   C N N 187 
HIS CG   C Y N 188 
HIS ND1  N Y N 189 
HIS CD2  C Y N 190 
HIS CE1  C Y N 191 
HIS NE2  N Y N 192 
HIS OXT  O N N 193 
HIS H    H N N 194 
HIS H2   H N N 195 
HIS HA   H N N 196 
HIS HB2  H N N 197 
HIS HB3  H N N 198 
HIS HD1  H N N 199 
HIS HD2  H N N 200 
HIS HE1  H N N 201 
HIS HE2  H N N 202 
HIS HXT  H N N 203 
HOH O    O N N 204 
HOH H1   H N N 205 
HOH H2   H N N 206 
ILE N    N N N 207 
ILE CA   C N S 208 
ILE C    C N N 209 
ILE O    O N N 210 
ILE CB   C N S 211 
ILE CG1  C N N 212 
ILE CG2  C N N 213 
ILE CD1  C N N 214 
ILE OXT  O N N 215 
ILE H    H N N 216 
ILE H2   H N N 217 
ILE HA   H N N 218 
ILE HB   H N N 219 
ILE HG12 H N N 220 
ILE HG13 H N N 221 
ILE HG21 H N N 222 
ILE HG22 H N N 223 
ILE HG23 H N N 224 
ILE HD11 H N N 225 
ILE HD12 H N N 226 
ILE HD13 H N N 227 
ILE HXT  H N N 228 
LEU N    N N N 229 
LEU CA   C N S 230 
LEU C    C N N 231 
LEU O    O N N 232 
LEU CB   C N N 233 
LEU CG   C N N 234 
LEU CD1  C N N 235 
LEU CD2  C N N 236 
LEU OXT  O N N 237 
LEU H    H N N 238 
LEU H2   H N N 239 
LEU HA   H N N 240 
LEU HB2  H N N 241 
LEU HB3  H N N 242 
LEU HG   H N N 243 
LEU HD11 H N N 244 
LEU HD12 H N N 245 
LEU HD13 H N N 246 
LEU HD21 H N N 247 
LEU HD22 H N N 248 
LEU HD23 H N N 249 
LEU HXT  H N N 250 
LYS N    N N N 251 
LYS CA   C N S 252 
LYS C    C N N 253 
LYS O    O N N 254 
LYS CB   C N N 255 
LYS CG   C N N 256 
LYS CD   C N N 257 
LYS CE   C N N 258 
LYS NZ   N N N 259 
LYS OXT  O N N 260 
LYS H    H N N 261 
LYS H2   H N N 262 
LYS HA   H N N 263 
LYS HB2  H N N 264 
LYS HB3  H N N 265 
LYS HG2  H N N 266 
LYS HG3  H N N 267 
LYS HD2  H N N 268 
LYS HD3  H N N 269 
LYS HE2  H N N 270 
LYS HE3  H N N 271 
LYS HZ1  H N N 272 
LYS HZ2  H N N 273 
LYS HZ3  H N N 274 
LYS HXT  H N N 275 
MET N    N N N 276 
MET CA   C N S 277 
MET C    C N N 278 
MET O    O N N 279 
MET CB   C N N 280 
MET CG   C N N 281 
MET SD   S N N 282 
MET CE   C N N 283 
MET OXT  O N N 284 
MET H    H N N 285 
MET H2   H N N 286 
MET HA   H N N 287 
MET HB2  H N N 288 
MET HB3  H N N 289 
MET HG2  H N N 290 
MET HG3  H N N 291 
MET HE1  H N N 292 
MET HE2  H N N 293 
MET HE3  H N N 294 
MET HXT  H N N 295 
PHE N    N N N 296 
PHE CA   C N S 297 
PHE C    C N N 298 
PHE O    O N N 299 
PHE CB   C N N 300 
PHE CG   C Y N 301 
PHE CD1  C Y N 302 
PHE CD2  C Y N 303 
PHE CE1  C Y N 304 
PHE CE2  C Y N 305 
PHE CZ   C Y N 306 
PHE OXT  O N N 307 
PHE H    H N N 308 
PHE H2   H N N 309 
PHE HA   H N N 310 
PHE HB2  H N N 311 
PHE HB3  H N N 312 
PHE HD1  H N N 313 
PHE HD2  H N N 314 
PHE HE1  H N N 315 
PHE HE2  H N N 316 
PHE HZ   H N N 317 
PHE HXT  H N N 318 
PRO N    N N N 319 
PRO CA   C N S 320 
PRO C    C N N 321 
PRO O    O N N 322 
PRO CB   C N N 323 
PRO CG   C N N 324 
PRO CD   C N N 325 
PRO OXT  O N N 326 
PRO H    H N N 327 
PRO HA   H N N 328 
PRO HB2  H N N 329 
PRO HB3  H N N 330 
PRO HG2  H N N 331 
PRO HG3  H N N 332 
PRO HD2  H N N 333 
PRO HD3  H N N 334 
PRO HXT  H N N 335 
SER N    N N N 336 
SER CA   C N S 337 
SER C    C N N 338 
SER O    O N N 339 
SER CB   C N N 340 
SER OG   O N N 341 
SER OXT  O N N 342 
SER H    H N N 343 
SER H2   H N N 344 
SER HA   H N N 345 
SER HB2  H N N 346 
SER HB3  H N N 347 
SER HG   H N N 348 
SER HXT  H N N 349 
SO4 S    S N N 350 
SO4 O1   O N N 351 
SO4 O2   O N N 352 
SO4 O3   O N N 353 
SO4 O4   O N N 354 
THR N    N N N 355 
THR CA   C N S 356 
THR C    C N N 357 
THR O    O N N 358 
THR CB   C N R 359 
THR OG1  O N N 360 
THR CG2  C N N 361 
THR OXT  O N N 362 
THR H    H N N 363 
THR H2   H N N 364 
THR HA   H N N 365 
THR HB   H N N 366 
THR HG1  H N N 367 
THR HG21 H N N 368 
THR HG22 H N N 369 
THR HG23 H N N 370 
THR HXT  H N N 371 
TRP N    N N N 372 
TRP CA   C N S 373 
TRP C    C N N 374 
TRP O    O N N 375 
TRP CB   C N N 376 
TRP CG   C Y N 377 
TRP CD1  C Y N 378 
TRP CD2  C Y N 379 
TRP NE1  N Y N 380 
TRP CE2  C Y N 381 
TRP CE3  C Y N 382 
TRP CZ2  C Y N 383 
TRP CZ3  C Y N 384 
TRP CH2  C Y N 385 
TRP OXT  O N N 386 
TRP H    H N N 387 
TRP H2   H N N 388 
TRP HA   H N N 389 
TRP HB2  H N N 390 
TRP HB3  H N N 391 
TRP HD1  H N N 392 
TRP HE1  H N N 393 
TRP HE3  H N N 394 
TRP HZ2  H N N 395 
TRP HZ3  H N N 396 
TRP HH2  H N N 397 
TRP HXT  H N N 398 
TYR N    N N N 399 
TYR CA   C N S 400 
TYR C    C N N 401 
TYR O    O N N 402 
TYR CB   C N N 403 
TYR CG   C Y N 404 
TYR CD1  C Y N 405 
TYR CD2  C Y N 406 
TYR CE1  C Y N 407 
TYR CE2  C Y N 408 
TYR CZ   C Y N 409 
TYR OH   O N N 410 
TYR OXT  O N N 411 
TYR H    H N N 412 
TYR H2   H N N 413 
TYR HA   H N N 414 
TYR HB2  H N N 415 
TYR HB3  H N N 416 
TYR HD1  H N N 417 
TYR HD2  H N N 418 
TYR HE1  H N N 419 
TYR HE2  H N N 420 
TYR HH   H N N 421 
TYR HXT  H N N 422 
VAL N    N N N 423 
VAL CA   C N S 424 
VAL C    C N N 425 
VAL O    O N N 426 
VAL CB   C N N 427 
VAL CG1  C N N 428 
VAL CG2  C N N 429 
VAL OXT  O N N 430 
VAL H    H N N 431 
VAL H2   H N N 432 
VAL HA   H N N 433 
VAL HB   H N N 434 
VAL HG11 H N N 435 
VAL HG12 H N N 436 
VAL HG13 H N N 437 
VAL HG21 H N N 438 
VAL HG22 H N N 439 
VAL HG23 H N N 440 
VAL HXT  H N N 441 
# 
loop_
_chem_comp_bond.comp_id 
_chem_comp_bond.atom_id_1 
_chem_comp_bond.atom_id_2 
_chem_comp_bond.value_order 
_chem_comp_bond.pdbx_aromatic_flag 
_chem_comp_bond.pdbx_stereo_config 
_chem_comp_bond.pdbx_ordinal 
4XA C18 O2   sing Y N 1   
4XA C18 C19  doub Y N 2   
4XA O2  C17  sing Y N 3   
4XA C19 C20  sing Y N 4   
4XA C17 C20  doub Y N 5   
4XA C17 C16  sing N N 6   
4XA C13 C12  doub Y N 7   
4XA C13 C14  sing Y N 8   
4XA C16 N3   doub N E 9   
4XA C12 C11  sing Y N 10  
4XA N3  N2   sing N N 11  
4XA C14 C9   doub Y N 12  
4XA N2  C15  sing N N 13  
4XA C11 C15  sing N N 14  
4XA C11 C10  doub Y N 15  
4XA C7  N1   sing Y N 16  
4XA C7  C5   doub Y N 17  
4XA C9  C10  sing Y N 18  
4XA C9  N1   sing N N 19  
4XA C15 O1   doub N N 20  
4XA N1  C8   sing Y N 21  
4XA C4  C5   sing Y N 22  
4XA C4  C3   doub Y N 23  
4XA C5  C6   sing Y N 24  
4XA C8  C6   doub Y N 25  
4XA C21 C3   sing N N 26  
4XA C6  C1   sing Y N 27  
4XA C3  C2   sing Y N 28  
4XA C1  C2   doub Y N 29  
4XA C2  C22  sing N N 30  
4XA C1  H1   sing N N 31  
4XA N2  H2   sing N N 32  
4XA C4  H3   sing N N 33  
4XA C7  H4   sing N N 34  
4XA C8  H5   sing N N 35  
4XA C10 H6   sing N N 36  
4XA C12 H7   sing N N 37  
4XA C13 H8   sing N N 38  
4XA C14 H9   sing N N 39  
4XA C16 H10  sing N N 40  
4XA C18 H11  sing N N 41  
4XA C19 H12  sing N N 42  
4XA C20 H13  sing N N 43  
4XA C21 H14  sing N N 44  
4XA C21 H15  sing N N 45  
4XA C21 H16  sing N N 46  
4XA C22 H17  sing N N 47  
4XA C22 H18  sing N N 48  
4XA C22 H19  sing N N 49  
ALA N   CA   sing N N 50  
ALA N   H    sing N N 51  
ALA N   H2   sing N N 52  
ALA CA  C    sing N N 53  
ALA CA  CB   sing N N 54  
ALA CA  HA   sing N N 55  
ALA C   O    doub N N 56  
ALA C   OXT  sing N N 57  
ALA CB  HB1  sing N N 58  
ALA CB  HB2  sing N N 59  
ALA CB  HB3  sing N N 60  
ALA OXT HXT  sing N N 61  
ARG N   CA   sing N N 62  
ARG N   H    sing N N 63  
ARG N   H2   sing N N 64  
ARG CA  C    sing N N 65  
ARG CA  CB   sing N N 66  
ARG CA  HA   sing N N 67  
ARG C   O    doub N N 68  
ARG C   OXT  sing N N 69  
ARG CB  CG   sing N N 70  
ARG CB  HB2  sing N N 71  
ARG CB  HB3  sing N N 72  
ARG CG  CD   sing N N 73  
ARG CG  HG2  sing N N 74  
ARG CG  HG3  sing N N 75  
ARG CD  NE   sing N N 76  
ARG CD  HD2  sing N N 77  
ARG CD  HD3  sing N N 78  
ARG NE  CZ   sing N N 79  
ARG NE  HE   sing N N 80  
ARG CZ  NH1  sing N N 81  
ARG CZ  NH2  doub N N 82  
ARG NH1 HH11 sing N N 83  
ARG NH1 HH12 sing N N 84  
ARG NH2 HH21 sing N N 85  
ARG NH2 HH22 sing N N 86  
ARG OXT HXT  sing N N 87  
ASN N   CA   sing N N 88  
ASN N   H    sing N N 89  
ASN N   H2   sing N N 90  
ASN CA  C    sing N N 91  
ASN CA  CB   sing N N 92  
ASN CA  HA   sing N N 93  
ASN C   O    doub N N 94  
ASN C   OXT  sing N N 95  
ASN CB  CG   sing N N 96  
ASN CB  HB2  sing N N 97  
ASN CB  HB3  sing N N 98  
ASN CG  OD1  doub N N 99  
ASN CG  ND2  sing N N 100 
ASN ND2 HD21 sing N N 101 
ASN ND2 HD22 sing N N 102 
ASN OXT HXT  sing N N 103 
ASP N   CA   sing N N 104 
ASP N   H    sing N N 105 
ASP N   H2   sing N N 106 
ASP CA  C    sing N N 107 
ASP CA  CB   sing N N 108 
ASP CA  HA   sing N N 109 
ASP C   O    doub N N 110 
ASP C   OXT  sing N N 111 
ASP CB  CG   sing N N 112 
ASP CB  HB2  sing N N 113 
ASP CB  HB3  sing N N 114 
ASP CG  OD1  doub N N 115 
ASP CG  OD2  sing N N 116 
ASP OD2 HD2  sing N N 117 
ASP OXT HXT  sing N N 118 
CYS N   CA   sing N N 119 
CYS N   H    sing N N 120 
CYS N   H2   sing N N 121 
CYS CA  C    sing N N 122 
CYS CA  CB   sing N N 123 
CYS CA  HA   sing N N 124 
CYS C   O    doub N N 125 
CYS C   OXT  sing N N 126 
CYS CB  SG   sing N N 127 
CYS CB  HB2  sing N N 128 
CYS CB  HB3  sing N N 129 
CYS SG  HG   sing N N 130 
CYS OXT HXT  sing N N 131 
GLN N   CA   sing N N 132 
GLN N   H    sing N N 133 
GLN N   H2   sing N N 134 
GLN CA  C    sing N N 135 
GLN CA  CB   sing N N 136 
GLN CA  HA   sing N N 137 
GLN C   O    doub N N 138 
GLN C   OXT  sing N N 139 
GLN CB  CG   sing N N 140 
GLN CB  HB2  sing N N 141 
GLN CB  HB3  sing N N 142 
GLN CG  CD   sing N N 143 
GLN CG  HG2  sing N N 144 
GLN CG  HG3  sing N N 145 
GLN CD  OE1  doub N N 146 
GLN CD  NE2  sing N N 147 
GLN NE2 HE21 sing N N 148 
GLN NE2 HE22 sing N N 149 
GLN OXT HXT  sing N N 150 
GLU N   CA   sing N N 151 
GLU N   H    sing N N 152 
GLU N   H2   sing N N 153 
GLU CA  C    sing N N 154 
GLU CA  CB   sing N N 155 
GLU CA  HA   sing N N 156 
GLU C   O    doub N N 157 
GLU C   OXT  sing N N 158 
GLU CB  CG   sing N N 159 
GLU CB  HB2  sing N N 160 
GLU CB  HB3  sing N N 161 
GLU CG  CD   sing N N 162 
GLU CG  HG2  sing N N 163 
GLU CG  HG3  sing N N 164 
GLU CD  OE1  doub N N 165 
GLU CD  OE2  sing N N 166 
GLU OE2 HE2  sing N N 167 
GLU OXT HXT  sing N N 168 
GLY N   CA   sing N N 169 
GLY N   H    sing N N 170 
GLY N   H2   sing N N 171 
GLY CA  C    sing N N 172 
GLY CA  HA2  sing N N 173 
GLY CA  HA3  sing N N 174 
GLY C   O    doub N N 175 
GLY C   OXT  sing N N 176 
GLY OXT HXT  sing N N 177 
HIS N   CA   sing N N 178 
HIS N   H    sing N N 179 
HIS N   H2   sing N N 180 
HIS CA  C    sing N N 181 
HIS CA  CB   sing N N 182 
HIS CA  HA   sing N N 183 
HIS C   O    doub N N 184 
HIS C   OXT  sing N N 185 
HIS CB  CG   sing N N 186 
HIS CB  HB2  sing N N 187 
HIS CB  HB3  sing N N 188 
HIS CG  ND1  sing Y N 189 
HIS CG  CD2  doub Y N 190 
HIS ND1 CE1  doub Y N 191 
HIS ND1 HD1  sing N N 192 
HIS CD2 NE2  sing Y N 193 
HIS CD2 HD2  sing N N 194 
HIS CE1 NE2  sing Y N 195 
HIS CE1 HE1  sing N N 196 
HIS NE2 HE2  sing N N 197 
HIS OXT HXT  sing N N 198 
HOH O   H1   sing N N 199 
HOH O   H2   sing N N 200 
ILE N   CA   sing N N 201 
ILE N   H    sing N N 202 
ILE N   H2   sing N N 203 
ILE CA  C    sing N N 204 
ILE CA  CB   sing N N 205 
ILE CA  HA   sing N N 206 
ILE C   O    doub N N 207 
ILE C   OXT  sing N N 208 
ILE CB  CG1  sing N N 209 
ILE CB  CG2  sing N N 210 
ILE CB  HB   sing N N 211 
ILE CG1 CD1  sing N N 212 
ILE CG1 HG12 sing N N 213 
ILE CG1 HG13 sing N N 214 
ILE CG2 HG21 sing N N 215 
ILE CG2 HG22 sing N N 216 
ILE CG2 HG23 sing N N 217 
ILE CD1 HD11 sing N N 218 
ILE CD1 HD12 sing N N 219 
ILE CD1 HD13 sing N N 220 
ILE OXT HXT  sing N N 221 
LEU N   CA   sing N N 222 
LEU N   H    sing N N 223 
LEU N   H2   sing N N 224 
LEU CA  C    sing N N 225 
LEU CA  CB   sing N N 226 
LEU CA  HA   sing N N 227 
LEU C   O    doub N N 228 
LEU C   OXT  sing N N 229 
LEU CB  CG   sing N N 230 
LEU CB  HB2  sing N N 231 
LEU CB  HB3  sing N N 232 
LEU CG  CD1  sing N N 233 
LEU CG  CD2  sing N N 234 
LEU CG  HG   sing N N 235 
LEU CD1 HD11 sing N N 236 
LEU CD1 HD12 sing N N 237 
LEU CD1 HD13 sing N N 238 
LEU CD2 HD21 sing N N 239 
LEU CD2 HD22 sing N N 240 
LEU CD2 HD23 sing N N 241 
LEU OXT HXT  sing N N 242 
LYS N   CA   sing N N 243 
LYS N   H    sing N N 244 
LYS N   H2   sing N N 245 
LYS CA  C    sing N N 246 
LYS CA  CB   sing N N 247 
LYS CA  HA   sing N N 248 
LYS C   O    doub N N 249 
LYS C   OXT  sing N N 250 
LYS CB  CG   sing N N 251 
LYS CB  HB2  sing N N 252 
LYS CB  HB3  sing N N 253 
LYS CG  CD   sing N N 254 
LYS CG  HG2  sing N N 255 
LYS CG  HG3  sing N N 256 
LYS CD  CE   sing N N 257 
LYS CD  HD2  sing N N 258 
LYS CD  HD3  sing N N 259 
LYS CE  NZ   sing N N 260 
LYS CE  HE2  sing N N 261 
LYS CE  HE3  sing N N 262 
LYS NZ  HZ1  sing N N 263 
LYS NZ  HZ2  sing N N 264 
LYS NZ  HZ3  sing N N 265 
LYS OXT HXT  sing N N 266 
MET N   CA   sing N N 267 
MET N   H    sing N N 268 
MET N   H2   sing N N 269 
MET CA  C    sing N N 270 
MET CA  CB   sing N N 271 
MET CA  HA   sing N N 272 
MET C   O    doub N N 273 
MET C   OXT  sing N N 274 
MET CB  CG   sing N N 275 
MET CB  HB2  sing N N 276 
MET CB  HB3  sing N N 277 
MET CG  SD   sing N N 278 
MET CG  HG2  sing N N 279 
MET CG  HG3  sing N N 280 
MET SD  CE   sing N N 281 
MET CE  HE1  sing N N 282 
MET CE  HE2  sing N N 283 
MET CE  HE3  sing N N 284 
MET OXT HXT  sing N N 285 
PHE N   CA   sing N N 286 
PHE N   H    sing N N 287 
PHE N   H2   sing N N 288 
PHE CA  C    sing N N 289 
PHE CA  CB   sing N N 290 
PHE CA  HA   sing N N 291 
PHE C   O    doub N N 292 
PHE C   OXT  sing N N 293 
PHE CB  CG   sing N N 294 
PHE CB  HB2  sing N N 295 
PHE CB  HB3  sing N N 296 
PHE CG  CD1  doub Y N 297 
PHE CG  CD2  sing Y N 298 
PHE CD1 CE1  sing Y N 299 
PHE CD1 HD1  sing N N 300 
PHE CD2 CE2  doub Y N 301 
PHE CD2 HD2  sing N N 302 
PHE CE1 CZ   doub Y N 303 
PHE CE1 HE1  sing N N 304 
PHE CE2 CZ   sing Y N 305 
PHE CE2 HE2  sing N N 306 
PHE CZ  HZ   sing N N 307 
PHE OXT HXT  sing N N 308 
PRO N   CA   sing N N 309 
PRO N   CD   sing N N 310 
PRO N   H    sing N N 311 
PRO CA  C    sing N N 312 
PRO CA  CB   sing N N 313 
PRO CA  HA   sing N N 314 
PRO C   O    doub N N 315 
PRO C   OXT  sing N N 316 
PRO CB  CG   sing N N 317 
PRO CB  HB2  sing N N 318 
PRO CB  HB3  sing N N 319 
PRO CG  CD   sing N N 320 
PRO CG  HG2  sing N N 321 
PRO CG  HG3  sing N N 322 
PRO CD  HD2  sing N N 323 
PRO CD  HD3  sing N N 324 
PRO OXT HXT  sing N N 325 
SER N   CA   sing N N 326 
SER N   H    sing N N 327 
SER N   H2   sing N N 328 
SER CA  C    sing N N 329 
SER CA  CB   sing N N 330 
SER CA  HA   sing N N 331 
SER C   O    doub N N 332 
SER C   OXT  sing N N 333 
SER CB  OG   sing N N 334 
SER CB  HB2  sing N N 335 
SER CB  HB3  sing N N 336 
SER OG  HG   sing N N 337 
SER OXT HXT  sing N N 338 
SO4 S   O1   doub N N 339 
SO4 S   O2   doub N N 340 
SO4 S   O3   sing N N 341 
SO4 S   O4   sing N N 342 
THR N   CA   sing N N 343 
THR N   H    sing N N 344 
THR N   H2   sing N N 345 
THR CA  C    sing N N 346 
THR CA  CB   sing N N 347 
THR CA  HA   sing N N 348 
THR C   O    doub N N 349 
THR C   OXT  sing N N 350 
THR CB  OG1  sing N N 351 
THR CB  CG2  sing N N 352 
THR CB  HB   sing N N 353 
THR OG1 HG1  sing N N 354 
THR CG2 HG21 sing N N 355 
THR CG2 HG22 sing N N 356 
THR CG2 HG23 sing N N 357 
THR OXT HXT  sing N N 358 
TRP N   CA   sing N N 359 
TRP N   H    sing N N 360 
TRP N   H2   sing N N 361 
TRP CA  C    sing N N 362 
TRP CA  CB   sing N N 363 
TRP CA  HA   sing N N 364 
TRP C   O    doub N N 365 
TRP C   OXT  sing N N 366 
TRP CB  CG   sing N N 367 
TRP CB  HB2  sing N N 368 
TRP CB  HB3  sing N N 369 
TRP CG  CD1  doub Y N 370 
TRP CG  CD2  sing Y N 371 
TRP CD1 NE1  sing Y N 372 
TRP CD1 HD1  sing N N 373 
TRP CD2 CE2  doub Y N 374 
TRP CD2 CE3  sing Y N 375 
TRP NE1 CE2  sing Y N 376 
TRP NE1 HE1  sing N N 377 
TRP CE2 CZ2  sing Y N 378 
TRP CE3 CZ3  doub Y N 379 
TRP CE3 HE3  sing N N 380 
TRP CZ2 CH2  doub Y N 381 
TRP CZ2 HZ2  sing N N 382 
TRP CZ3 CH2  sing Y N 383 
TRP CZ3 HZ3  sing N N 384 
TRP CH2 HH2  sing N N 385 
TRP OXT HXT  sing N N 386 
TYR N   CA   sing N N 387 
TYR N   H    sing N N 388 
TYR N   H2   sing N N 389 
TYR CA  C    sing N N 390 
TYR CA  CB   sing N N 391 
TYR CA  HA   sing N N 392 
TYR C   O    doub N N 393 
TYR C   OXT  sing N N 394 
TYR CB  CG   sing N N 395 
TYR CB  HB2  sing N N 396 
TYR CB  HB3  sing N N 397 
TYR CG  CD1  doub Y N 398 
TYR CG  CD2  sing Y N 399 
TYR CD1 CE1  sing Y N 400 
TYR CD1 HD1  sing N N 401 
TYR CD2 CE2  doub Y N 402 
TYR CD2 HD2  sing N N 403 
TYR CE1 CZ   doub Y N 404 
TYR CE1 HE1  sing N N 405 
TYR CE2 CZ   sing Y N 406 
TYR CE2 HE2  sing N N 407 
TYR CZ  OH   sing N N 408 
TYR OH  HH   sing N N 409 
TYR OXT HXT  sing N N 410 
VAL N   CA   sing N N 411 
VAL N   H    sing N N 412 
VAL N   H2   sing N N 413 
VAL CA  C    sing N N 414 
VAL CA  CB   sing N N 415 
VAL CA  HA   sing N N 416 
VAL C   O    doub N N 417 
VAL C   OXT  sing N N 418 
VAL CB  CG1  sing N N 419 
VAL CB  CG2  sing N N 420 
VAL CB  HB   sing N N 421 
VAL CG1 HG11 sing N N 422 
VAL CG1 HG12 sing N N 423 
VAL CG1 HG13 sing N N 424 
VAL CG2 HG21 sing N N 425 
VAL CG2 HG22 sing N N 426 
VAL CG2 HG23 sing N N 427 
VAL OXT HXT  sing N N 428 
# 
_pdbx_audit_support.funding_organization   'National Institutes of Health/National Cancer Institute (NIH/NCI)' 
_pdbx_audit_support.country                'United States' 
_pdbx_audit_support.grant_number           ? 
_pdbx_audit_support.ordinal                1 
# 
_pdbx_initial_refinement_model.id               1 
_pdbx_initial_refinement_model.entity_id_list   ? 
_pdbx_initial_refinement_model.type             'experimental model' 
_pdbx_initial_refinement_model.source_name      PDB 
_pdbx_initial_refinement_model.accession_code   1ZCK 
_pdbx_initial_refinement_model.details          ? 
# 
_atom_sites.entry_id                    5BX1 
_atom_sites.fract_transf_matrix[1][1]   0.00029094 
_atom_sites.fract_transf_matrix[1][2]   -0.01607330 
_atom_sites.fract_transf_matrix[1][3]   0.01388937 
_atom_sites.fract_transf_matrix[2][1]   -0.00489528 
_atom_sites.fract_transf_matrix[2][2]   -0.00797910 
_atom_sites.fract_transf_matrix[2][3]   -0.00913117 
_atom_sites.fract_transf_matrix[3][1]   0.01067288 
_atom_sites.fract_transf_matrix[3][2]   -0.00270706 
_atom_sites.fract_transf_matrix[3][3]   -0.00335628 
_atom_sites.fract_transf_vector[1]      -0.210837 
_atom_sites.fract_transf_vector[2]      -0.186747 
_atom_sites.fract_transf_vector[3]      0.050263 
# 
loop_
_atom_type.symbol 
C 
N 
O 
S 
# 
loop_
_atom_site.group_PDB 
_atom_site.id 
_atom_site.type_symbol 
_atom_site.label_atom_id 
_atom_site.label_alt_id 
_atom_site.label_comp_id 
_atom_site.label_asym_id 
_atom_site.label_entity_id 
_atom_site.label_seq_id 
_atom_site.pdbx_PDB_ins_code 
_atom_site.Cartn_x 
_atom_site.Cartn_y 
_atom_site.Cartn_z 
_atom_site.occupancy 
_atom_site.B_iso_or_equiv 
_atom_site.pdbx_formal_charge 
_atom_site.auth_seq_id 
_atom_site.auth_comp_id 
_atom_site.auth_asym_id 
_atom_site.auth_atom_id 
_atom_site.pdbx_PDB_model_num 
ATOM   1    N N   . ALA A 1 5   ? -5.822  8.108   -8.683  1.00 39.76 ? 8   ALA A N   1 
ATOM   2    C CA  . ALA A 1 5   ? -5.377  7.206   -9.784  1.00 37.52 ? 8   ALA A CA  1 
ATOM   3    C C   . ALA A 1 5   ? -5.301  5.774   -9.282  1.00 37.53 ? 8   ALA A C   1 
ATOM   4    O O   . ALA A 1 5   ? -4.384  5.419   -8.543  1.00 40.11 ? 8   ALA A O   1 
ATOM   5    C CB  . ALA A 1 5   ? -4.014  7.644   -10.297 1.00 37.53 ? 8   ALA A CB  1 
ATOM   6    N N   . PRO A 1 6   ? -6.274  4.933   -9.662  1.00 35.51 ? 9   PRO A N   1 
ATOM   7    C CA  . PRO A 1 6   ? -6.244  3.538   -9.209  1.00 33.19 ? 9   PRO A CA  1 
ATOM   8    C C   . PRO A 1 6   ? -5.210  2.716   -9.980  1.00 31.73 ? 9   PRO A C   1 
ATOM   9    O O   . PRO A 1 6   ? -5.379  2.440   -11.173 1.00 30.08 ? 9   PRO A O   1 
ATOM   10   C CB  . PRO A 1 6   ? -7.674  3.066   -9.458  1.00 34.42 ? 9   PRO A CB  1 
ATOM   11   C CG  . PRO A 1 6   ? -8.066  3.853   -10.684 1.00 35.76 ? 9   PRO A CG  1 
ATOM   12   C CD  . PRO A 1 6   ? -7.522  5.235   -10.385 1.00 34.86 ? 9   PRO A CD  1 
ATOM   13   N N   . VAL A 1 7   ? -4.127  2.347   -9.302  1.00 29.26 ? 10  VAL A N   1 
ATOM   14   C CA  . VAL A 1 7   ? -3.077  1.550   -9.929  1.00 27.55 ? 10  VAL A CA  1 
ATOM   15   C C   . VAL A 1 7   ? -2.926  0.223   -9.184  1.00 26.61 ? 10  VAL A C   1 
ATOM   16   O O   . VAL A 1 7   ? -2.812  0.190   -7.951  1.00 25.68 ? 10  VAL A O   1 
ATOM   17   C CB  . VAL A 1 7   ? -1.719  2.304   -9.944  1.00 28.48 ? 10  VAL A CB  1 
ATOM   18   C CG1 . VAL A 1 7   ? -1.882  3.659   -10.632 1.00 26.26 ? 10  VAL A CG1 1 
ATOM   19   C CG2 . VAL A 1 7   ? -1.204  2.485   -8.538  1.00 29.38 ? 10  VAL A CG2 1 
ATOM   20   N N   . GLU A 1 8   ? -2.928  -0.867  -9.940  1.00 24.39 ? 11  GLU A N   1 
ATOM   21   C CA  . GLU A 1 8   ? -2.821  -2.202  -9.369  1.00 23.82 ? 11  GLU A CA  1 
ATOM   22   C C   . GLU A 1 8   ? -1.425  -2.768  -9.597  1.00 23.26 ? 11  GLU A C   1 
ATOM   23   O O   . GLU A 1 8   ? -0.803  -2.524  -10.630 1.00 22.61 ? 11  GLU A O   1 
ATOM   24   C CB  . GLU A 1 8   ? -3.888  -3.106  -10.003 1.00 25.53 ? 11  GLU A CB  1 
ATOM   25   C CG  . GLU A 1 8   ? -4.182  -4.426  -9.288  1.00 25.31 ? 11  GLU A CG  1 
ATOM   26   C CD  . GLU A 1 8   ? -3.076  -5.452  -9.444  1.00 28.05 ? 11  GLU A CD  1 
ATOM   27   O OE1 . GLU A 1 8   ? -2.419  -5.459  -10.512 1.00 28.52 ? 11  GLU A OE1 1 
ATOM   28   O OE2 . GLU A 1 8   ? -2.877  -6.264  -8.509  1.00 26.06 ? 11  GLU A OE2 1 
ATOM   29   N N   . VAL A 1 9   ? -0.926  -3.511  -8.617  1.00 21.76 ? 12  VAL A N   1 
ATOM   30   C CA  . VAL A 1 9   ? 0.396   -4.109  -8.721  1.00 23.00 ? 12  VAL A CA  1 
ATOM   31   C C   . VAL A 1 9   ? 0.357   -5.572  -8.280  1.00 24.24 ? 12  VAL A C   1 
ATOM   32   O O   . VAL A 1 9   ? -0.036  -5.878  -7.154  1.00 21.93 ? 12  VAL A O   1 
ATOM   33   C CB  . VAL A 1 9   ? 1.427   -3.354  -7.840  1.00 25.70 ? 12  VAL A CB  1 
ATOM   34   C CG1 . VAL A 1 9   ? 2.794   -4.032  -7.924  1.00 21.68 ? 12  VAL A CG1 1 
ATOM   35   C CG2 . VAL A 1 9   ? 1.524   -1.892  -8.283  1.00 23.93 ? 12  VAL A CG2 1 
ATOM   36   N N   . THR A 1 10  ? 0.755   -6.470  -9.176  1.00 23.41 ? 13  THR A N   1 
ATOM   37   C CA  . THR A 1 10  ? 0.791   -7.894  -8.862  1.00 25.82 ? 13  THR A CA  1 
ATOM   38   C C   . THR A 1 10  ? 2.227   -8.370  -9.018  1.00 25.94 ? 13  THR A C   1 
ATOM   39   O O   . THR A 1 10  ? 2.875   -8.068  -10.018 1.00 26.44 ? 13  THR A O   1 
ATOM   40   C CB  . THR A 1 10  ? -0.073  -8.736  -9.830  1.00 27.31 ? 13  THR A CB  1 
ATOM   41   O OG1 . THR A 1 10  ? 0.566   -8.794  -11.107 1.00 32.69 ? 13  THR A OG1 1 
ATOM   42   C CG2 . THR A 1 10  ? -1.441  -8.133  -10.001 1.00 25.01 ? 13  THR A CG2 1 
ATOM   43   N N   . TYR A 1 11  ? 2.741   -9.097  -8.033  1.00 27.01 ? 14  TYR A N   1 
ATOM   44   C CA  . TYR A 1 11  ? 4.100   -9.611  -8.161  1.00 30.16 ? 14  TYR A CA  1 
ATOM   45   C C   . TYR A 1 11  ? 4.028   -11.128 -8.201  1.00 32.60 ? 14  TYR A C   1 
ATOM   46   O O   . TYR A 1 11  ? 3.778   -11.712 -9.254  1.00 37.96 ? 14  TYR A O   1 
ATOM   47   C CB  . TYR A 1 11  ? 4.983   -9.151  -7.000  1.00 29.17 ? 14  TYR A CB  1 
ATOM   48   C CG  . TYR A 1 11  ? 6.427   -9.618  -7.105  1.00 28.38 ? 14  TYR A CG  1 
ATOM   49   C CD1 . TYR A 1 11  ? 7.277   -9.548  -6.007  1.00 28.55 ? 14  TYR A CD1 1 
ATOM   50   C CD2 . TYR A 1 11  ? 6.937   -10.134 -8.299  1.00 29.85 ? 14  TYR A CD2 1 
ATOM   51   C CE1 . TYR A 1 11  ? 8.598   -9.980  -6.092  1.00 29.81 ? 14  TYR A CE1 1 
ATOM   52   C CE2 . TYR A 1 11  ? 8.256   -10.572 -8.393  1.00 27.42 ? 14  TYR A CE2 1 
ATOM   53   C CZ  . TYR A 1 11  ? 9.079   -10.494 -7.287  1.00 28.26 ? 14  TYR A CZ  1 
ATOM   54   O OH  . TYR A 1 11  ? 10.377  -10.949 -7.356  1.00 28.46 ? 14  TYR A OH  1 
ATOM   55   N N   . LYS A 1 12  ? 4.241   -11.767 -7.059  1.00 33.65 ? 15  LYS A N   1 
ATOM   56   C CA  . LYS A 1 12  ? 4.173   -13.222 -6.975  1.00 32.98 ? 15  LYS A CA  1 
ATOM   57   C C   . LYS A 1 12  ? 2.696   -13.558 -6.882  1.00 32.93 ? 15  LYS A C   1 
ATOM   58   O O   . LYS A 1 12  ? 1.980   -13.572 -7.888  1.00 36.82 ? 15  LYS A O   1 
ATOM   59   C CB  . LYS A 1 12  ? 4.878   -13.709 -5.712  1.00 33.58 ? 15  LYS A CB  1 
ATOM   60   C CG  . LYS A 1 12  ? 6.326   -13.285 -5.590  1.00 34.23 ? 15  LYS A CG  1 
ATOM   61   C CD  . LYS A 1 12  ? 7.192   -13.949 -6.642  1.00 34.55 ? 15  LYS A CD  1 
ATOM   62   C CE  . LYS A 1 12  ? 8.666   -13.773 -6.325  1.00 35.25 ? 15  LYS A CE  1 
ATOM   63   N NZ  . LYS A 1 12  ? 9.533   -14.385 -7.369  1.00 36.33 ? 15  LYS A NZ  1 
ATOM   64   N N   . ASN A 1 13  ? 2.250   -13.839 -5.664  1.00 30.32 ? 16  ASN A N   1 
ATOM   65   C CA  . ASN A 1 13  ? 0.848   -14.128 -5.408  1.00 29.58 ? 16  ASN A CA  1 
ATOM   66   C C   . ASN A 1 13  ? 0.295   -12.979 -4.574  1.00 26.29 ? 16  ASN A C   1 
ATOM   67   O O   . ASN A 1 13  ? -0.703  -13.123 -3.871  1.00 26.87 ? 16  ASN A O   1 
ATOM   68   C CB  . ASN A 1 13  ? 0.677   -15.455 -4.657  1.00 30.22 ? 16  ASN A CB  1 
ATOM   69   C CG  . ASN A 1 13  ? 1.006   -16.662 -5.522  1.00 32.55 ? 16  ASN A CG  1 
ATOM   70   O OD1 . ASN A 1 13  ? 0.888   -16.620 -6.743  1.00 31.92 ? 16  ASN A OD1 1 
ATOM   71   N ND2 . ASN A 1 13  ? 1.400   -17.752 -4.883  1.00 37.00 ? 16  ASN A ND2 1 
ATOM   72   N N   . MET A 1 14  ? 0.967   -11.834 -4.656  1.00 24.39 ? 17  MET A N   1 
ATOM   73   C CA  . MET A 1 14  ? 0.551   -10.643 -3.926  1.00 23.38 ? 17  MET A CA  1 
ATOM   74   C C   . MET A 1 14  ? -0.049  -9.617  -4.883  1.00 22.16 ? 17  MET A C   1 
ATOM   75   O O   . MET A 1 14  ? 0.427   -9.456  -6.003  1.00 22.97 ? 17  MET A O   1 
ATOM   76   C CB  . MET A 1 14  ? 1.745   -9.998  -3.215  1.00 22.92 ? 17  MET A CB  1 
ATOM   77   C CG  . MET A 1 14  ? 2.543   -10.931 -2.323  1.00 22.95 ? 17  MET A CG  1 
ATOM   78   S SD  . MET A 1 14  ? 3.835   -10.019 -1.451  1.00 26.88 ? 17  MET A SD  1 
ATOM   79   C CE  . MET A 1 14  ? 4.996   -9.648  -2.780  1.00 22.85 ? 17  MET A CE  1 
ATOM   80   N N   . ARG A 1 15  ? -1.093  -8.928  -4.432  1.00 19.62 ? 18  ARG A N   1 
ATOM   81   C CA  . ARG A 1 15  ? -1.737  -7.888  -5.235  1.00 19.66 ? 18  ARG A CA  1 
ATOM   82   C C   . ARG A 1 15  ? -1.981  -6.652  -4.374  1.00 18.47 ? 18  ARG A C   1 
ATOM   83   O O   . ARG A 1 15  ? -2.493  -6.750  -3.256  1.00 15.92 ? 18  ARG A O   1 
ATOM   84   C CB  . ARG A 1 15  ? -3.070  -8.378  -5.811  1.00 19.86 ? 18  ARG A CB  1 
ATOM   85   C CG  . ARG A 1 15  ? -2.938  -9.492  -6.850  1.00 23.62 ? 18  ARG A CG  1 
ATOM   86   C CD  . ARG A 1 15  ? -4.188  -9.573  -7.731  1.00 20.71 ? 18  ARG A CD  1 
ATOM   87   N NE  . ARG A 1 15  ? -5.369  -10.001 -6.987  1.00 20.40 ? 18  ARG A NE  1 
ATOM   88   C CZ  . ARG A 1 15  ? -6.472  -9.273  -6.837  1.00 16.46 ? 18  ARG A CZ  1 
ATOM   89   N NH1 . ARG A 1 15  ? -6.565  -8.067  -7.376  1.00 17.39 ? 18  ARG A NH1 1 
ATOM   90   N NH2 . ARG A 1 15  ? -7.483  -9.752  -6.139  1.00 13.58 ? 18  ARG A NH2 1 
ATOM   91   N N   . PHE A 1 16  ? -1.607  -5.489  -4.896  1.00 17.31 ? 19  PHE A N   1 
ATOM   92   C CA  . PHE A 1 16  ? -1.789  -4.243  -4.173  1.00 18.33 ? 19  PHE A CA  1 
ATOM   93   C C   . PHE A 1 16  ? -2.492  -3.226  -5.061  1.00 21.57 ? 19  PHE A C   1 
ATOM   94   O O   . PHE A 1 16  ? -2.365  -3.254  -6.291  1.00 22.74 ? 19  PHE A O   1 
ATOM   95   C CB  . PHE A 1 16  ? -0.437  -3.680  -3.722  1.00 19.48 ? 19  PHE A CB  1 
ATOM   96   C CG  . PHE A 1 16  ? 0.388   -4.651  -2.916  1.00 18.17 ? 19  PHE A CG  1 
ATOM   97   C CD1 . PHE A 1 16  ? 1.298   -5.497  -3.542  1.00 20.29 ? 19  PHE A CD1 1 
ATOM   98   C CD2 . PHE A 1 16  ? 0.245   -4.724  -1.530  1.00 19.62 ? 19  PHE A CD2 1 
ATOM   99   C CE1 . PHE A 1 16  ? 2.063   -6.407  -2.801  1.00 18.80 ? 19  PHE A CE1 1 
ATOM   100  C CE2 . PHE A 1 16  ? 1.002   -5.627  -0.777  1.00 20.06 ? 19  PHE A CE2 1 
ATOM   101  C CZ  . PHE A 1 16  ? 1.914   -6.471  -1.416  1.00 21.02 ? 19  PHE A CZ  1 
ATOM   102  N N   . LEU A 1 17  ? -3.234  -2.323  -4.432  1.00 21.62 ? 20  LEU A N   1 
ATOM   103  C CA  . LEU A 1 17  ? -3.948  -1.285  -5.158  1.00 21.37 ? 20  LEU A CA  1 
ATOM   104  C C   . LEU A 1 17  ? -3.647  0.066   -4.519  1.00 20.22 ? 20  LEU A C   1 
ATOM   105  O O   . LEU A 1 17  ? -3.938  0.278   -3.343  1.00 19.30 ? 20  LEU A O   1 
ATOM   106  C CB  . LEU A 1 17  ? -5.458  -1.549  -5.119  1.00 21.10 ? 20  LEU A CB  1 
ATOM   107  C CG  . LEU A 1 17  ? -6.323  -0.724  -6.077  1.00 21.37 ? 20  LEU A CG  1 
ATOM   108  C CD1 . LEU A 1 17  ? -6.042  -1.152  -7.519  1.00 21.95 ? 20  LEU A CD1 1 
ATOM   109  C CD2 . LEU A 1 17  ? -7.789  -0.938  -5.752  1.00 19.01 ? 20  LEU A CD2 1 
ATOM   110  N N   . ILE A 1 18  ? -3.046  0.965   -5.296  1.00 19.86 ? 21  ILE A N   1 
ATOM   111  C CA  . ILE A 1 18  ? -2.723  2.305   -4.823  1.00 18.31 ? 21  ILE A CA  1 
ATOM   112  C C   . ILE A 1 18  ? -3.849  3.188   -5.333  1.00 18.07 ? 21  ILE A C   1 
ATOM   113  O O   . ILE A 1 18  ? -3.955  3.454   -6.524  1.00 18.39 ? 21  ILE A O   1 
ATOM   114  C CB  . ILE A 1 18  ? -1.368  2.775   -5.377  1.00 17.87 ? 21  ILE A CB  1 
ATOM   115  C CG1 . ILE A 1 18  ? -0.296  1.746   -5.005  1.00 16.57 ? 21  ILE A CG1 1 
ATOM   116  C CG2 . ILE A 1 18  ? -1.014  4.150   -4.812  1.00 19.41 ? 21  ILE A CG2 1 
ATOM   117  C CD1 . ILE A 1 18  ? 1.047   1.975   -5.652  1.00 16.25 ? 21  ILE A CD1 1 
ATOM   118  N N   . THR A 1 19  ? -4.694  3.632   -4.411  1.00 18.07 ? 22  THR A N   1 
ATOM   119  C CA  . THR A 1 19  ? -5.862  4.427   -4.755  1.00 19.78 ? 22  THR A CA  1 
ATOM   120  C C   . THR A 1 19  ? -5.757  5.909   -4.462  1.00 18.58 ? 22  THR A C   1 
ATOM   121  O O   . THR A 1 19  ? -4.727  6.414   -4.012  1.00 19.48 ? 22  THR A O   1 
ATOM   122  C CB  . THR A 1 19  ? -7.095  3.928   -3.997  1.00 20.12 ? 22  THR A CB  1 
ATOM   123  O OG1 . THR A 1 19  ? -6.975  4.298   -2.616  1.00 23.75 ? 22  THR A OG1 1 
ATOM   124  C CG2 . THR A 1 19  ? -7.208  2.413   -4.087  1.00 19.24 ? 22  THR A CG2 1 
ATOM   125  N N   . HIS A 1 20  ? -6.849  6.606   -4.735  1.00 19.64 ? 23  HIS A N   1 
ATOM   126  C CA  . HIS A 1 20  ? -6.912  8.022   -4.458  1.00 20.12 ? 23  HIS A CA  1 
ATOM   127  C C   . HIS A 1 20  ? -7.542  8.114   -3.076  1.00 20.61 ? 23  HIS A C   1 
ATOM   128  O O   . HIS A 1 20  ? -7.843  7.086   -2.455  1.00 19.43 ? 23  HIS A O   1 
ATOM   129  C CB  . HIS A 1 20  ? -7.747  8.754   -5.521  1.00 23.40 ? 23  HIS A CB  1 
ATOM   130  C CG  . HIS A 1 20  ? -9.218  8.764   -5.252  1.00 25.37 ? 23  HIS A CG  1 
ATOM   131  N ND1 . HIS A 1 20  ? -9.992  7.624   -5.274  1.00 25.06 ? 23  HIS A ND1 1 
ATOM   132  C CD2 . HIS A 1 20  ? -10.063 9.786   -4.973  1.00 25.49 ? 23  HIS A CD2 1 
ATOM   133  C CE1 . HIS A 1 20  ? -11.249 7.943   -5.022  1.00 25.95 ? 23  HIS A CE1 1 
ATOM   134  N NE2 . HIS A 1 20  ? -11.319 9.248   -4.835  1.00 25.75 ? 23  HIS A NE2 1 
ATOM   135  N N   . ASN A 1 21  ? -7.733  9.336   -2.591  1.00 21.21 ? 24  ASN A N   1 
ATOM   136  C CA  . ASN A 1 21  ? -8.300  9.565   -1.266  1.00 21.61 ? 24  ASN A CA  1 
ATOM   137  C C   . ASN A 1 21  ? -9.722  10.113  -1.431  1.00 22.32 ? 24  ASN A C   1 
ATOM   138  O O   . ASN A 1 21  ? -9.912  11.296  -1.728  1.00 21.90 ? 24  ASN A O   1 
ATOM   139  C CB  . ASN A 1 21  ? -7.423  10.578  -0.522  1.00 21.26 ? 24  ASN A CB  1 
ATOM   140  C CG  . ASN A 1 21  ? -7.619  10.535  0.977   1.00 24.00 ? 24  ASN A CG  1 
ATOM   141  O OD1 . ASN A 1 21  ? -8.736  10.374  1.466   1.00 20.93 ? 24  ASN A OD1 1 
ATOM   142  N ND2 . ASN A 1 21  ? -6.526  10.701  1.720   1.00 22.40 ? 24  ASN A ND2 1 
ATOM   143  N N   . PRO A 1 22  ? -10.741 9.260   -1.225  1.00 22.39 ? 25  PRO A N   1 
ATOM   144  C CA  . PRO A 1 22  ? -12.136 9.684   -1.365  1.00 22.28 ? 25  PRO A CA  1 
ATOM   145  C C   . PRO A 1 22  ? -12.632 10.550  -0.213  1.00 22.53 ? 25  PRO A C   1 
ATOM   146  O O   . PRO A 1 22  ? -11.976 10.669  0.830   1.00 21.90 ? 25  PRO A O   1 
ATOM   147  C CB  . PRO A 1 22  ? -12.879 8.352   -1.430  1.00 21.74 ? 25  PRO A CB  1 
ATOM   148  C CG  . PRO A 1 22  ? -12.132 7.551   -0.413  1.00 22.25 ? 25  PRO A CG  1 
ATOM   149  C CD  . PRO A 1 22  ? -10.672 7.859   -0.768  1.00 23.54 ? 25  PRO A CD  1 
ATOM   150  N N   . THR A 1 23  ? -13.793 11.164  -0.417  1.00 21.62 ? 26  THR A N   1 
ATOM   151  C CA  . THR A 1 23  ? -14.411 11.982  0.616   1.00 23.67 ? 26  THR A CA  1 
ATOM   152  C C   . THR A 1 23  ? -15.660 11.226  1.035   1.00 22.93 ? 26  THR A C   1 
ATOM   153  O O   . THR A 1 23  ? -16.041 10.249  0.394   1.00 22.13 ? 26  THR A O   1 
ATOM   154  C CB  . THR A 1 23  ? -14.819 13.385  0.099   1.00 23.19 ? 26  THR A CB  1 
ATOM   155  O OG1 . THR A 1 23  ? -15.789 13.250  -0.940  1.00 21.32 ? 26  THR A OG1 1 
ATOM   156  C CG2 . THR A 1 23  ? -13.612 14.132  -0.439  1.00 21.62 ? 26  THR A CG2 1 
ATOM   157  N N   . ASN A 1 24  ? -16.290 11.668  2.114   1.00 24.96 ? 27  ASN A N   1 
ATOM   158  C CA  . ASN A 1 24  ? -17.494 11.013  2.608   1.00 27.30 ? 27  ASN A CA  1 
ATOM   159  C C   . ASN A 1 24  ? -18.569 10.901  1.524   1.00 27.11 ? 27  ASN A C   1 
ATOM   160  O O   . ASN A 1 24  ? -19.244 9.875   1.413   1.00 28.38 ? 27  ASN A O   1 
ATOM   161  C CB  . ASN A 1 24  ? -18.040 11.796  3.798   1.00 29.74 ? 27  ASN A CB  1 
ATOM   162  C CG  . ASN A 1 24  ? -16.942 12.459  4.607   1.00 34.10 ? 27  ASN A CG  1 
ATOM   163  O OD1 . ASN A 1 24  ? -16.290 13.407  4.142   1.00 34.81 ? 27  ASN A OD1 1 
ATOM   164  N ND2 . ASN A 1 24  ? -16.719 11.959  5.819   1.00 32.67 ? 27  ASN A ND2 1 
ATOM   165  N N   . ALA A 1 25  ? -18.704 11.951  0.720   1.00 25.69 ? 28  ALA A N   1 
ATOM   166  C CA  . ALA A 1 25  ? -19.706 12.009  -0.344  1.00 25.41 ? 28  ALA A CA  1 
ATOM   167  C C   . ALA A 1 25  ? -19.492 11.076  -1.530  1.00 25.65 ? 28  ALA A C   1 
ATOM   168  O O   . ALA A 1 25  ? -20.423 10.850  -2.308  1.00 26.47 ? 28  ALA A O   1 
ATOM   169  C CB  . ALA A 1 25  ? -19.833 13.447  -0.847  1.00 27.27 ? 28  ALA A CB  1 
ATOM   170  N N   . THR A 1 26  ? -18.284 10.541  -1.684  1.00 23.52 ? 29  THR A N   1 
ATOM   171  C CA  . THR A 1 26  ? -17.994 9.648   -2.806  1.00 21.85 ? 29  THR A CA  1 
ATOM   172  C C   . THR A 1 26  ? -17.605 8.242   -2.360  1.00 22.31 ? 29  THR A C   1 
ATOM   173  O O   . THR A 1 26  ? -17.097 7.450   -3.154  1.00 20.26 ? 29  THR A O   1 
ATOM   174  C CB  . THR A 1 26  ? -16.847 10.207  -3.696  1.00 22.60 ? 29  THR A CB  1 
ATOM   175  O OG1 . THR A 1 26  ? -15.672 10.412  -2.898  1.00 21.85 ? 29  THR A OG1 1 
ATOM   176  C CG2 . THR A 1 26  ? -17.262 11.528  -4.336  1.00 20.92 ? 29  THR A CG2 1 
ATOM   177  N N   . LEU A 1 27  ? -17.867 7.930   -1.096  1.00 21.24 ? 30  LEU A N   1 
ATOM   178  C CA  . LEU A 1 27  ? -17.522 6.630   -0.544  1.00 22.92 ? 30  LEU A CA  1 
ATOM   179  C C   . LEU A 1 27  ? -18.194 5.426   -1.215  1.00 23.98 ? 30  LEU A C   1 
ATOM   180  O O   . LEU A 1 27  ? -17.595 4.353   -1.287  1.00 23.97 ? 30  LEU A O   1 
ATOM   181  C CB  . LEU A 1 27  ? -17.811 6.626   0.961   1.00 23.25 ? 30  LEU A CB  1 
ATOM   182  C CG  . LEU A 1 27  ? -16.732 5.979   1.830   1.00 27.35 ? 30  LEU A CG  1 
ATOM   183  C CD1 . LEU A 1 27  ? -15.350 6.522   1.431   1.00 27.43 ? 30  LEU A CD1 1 
ATOM   184  C CD2 . LEU A 1 27  ? -17.023 6.261   3.305   1.00 27.73 ? 30  LEU A CD2 1 
ATOM   185  N N   . ASN A 1 28  ? -19.420 5.586   -1.708  1.00 24.28 ? 31  ASN A N   1 
ATOM   186  C CA  . ASN A 1 28  ? -20.104 4.467   -2.360  1.00 25.69 ? 31  ASN A CA  1 
ATOM   187  C C   . ASN A 1 28  ? -19.410 4.033   -3.638  1.00 25.18 ? 31  ASN A C   1 
ATOM   188  O O   . ASN A 1 28  ? -19.350 2.844   -3.942  1.00 24.20 ? 31  ASN A O   1 
ATOM   189  C CB  . ASN A 1 28  ? -21.559 4.805   -2.675  1.00 27.91 ? 31  ASN A CB  1 
ATOM   190  C CG  . ASN A 1 28  ? -22.449 4.730   -1.451  1.00 32.81 ? 31  ASN A CG  1 
ATOM   191  O OD1 . ASN A 1 28  ? -22.217 3.919   -0.551  1.00 35.20 ? 31  ASN A OD1 1 
ATOM   192  N ND2 . ASN A 1 28  ? -23.483 5.567   -1.416  1.00 33.37 ? 31  ASN A ND2 1 
ATOM   193  N N   . LYS A 1 29  ? -18.896 5.003   -4.389  1.00 26.55 ? 32  LYS A N   1 
ATOM   194  C CA  . LYS A 1 29  ? -18.185 4.715   -5.631  1.00 25.35 ? 32  LYS A CA  1 
ATOM   195  C C   . LYS A 1 29  ? -16.821 4.120   -5.301  1.00 22.82 ? 32  LYS A C   1 
ATOM   196  O O   . LYS A 1 29  ? -16.308 3.266   -6.024  1.00 21.33 ? 32  LYS A O   1 
ATOM   197  C CB  . LYS A 1 29  ? -17.995 5.993   -6.452  1.00 27.64 ? 32  LYS A CB  1 
ATOM   198  C CG  . LYS A 1 29  ? -19.284 6.599   -7.000  1.00 30.48 ? 32  LYS A CG  1 
ATOM   199  C CD  . LYS A 1 29  ? -20.082 5.584   -7.807  1.00 33.87 ? 32  LYS A CD  1 
ATOM   200  C CE  . LYS A 1 29  ? -20.975 6.265   -8.841  1.00 35.70 ? 32  LYS A CE  1 
ATOM   201  N NZ  . LYS A 1 29  ? -21.827 7.336   -8.256  1.00 38.48 ? 32  LYS A NZ  1 
ATOM   202  N N   . PHE A 1 30  ? -16.239 4.587   -4.201  1.00 22.25 ? 33  PHE A N   1 
ATOM   203  C CA  . PHE A 1 30  ? -14.939 4.111   -3.756  1.00 22.58 ? 33  PHE A CA  1 
ATOM   204  C C   . PHE A 1 30  ? -15.022 2.635   -3.364  1.00 22.21 ? 33  PHE A C   1 
ATOM   205  O O   . PHE A 1 30  ? -14.231 1.809   -3.818  1.00 21.12 ? 33  PHE A O   1 
ATOM   206  C CB  . PHE A 1 30  ? -14.461 4.936   -2.559  1.00 22.62 ? 33  PHE A CB  1 
ATOM   207  C CG  . PHE A 1 30  ? -13.062 4.608   -2.119  1.00 24.67 ? 33  PHE A CG  1 
ATOM   208  C CD1 . PHE A 1 30  ? -11.985 4.827   -2.973  1.00 25.61 ? 33  PHE A CD1 1 
ATOM   209  C CD2 . PHE A 1 30  ? -12.816 4.095   -0.851  1.00 23.81 ? 33  PHE A CD2 1 
ATOM   210  C CE1 . PHE A 1 30  ? -10.681 4.541   -2.570  1.00 27.00 ? 33  PHE A CE1 1 
ATOM   211  C CE2 . PHE A 1 30  ? -11.518 3.805   -0.439  1.00 25.99 ? 33  PHE A CE2 1 
ATOM   212  C CZ  . PHE A 1 30  ? -10.448 4.030   -1.303  1.00 24.00 ? 33  PHE A CZ  1 
ATOM   213  N N   . ILE A 1 31  ? -15.987 2.315   -2.510  1.00 20.97 ? 34  ILE A N   1 
ATOM   214  C CA  . ILE A 1 31  ? -16.174 0.947   -2.056  1.00 21.23 ? 34  ILE A CA  1 
ATOM   215  C C   . ILE A 1 31  ? -16.343 -0.022  -3.232  1.00 22.95 ? 34  ILE A C   1 
ATOM   216  O O   . ILE A 1 31  ? -15.734 -1.095  -3.246  1.00 20.59 ? 34  ILE A O   1 
ATOM   217  C CB  . ILE A 1 31  ? -17.390 0.857   -1.102  1.00 21.66 ? 34  ILE A CB  1 
ATOM   218  C CG1 . ILE A 1 31  ? -17.061 1.597   0.205   1.00 19.01 ? 34  ILE A CG1 1 
ATOM   219  C CG2 . ILE A 1 31  ? -17.746 -0.601  -0.841  1.00 21.28 ? 34  ILE A CG2 1 
ATOM   220  C CD1 . ILE A 1 31  ? -18.220 1.749   1.156   1.00 20.08 ? 34  ILE A CD1 1 
ATOM   221  N N   . GLU A 1 32  ? -17.143 0.351   -4.231  1.00 21.64 ? 35  GLU A N   1 
ATOM   222  C CA  . GLU A 1 32  ? -17.328 -0.535  -5.372  1.00 24.87 ? 35  GLU A CA  1 
ATOM   223  C C   . GLU A 1 32  ? -16.093 -0.626  -6.269  1.00 24.30 ? 35  GLU A C   1 
ATOM   224  O O   . GLU A 1 32  ? -15.950 -1.572  -7.046  1.00 23.13 ? 35  GLU A O   1 
ATOM   225  C CB  . GLU A 1 32  ? -18.574 -0.146  -6.187  1.00 27.54 ? 35  GLU A CB  1 
ATOM   226  C CG  . GLU A 1 32  ? -18.876 1.331   -6.289  1.00 35.23 ? 35  GLU A CG  1 
ATOM   227  C CD  . GLU A 1 32  ? -20.289 1.594   -6.800  1.00 38.73 ? 35  GLU A CD  1 
ATOM   228  O OE1 . GLU A 1 32  ? -20.587 1.231   -7.959  1.00 40.54 ? 35  GLU A OE1 1 
ATOM   229  O OE2 . GLU A 1 32  ? -21.106 2.158   -6.038  1.00 41.33 ? 35  GLU A OE2 1 
ATOM   230  N N   . GLU A 1 33  ? -15.194 0.346   -6.168  1.00 24.39 ? 36  GLU A N   1 
ATOM   231  C CA  . GLU A 1 33  ? -13.974 0.279   -6.961  1.00 23.98 ? 36  GLU A CA  1 
ATOM   232  C C   . GLU A 1 33  ? -13.083 -0.743  -6.256  1.00 22.71 ? 36  GLU A C   1 
ATOM   233  O O   . GLU A 1 33  ? -12.425 -1.568  -6.900  1.00 21.73 ? 36  GLU A O   1 
ATOM   234  C CB  . GLU A 1 33  ? -13.270 1.636   -7.014  1.00 25.74 ? 36  GLU A CB  1 
ATOM   235  C CG  . GLU A 1 33  ? -12.096 1.688   -7.997  1.00 31.44 ? 36  GLU A CG  1 
ATOM   236  C CD  . GLU A 1 33  ? -12.520 1.533   -9.463  1.00 33.67 ? 36  GLU A CD  1 
ATOM   237  O OE1 . GLU A 1 33  ? -13.718 1.290   -9.728  1.00 35.33 ? 36  GLU A OE1 1 
ATOM   238  O OE2 . GLU A 1 33  ? -11.648 1.656   -10.355 1.00 35.33 ? 36  GLU A OE2 1 
ATOM   239  N N   . LEU A 1 34  ? -13.083 -0.688  -4.927  1.00 20.82 ? 37  LEU A N   1 
ATOM   240  C CA  . LEU A 1 34  ? -12.287 -1.603  -4.115  1.00 21.60 ? 37  LEU A CA  1 
ATOM   241  C C   . LEU A 1 34  ? -12.740 -3.041  -4.339  1.00 23.51 ? 37  LEU A C   1 
ATOM   242  O O   . LEU A 1 34  ? -11.921 -3.923  -4.612  1.00 22.47 ? 37  LEU A O   1 
ATOM   243  C CB  . LEU A 1 34  ? -12.417 -1.252  -2.631  1.00 22.23 ? 37  LEU A CB  1 
ATOM   244  C CG  . LEU A 1 34  ? -11.889 0.123   -2.203  1.00 22.74 ? 37  LEU A CG  1 
ATOM   245  C CD1 . LEU A 1 34  ? -12.174 0.348   -0.734  1.00 23.23 ? 37  LEU A CD1 1 
ATOM   246  C CD2 . LEU A 1 34  ? -10.397 0.207   -2.474  1.00 23.89 ? 37  LEU A CD2 1 
ATOM   247  N N   . LYS A 1 35  ? -14.048 -3.272  -4.231  1.00 21.80 ? 38  LYS A N   1 
ATOM   248  C CA  . LYS A 1 35  ? -14.595 -4.608  -4.432  1.00 24.35 ? 38  LYS A CA  1 
ATOM   249  C C   . LYS A 1 35  ? -14.257 -5.113  -5.829  1.00 25.05 ? 38  LYS A C   1 
ATOM   250  O O   . LYS A 1 35  ? -13.995 -6.299  -6.034  1.00 25.84 ? 38  LYS A O   1 
ATOM   251  C CB  . LYS A 1 35  ? -16.111 -4.590  -4.233  1.00 25.05 ? 38  LYS A CB  1 
ATOM   252  C CG  . LYS A 1 35  ? -16.519 -4.270  -2.810  1.00 27.04 ? 38  LYS A CG  1 
ATOM   253  C CD  . LYS A 1 35  ? -18.021 -4.204  -2.634  1.00 27.57 ? 38  LYS A CD  1 
ATOM   254  C CE  . LYS A 1 35  ? -18.366 -4.199  -1.152  1.00 27.63 ? 38  LYS A CE  1 
ATOM   255  N NZ  . LYS A 1 35  ? -19.829 -4.098  -0.902  1.00 28.70 ? 38  LYS A NZ  1 
ATOM   256  N N   . LYS A 1 36  ? -14.252 -4.196  -6.786  1.00 25.30 ? 39  LYS A N   1 
ATOM   257  C CA  . LYS A 1 36  ? -13.946 -4.531  -8.165  1.00 24.18 ? 39  LYS A CA  1 
ATOM   258  C C   . LYS A 1 36  ? -12.651 -5.334  -8.247  1.00 23.89 ? 39  LYS A C   1 
ATOM   259  O O   . LYS A 1 36  ? -12.543 -6.283  -9.029  1.00 21.14 ? 39  LYS A O   1 
ATOM   260  C CB  . LYS A 1 36  ? -13.832 -3.244  -8.985  1.00 25.20 ? 39  LYS A CB  1 
ATOM   261  C CG  . LYS A 1 36  ? -13.373 -3.442  -10.412 1.00 28.94 ? 39  LYS A CG  1 
ATOM   262  C CD  . LYS A 1 36  ? -13.274 -2.109  -11.143 1.00 32.94 ? 39  LYS A CD  1 
ATOM   263  C CE  . LYS A 1 36  ? -12.757 -2.300  -12.558 1.00 37.00 ? 39  LYS A CE  1 
ATOM   264  N NZ  . LYS A 1 36  ? -12.562 -1.000  -13.270 1.00 42.35 ? 39  LYS A NZ  1 
ATOM   265  N N   . TYR A 1 37  ? -11.677 -4.959  -7.419  1.00 22.34 ? 40  TYR A N   1 
ATOM   266  C CA  . TYR A 1 37  ? -10.376 -5.619  -7.401  1.00 21.54 ? 40  TYR A CA  1 
ATOM   267  C C   . TYR A 1 37  ? -10.228 -6.646  -6.287  1.00 20.98 ? 40  TYR A C   1 
ATOM   268  O O   . TYR A 1 37  ? -9.153  -7.222  -6.107  1.00 22.93 ? 40  TYR A O   1 
ATOM   269  C CB  . TYR A 1 37  ? -9.270  -4.566  -7.280  1.00 22.87 ? 40  TYR A CB  1 
ATOM   270  C CG  . TYR A 1 37  ? -9.166  -3.662  -8.487  1.00 24.85 ? 40  TYR A CG  1 
ATOM   271  C CD1 . TYR A 1 37  ? -8.524  -4.092  -9.645  1.00 24.21 ? 40  TYR A CD1 1 
ATOM   272  C CD2 . TYR A 1 37  ? -9.724  -2.386  -8.476  1.00 23.77 ? 40  TYR A CD2 1 
ATOM   273  C CE1 . TYR A 1 37  ? -8.436  -3.275  -10.761 1.00 26.74 ? 40  TYR A CE1 1 
ATOM   274  C CE2 . TYR A 1 37  ? -9.644  -1.559  -9.593  1.00 25.00 ? 40  TYR A CE2 1 
ATOM   275  C CZ  . TYR A 1 37  ? -8.996  -2.010  -10.731 1.00 26.31 ? 40  TYR A CZ  1 
ATOM   276  O OH  . TYR A 1 37  ? -8.898  -1.193  -11.832 1.00 29.96 ? 40  TYR A OH  1 
ATOM   277  N N   . GLY A 1 38  ? -11.308 -6.882  -5.549  1.00 18.03 ? 41  GLY A N   1 
ATOM   278  C CA  . GLY A 1 38  ? -11.263 -7.836  -4.460  1.00 19.35 ? 41  GLY A CA  1 
ATOM   279  C C   . GLY A 1 38  ? -10.408 -7.330  -3.310  1.00 19.31 ? 41  GLY A C   1 
ATOM   280  O O   . GLY A 1 38  ? -9.715  -8.100  -2.642  1.00 18.90 ? 41  GLY A O   1 
ATOM   281  N N   . VAL A 1 39  ? -10.438 -6.024  -3.084  1.00 19.22 ? 42  VAL A N   1 
ATOM   282  C CA  . VAL A 1 39  ? -9.661  -5.452  -1.991  1.00 19.18 ? 42  VAL A CA  1 
ATOM   283  C C   . VAL A 1 39  ? -10.395 -5.793  -0.711  1.00 21.99 ? 42  VAL A C   1 
ATOM   284  O O   . VAL A 1 39  ? -11.607 -5.610  -0.641  1.00 23.73 ? 42  VAL A O   1 
ATOM   285  C CB  . VAL A 1 39  ? -9.561  -3.920  -2.119  1.00 18.38 ? 42  VAL A CB  1 
ATOM   286  C CG1 . VAL A 1 39  ? -8.962  -3.319  -0.840  1.00 16.91 ? 42  VAL A CG1 1 
ATOM   287  C CG2 . VAL A 1 39  ? -8.710  -3.559  -3.330  1.00 16.23 ? 42  VAL A CG2 1 
ATOM   288  N N   . THR A 1 40  ? -9.681  -6.299  0.295   1.00 20.96 ? 43  THR A N   1 
ATOM   289  C CA  . THR A 1 40  ? -10.324 -6.639  1.561   1.00 23.49 ? 43  THR A CA  1 
ATOM   290  C C   . THR A 1 40  ? -9.769  -5.830  2.733   1.00 22.05 ? 43  THR A C   1 
ATOM   291  O O   . THR A 1 40  ? -10.298 -5.902  3.842   1.00 21.95 ? 43  THR A O   1 
ATOM   292  C CB  . THR A 1 40  ? -10.187 -8.152  1.898   1.00 26.28 ? 43  THR A CB  1 
ATOM   293  O OG1 . THR A 1 40  ? -8.807  -8.535  1.863   1.00 28.98 ? 43  THR A OG1 1 
ATOM   294  C CG2 . THR A 1 40  ? -10.975 -9.002  0.901   1.00 28.88 ? 43  THR A CG2 1 
ATOM   295  N N   . THR A 1 41  ? -8.716  -5.053  2.477   1.00 21.59 ? 44  THR A N   1 
ATOM   296  C CA  . THR A 1 41  ? -8.082  -4.239  3.509   1.00 22.81 ? 44  THR A CA  1 
ATOM   297  C C   . THR A 1 41  ? -7.480  -2.964  2.916   1.00 21.96 ? 44  THR A C   1 
ATOM   298  O O   . THR A 1 41  ? -6.983  -2.970  1.789   1.00 18.15 ? 44  THR A O   1 
ATOM   299  C CB  . THR A 1 41  ? -6.943  -5.021  4.208   1.00 24.77 ? 44  THR A CB  1 
ATOM   300  O OG1 . THR A 1 41  ? -7.454  -6.261  4.704   1.00 28.04 ? 44  THR A OG1 1 
ATOM   301  C CG2 . THR A 1 41  ? -6.371  -4.218  5.375   1.00 24.23 ? 44  THR A CG2 1 
ATOM   302  N N   . ILE A 1 42  ? -7.515  -1.876  3.683   1.00 20.22 ? 45  ILE A N   1 
ATOM   303  C CA  . ILE A 1 42  ? -6.963  -0.609  3.216   1.00 21.35 ? 45  ILE A CA  1 
ATOM   304  C C   . ILE A 1 42  ? -6.063  0.024   4.263   1.00 19.61 ? 45  ILE A C   1 
ATOM   305  O O   . ILE A 1 42  ? -6.422  0.090   5.437   1.00 18.28 ? 45  ILE A O   1 
ATOM   306  C CB  . ILE A 1 42  ? -8.056  0.434   2.920   1.00 25.74 ? 45  ILE A CB  1 
ATOM   307  C CG1 . ILE A 1 42  ? -9.178  -0.177  2.088   1.00 28.77 ? 45  ILE A CG1 1 
ATOM   308  C CG2 . ILE A 1 42  ? -7.438  1.623   2.179   1.00 27.40 ? 45  ILE A CG2 1 
ATOM   309  C CD1 . ILE A 1 42  ? -10.347 0.766   1.892   1.00 31.12 ? 45  ILE A CD1 1 
ATOM   310  N N   . VAL A 1 43  ? -4.905  0.511   3.832   1.00 19.33 ? 46  VAL A N   1 
ATOM   311  C CA  . VAL A 1 43  ? -3.987  1.175   4.741   1.00 18.55 ? 46  VAL A CA  1 
ATOM   312  C C   . VAL A 1 43  ? -3.850  2.643   4.346   1.00 19.90 ? 46  VAL A C   1 
ATOM   313  O O   . VAL A 1 43  ? -3.481  2.965   3.215   1.00 16.65 ? 46  VAL A O   1 
ATOM   314  C CB  . VAL A 1 43  ? -2.587  0.516   4.734   1.00 17.34 ? 46  VAL A CB  1 
ATOM   315  C CG1 . VAL A 1 43  ? -1.658  1.264   5.677   1.00 20.34 ? 46  VAL A CG1 1 
ATOM   316  C CG2 . VAL A 1 43  ? -2.693  -0.942  5.162   1.00 19.70 ? 46  VAL A CG2 1 
ATOM   317  N N   . ARG A 1 44  ? -4.167  3.527   5.287   1.00 19.73 ? 47  ARG A N   1 
ATOM   318  C CA  . ARG A 1 44  ? -4.061  4.965   5.065   1.00 22.50 ? 47  ARG A CA  1 
ATOM   319  C C   . ARG A 1 44  ? -2.749  5.411   5.688   1.00 21.50 ? 47  ARG A C   1 
ATOM   320  O O   . ARG A 1 44  ? -2.548  5.258   6.896   1.00 21.80 ? 47  ARG A O   1 
ATOM   321  C CB  . ARG A 1 44  ? -5.247  5.691   5.711   1.00 22.49 ? 47  ARG A CB  1 
ATOM   322  C CG  . ARG A 1 44  ? -6.592  5.191   5.178   1.00 24.35 ? 47  ARG A CG  1 
ATOM   323  C CD  . ARG A 1 44  ? -7.730  6.179   5.406   1.00 25.80 ? 47  ARG A CD  1 
ATOM   324  N NE  . ARG A 1 44  ? -8.101  6.322   6.810   1.00 25.71 ? 47  ARG A NE  1 
ATOM   325  C CZ  . ARG A 1 44  ? -9.165  7.003   7.232   1.00 25.71 ? 47  ARG A CZ  1 
ATOM   326  N NH1 . ARG A 1 44  ? -9.964  7.604   6.356   1.00 24.91 ? 47  ARG A NH1 1 
ATOM   327  N NH2 . ARG A 1 44  ? -9.445  7.070   8.523   1.00 23.66 ? 47  ARG A NH2 1 
ATOM   328  N N   . VAL A 1 45  ? -1.852  5.941   4.856   1.00 22.57 ? 48  VAL A N   1 
ATOM   329  C CA  . VAL A 1 45  ? -0.535  6.384   5.313   1.00 23.73 ? 48  VAL A CA  1 
ATOM   330  C C   . VAL A 1 45  ? -0.445  7.886   5.540   1.00 24.14 ? 48  VAL A C   1 
ATOM   331  O O   . VAL A 1 45  ? 0.602   8.405   5.916   1.00 25.37 ? 48  VAL A O   1 
ATOM   332  C CB  . VAL A 1 45  ? 0.574   5.961   4.315   1.00 23.86 ? 48  VAL A CB  1 
ATOM   333  C CG1 . VAL A 1 45  ? 0.593   4.440   4.171   1.00 21.01 ? 48  VAL A CG1 1 
ATOM   334  C CG2 . VAL A 1 45  ? 0.348   6.630   2.959   1.00 22.64 ? 48  VAL A CG2 1 
ATOM   335  N N   . CYS A 1 46  ? -1.543  8.586   5.303   1.00 26.13 ? 49  CYS A N   1 
ATOM   336  C CA  . CYS A 1 46  ? -1.569  10.021  5.525   1.00 27.54 ? 49  CYS A CA  1 
ATOM   337  C C   . CYS A 1 46  ? -2.688  10.338  6.502   1.00 29.76 ? 49  CYS A C   1 
ATOM   338  O O   . CYS A 1 46  ? -3.555  9.497   6.752   1.00 28.88 ? 49  CYS A O   1 
ATOM   339  C CB  . CYS A 1 46  ? -1.746  10.766  4.195   1.00 29.25 ? 49  CYS A CB  1 
ATOM   340  S SG  . CYS A 1 46  ? -0.189  10.783  3.238   1.00 29.31 ? 49  CYS A SG  1 
ATOM   341  N N   . GLU A 1 47  ? -2.651  11.535  7.078   1.00 30.54 ? 50  GLU A N   1 
ATOM   342  C CA  . GLU A 1 47  ? -3.663  11.944  8.044   1.00 33.34 ? 50  GLU A CA  1 
ATOM   343  C C   . GLU A 1 47  ? -5.054  11.495  7.622   1.00 32.33 ? 50  GLU A C   1 
ATOM   344  O O   . GLU A 1 47  ? -5.444  11.639  6.461   1.00 32.70 ? 50  GLU A O   1 
ATOM   345  C CB  . GLU A 1 47  ? -3.644  13.464  8.231   1.00 34.87 ? 50  GLU A CB  1 
ATOM   346  C CG  . GLU A 1 47  ? -2.306  14.002  8.717   1.00 38.87 ? 50  GLU A CG  1 
ATOM   347  C CD  . GLU A 1 47  ? -1.812  13.297  9.968   1.00 41.04 ? 50  GLU A CD  1 
ATOM   348  O OE1 . GLU A 1 47  ? -2.532  13.323  10.991  1.00 41.73 ? 50  GLU A OE1 1 
ATOM   349  O OE2 . GLU A 1 47  ? -0.702  12.718  9.929   1.00 41.99 ? 50  GLU A OE2 1 
ATOM   350  N N   . ALA A 1 48  ? -5.790  10.938  8.576   1.00 30.89 ? 51  ALA A N   1 
ATOM   351  C CA  . ALA A 1 48  ? -7.138  10.456  8.330   1.00 30.92 ? 51  ALA A CA  1 
ATOM   352  C C   . ALA A 1 48  ? -7.979  11.507  7.613   1.00 31.85 ? 51  ALA A C   1 
ATOM   353  O O   . ALA A 1 48  ? -7.700  12.707  7.693   1.00 31.08 ? 51  ALA A O   1 
ATOM   354  C CB  . ALA A 1 48  ? -7.798  10.074  9.651   1.00 30.95 ? 51  ALA A CB  1 
ATOM   355  N N   . THR A 1 49  ? -9.002  11.045  6.903   1.00 30.16 ? 52  THR A N   1 
ATOM   356  C CA  . THR A 1 49  ? -9.908  11.929  6.186   1.00 31.39 ? 52  THR A CA  1 
ATOM   357  C C   . THR A 1 49  ? -11.336 11.399  6.271   1.00 31.89 ? 52  THR A C   1 
ATOM   358  O O   . THR A 1 49  ? -12.030 11.638  7.259   1.00 33.65 ? 52  THR A O   1 
ATOM   359  C CB  . THR A 1 49  ? -9.504  12.088  4.700   1.00 30.92 ? 52  THR A CB  1 
ATOM   360  O OG1 . THR A 1 49  ? -9.263  10.798  4.122   1.00 31.71 ? 52  THR A OG1 1 
ATOM   361  C CG2 . THR A 1 49  ? -8.251  12.941  4.575   1.00 30.60 ? 52  THR A CG2 1 
ATOM   362  N N   . TYR A 1 50  ? -11.771 10.671  5.248   1.00 30.66 ? 53  TYR A N   1 
ATOM   363  C CA  . TYR A 1 50  ? -13.125 10.119  5.223   1.00 31.38 ? 53  TYR A CA  1 
ATOM   364  C C   . TYR A 1 50  ? -13.397 9.193   6.412   1.00 32.47 ? 53  TYR A C   1 
ATOM   365  O O   . TYR A 1 50  ? -12.466 8.676   7.032   1.00 32.31 ? 53  TYR A O   1 
ATOM   366  C CB  . TYR A 1 50  ? -13.358 9.365   3.906   1.00 27.65 ? 53  TYR A CB  1 
ATOM   367  C CG  . TYR A 1 50  ? -12.409 8.205   3.674   1.00 26.92 ? 53  TYR A CG  1 
ATOM   368  C CD1 . TYR A 1 50  ? -12.695 6.930   4.171   1.00 25.35 ? 53  TYR A CD1 1 
ATOM   369  C CD2 . TYR A 1 50  ? -11.221 8.384   2.959   1.00 25.09 ? 53  TYR A CD2 1 
ATOM   370  C CE1 . TYR A 1 50  ? -11.819 5.855   3.960   1.00 25.91 ? 53  TYR A CE1 1 
ATOM   371  C CE2 . TYR A 1 50  ? -10.341 7.324   2.744   1.00 25.92 ? 53  TYR A CE2 1 
ATOM   372  C CZ  . TYR A 1 50  ? -10.644 6.062   3.242   1.00 25.01 ? 53  TYR A CZ  1 
ATOM   373  O OH  . TYR A 1 50  ? -9.782  5.010   3.008   1.00 25.10 ? 53  TYR A OH  1 
ATOM   374  N N   . ASP A 1 51  ? -14.678 8.990   6.718   1.00 32.91 ? 54  ASP A N   1 
ATOM   375  C CA  . ASP A 1 51  ? -15.095 8.128   7.823   1.00 34.04 ? 54  ASP A CA  1 
ATOM   376  C C   . ASP A 1 51  ? -15.038 6.670   7.380   1.00 34.15 ? 54  ASP A C   1 
ATOM   377  O O   . ASP A 1 51  ? -15.474 6.328   6.278   1.00 34.52 ? 54  ASP A O   1 
ATOM   378  C CB  . ASP A 1 51  ? -16.516 8.503   8.270   1.00 35.54 ? 54  ASP A CB  1 
ATOM   379  C CG  . ASP A 1 51  ? -17.021 7.641   9.416   1.00 37.52 ? 54  ASP A CG  1 
ATOM   380  O OD1 . ASP A 1 51  ? -16.211 7.270   10.297  1.00 38.23 ? 54  ASP A OD1 1 
ATOM   381  O OD2 . ASP A 1 51  ? -18.237 7.347   9.443   1.00 36.20 ? 54  ASP A OD2 1 
ATOM   382  N N   . THR A 1 52  ? -14.505 5.813   8.245   1.00 33.59 ? 55  THR A N   1 
ATOM   383  C CA  . THR A 1 52  ? -14.343 4.395   7.928   1.00 33.93 ? 55  THR A CA  1 
ATOM   384  C C   . THR A 1 52  ? -15.520 3.479   8.251   1.00 32.64 ? 55  THR A C   1 
ATOM   385  O O   . THR A 1 52  ? -15.584 2.354   7.753   1.00 31.66 ? 55  THR A O   1 
ATOM   386  C CB  . THR A 1 52  ? -13.109 3.826   8.640   1.00 34.76 ? 55  THR A CB  1 
ATOM   387  O OG1 . THR A 1 52  ? -13.373 3.728   10.046  1.00 35.49 ? 55  THR A OG1 1 
ATOM   388  C CG2 . THR A 1 52  ? -11.911 4.732   8.422   1.00 35.49 ? 55  THR A CG2 1 
ATOM   389  N N   . THR A 1 53  ? -16.444 3.949   9.084   1.00 32.80 ? 56  THR A N   1 
ATOM   390  C CA  . THR A 1 53  ? -17.601 3.139   9.469   1.00 31.74 ? 56  THR A CA  1 
ATOM   391  C C   . THR A 1 53  ? -18.291 2.468   8.286   1.00 28.56 ? 56  THR A C   1 
ATOM   392  O O   . THR A 1 53  ? -18.600 1.273   8.326   1.00 29.91 ? 56  THR A O   1 
ATOM   393  C CB  . THR A 1 53  ? -18.651 3.987   10.209  1.00 32.48 ? 56  THR A CB  1 
ATOM   394  O OG1 . THR A 1 53  ? -19.091 5.049   9.352   1.00 37.29 ? 56  THR A OG1 1 
ATOM   395  C CG2 . THR A 1 53  ? -18.061 4.581   11.476  1.00 33.67 ? 56  THR A CG2 1 
ATOM   396  N N   . LEU A 1 54  ? -18.535 3.240   7.232   1.00 27.27 ? 57  LEU A N   1 
ATOM   397  C CA  . LEU A 1 54  ? -19.199 2.720   6.041   1.00 25.15 ? 57  LEU A CA  1 
ATOM   398  C C   . LEU A 1 54  ? -18.368 1.685   5.289   1.00 23.83 ? 57  LEU A C   1 
ATOM   399  O O   . LEU A 1 54  ? -18.875 0.644   4.871   1.00 23.17 ? 57  LEU A O   1 
ATOM   400  C CB  . LEU A 1 54  ? -19.549 3.868   5.098   1.00 26.25 ? 57  LEU A CB  1 
ATOM   401  C CG  . LEU A 1 54  ? -20.177 3.468   3.762   1.00 26.37 ? 57  LEU A CG  1 
ATOM   402  C CD1 . LEU A 1 54  ? -21.407 2.612   4.003   1.00 28.13 ? 57  LEU A CD1 1 
ATOM   403  C CD2 . LEU A 1 54  ? -20.530 4.724   2.976   1.00 26.99 ? 57  LEU A CD2 1 
ATOM   404  N N   . VAL A 1 55  ? -17.089 1.986   5.101   1.00 22.46 ? 58  VAL A N   1 
ATOM   405  C CA  . VAL A 1 55  ? -16.196 1.077   4.403   1.00 21.37 ? 58  VAL A CA  1 
ATOM   406  C C   . VAL A 1 55  ? -16.141 -0.268  5.121   1.00 23.14 ? 58  VAL A C   1 
ATOM   407  O O   . VAL A 1 55  ? -16.271 -1.318  4.501   1.00 22.29 ? 58  VAL A O   1 
ATOM   408  C CB  . VAL A 1 55  ? -14.771 1.662   4.321   1.00 21.62 ? 58  VAL A CB  1 
ATOM   409  C CG1 . VAL A 1 55  ? -13.823 0.649   3.696   1.00 21.90 ? 58  VAL A CG1 1 
ATOM   410  C CG2 . VAL A 1 55  ? -14.796 2.947   3.506   1.00 22.24 ? 58  VAL A CG2 1 
ATOM   411  N N   . GLU A 1 56  ? -15.960 -0.227  6.437   1.00 24.77 ? 59  GLU A N   1 
ATOM   412  C CA  . GLU A 1 56  ? -15.880 -1.450  7.228   1.00 29.45 ? 59  GLU A CA  1 
ATOM   413  C C   . GLU A 1 56  ? -17.148 -2.281  7.085   1.00 30.45 ? 59  GLU A C   1 
ATOM   414  O O   . GLU A 1 56  ? -17.086 -3.498  6.913   1.00 30.83 ? 59  GLU A O   1 
ATOM   415  C CB  . GLU A 1 56  ? -15.650 -1.115  8.703   1.00 28.71 ? 59  GLU A CB  1 
ATOM   416  C CG  . GLU A 1 56  ? -14.428 -0.247  8.969   1.00 30.83 ? 59  GLU A CG  1 
ATOM   417  C CD  . GLU A 1 56  ? -13.398 -0.931  9.851   1.00 31.92 ? 59  GLU A CD  1 
ATOM   418  O OE1 . GLU A 1 56  ? -13.790 -1.538  10.870  1.00 33.68 ? 59  GLU A OE1 1 
ATOM   419  O OE2 . GLU A 1 56  ? -12.193 -0.855  9.533   1.00 32.80 ? 59  GLU A OE2 1 
ATOM   420  N N   . LYS A 1 57  ? -18.297 -1.616  7.154   1.00 32.33 ? 60  LYS A N   1 
ATOM   421  C CA  . LYS A 1 57  ? -19.581 -2.297  7.032   1.00 34.59 ? 60  LYS A CA  1 
ATOM   422  C C   . LYS A 1 57  ? -19.699 -3.095  5.737   1.00 35.40 ? 60  LYS A C   1 
ATOM   423  O O   . LYS A 1 57  ? -20.491 -4.030  5.651   1.00 36.95 ? 60  LYS A O   1 
ATOM   424  C CB  . LYS A 1 57  ? -20.726 -1.285  7.111   1.00 36.76 ? 60  LYS A CB  1 
ATOM   425  C CG  . LYS A 1 57  ? -20.848 -0.580  8.454   1.00 38.52 ? 60  LYS A CG  1 
ATOM   426  C CD  . LYS A 1 57  ? -20.994 -1.582  9.590   1.00 38.94 ? 60  LYS A CD  1 
ATOM   427  C CE  . LYS A 1 57  ? -21.376 -0.895  10.886  1.00 38.16 ? 60  LYS A CE  1 
ATOM   428  N NZ  . LYS A 1 57  ? -22.692 -0.209  10.751  1.00 40.64 ? 60  LYS A NZ  1 
ATOM   429  N N   . GLU A 1 58  ? -18.910 -2.721  4.734   1.00 33.50 ? 61  GLU A N   1 
ATOM   430  C CA  . GLU A 1 58  ? -18.922 -3.399  3.442   1.00 34.23 ? 61  GLU A CA  1 
ATOM   431  C C   . GLU A 1 58  ? -17.921 -4.554  3.373   1.00 33.20 ? 61  GLU A C   1 
ATOM   432  O O   . GLU A 1 58  ? -17.739 -5.162  2.318   1.00 33.46 ? 61  GLU A O   1 
ATOM   433  C CB  . GLU A 1 58  ? -18.613 -2.398  2.326   1.00 35.42 ? 61  GLU A CB  1 
ATOM   434  C CG  . GLU A 1 58  ? -19.725 -1.399  2.063   1.00 39.54 ? 61  GLU A CG  1 
ATOM   435  C CD  . GLU A 1 58  ? -20.870 -2.002  1.274   1.00 40.75 ? 61  GLU A CD  1 
ATOM   436  O OE1 . GLU A 1 58  ? -21.438 -3.019  1.725   1.00 43.50 ? 61  GLU A OE1 1 
ATOM   437  O OE2 . GLU A 1 58  ? -21.201 -1.456  0.198   1.00 45.05 ? 61  GLU A OE2 1 
ATOM   438  N N   . GLY A 1 59  ? -17.263 -4.846  4.488   1.00 31.73 ? 62  GLY A N   1 
ATOM   439  C CA  . GLY A 1 59  ? -16.302 -5.934  4.504   1.00 33.39 ? 62  GLY A CA  1 
ATOM   440  C C   . GLY A 1 59  ? -14.854 -5.544  4.248   1.00 32.95 ? 62  GLY A C   1 
ATOM   441  O O   . GLY A 1 59  ? -14.005 -6.416  4.040   1.00 32.99 ? 62  GLY A O   1 
ATOM   442  N N   . ILE A 1 60  ? -14.568 -4.244  4.257   1.00 32.28 ? 63  ILE A N   1 
ATOM   443  C CA  . ILE A 1 60  ? -13.205 -3.766  4.035   1.00 30.40 ? 63  ILE A CA  1 
ATOM   444  C C   . ILE A 1 60  ? -12.670 -3.128  5.314   1.00 27.81 ? 63  ILE A C   1 
ATOM   445  O O   . ILE A 1 60  ? -13.211 -2.127  5.789   1.00 27.28 ? 63  ILE A O   1 
ATOM   446  C CB  . ILE A 1 60  ? -13.140 -2.710  2.913   1.00 31.85 ? 63  ILE A CB  1 
ATOM   447  C CG1 . ILE A 1 60  ? -13.919 -3.193  1.687   1.00 32.55 ? 63  ILE A CG1 1 
ATOM   448  C CG2 . ILE A 1 60  ? -11.680 -2.427  2.556   1.00 28.53 ? 63  ILE A CG2 1 
ATOM   449  C CD1 . ILE A 1 60  ? -13.452 -4.517  1.149   1.00 36.19 ? 63  ILE A CD1 1 
ATOM   450  N N   . HIS A 1 61  ? -11.610 -3.704  5.869   1.00 25.22 ? 64  HIS A N   1 
ATOM   451  C CA  . HIS A 1 61  ? -11.035 -3.173  7.097   1.00 24.17 ? 64  HIS A CA  1 
ATOM   452  C C   . HIS A 1 61  ? -10.068 -2.031  6.776   1.00 23.71 ? 64  HIS A C   1 
ATOM   453  O O   . HIS A 1 61  ? -9.264  -2.137  5.848   1.00 21.78 ? 64  HIS A O   1 
ATOM   454  C CB  . HIS A 1 61  ? -10.295 -4.277  7.858   1.00 27.31 ? 64  HIS A CB  1 
ATOM   455  C CG  . HIS A 1 61  ? -10.177 -4.015  9.327   1.00 28.09 ? 64  HIS A CG  1 
ATOM   456  N ND1 . HIS A 1 61  ? -11.184 -4.319  10.217  1.00 29.49 ? 64  HIS A ND1 1 
ATOM   457  C CD2 . HIS A 1 61  ? -9.197  -3.427  10.054  1.00 30.38 ? 64  HIS A CD2 1 
ATOM   458  C CE1 . HIS A 1 61  ? -10.830 -3.928  11.429  1.00 30.07 ? 64  HIS A CE1 1 
ATOM   459  N NE2 . HIS A 1 61  ? -9.628  -3.384  11.359  1.00 30.35 ? 64  HIS A NE2 1 
ATOM   460  N N   . VAL A 1 62  ? -10.139 -0.948  7.547   1.00 22.02 ? 65  VAL A N   1 
ATOM   461  C CA  . VAL A 1 62  ? -9.270  0.206   7.319   1.00 21.97 ? 65  VAL A CA  1 
ATOM   462  C C   . VAL A 1 62  ? -8.207  0.327   8.404   1.00 23.88 ? 65  VAL A C   1 
ATOM   463  O O   . VAL A 1 62  ? -8.516  0.291   9.596   1.00 27.24 ? 65  VAL A O   1 
ATOM   464  C CB  . VAL A 1 62  ? -10.080 1.527   7.283   1.00 21.64 ? 65  VAL A CB  1 
ATOM   465  C CG1 . VAL A 1 62  ? -9.152  2.711   6.971   1.00 18.77 ? 65  VAL A CG1 1 
ATOM   466  C CG2 . VAL A 1 62  ? -11.193 1.430   6.249   1.00 21.71 ? 65  VAL A CG2 1 
ATOM   467  N N   . LEU A 1 63  ? -6.954  0.471   7.983   1.00 22.62 ? 66  LEU A N   1 
ATOM   468  C CA  . LEU A 1 63  ? -5.840  0.604   8.911   1.00 22.95 ? 66  LEU A CA  1 
ATOM   469  C C   . LEU A 1 63  ? -5.237  2.001   8.807   1.00 23.38 ? 66  LEU A C   1 
ATOM   470  O O   . LEU A 1 63  ? -4.866  2.451   7.726   1.00 22.87 ? 66  LEU A O   1 
ATOM   471  C CB  . LEU A 1 63  ? -4.769  -0.447  8.604   1.00 25.69 ? 66  LEU A CB  1 
ATOM   472  C CG  . LEU A 1 63  ? -5.170  -1.905  8.837   1.00 26.12 ? 66  LEU A CG  1 
ATOM   473  C CD1 . LEU A 1 63  ? -4.227  -2.836  8.110   1.00 26.17 ? 66  LEU A CD1 1 
ATOM   474  C CD2 . LEU A 1 63  ? -5.161  -2.186  10.322  1.00 28.86 ? 66  LEU A CD2 1 
ATOM   475  N N   . ASP A 1 64  ? -5.145  2.687   9.939   1.00 23.40 ? 67  ASP A N   1 
ATOM   476  C CA  . ASP A 1 64  ? -4.586  4.027   9.961   1.00 23.35 ? 67  ASP A CA  1 
ATOM   477  C C   . ASP A 1 64  ? -3.178  4.064   10.554  1.00 23.80 ? 67  ASP A C   1 
ATOM   478  O O   . ASP A 1 64  ? -3.011  4.074   11.775  1.00 22.78 ? 67  ASP A O   1 
ATOM   479  C CB  . ASP A 1 64  ? -5.517  4.961   10.741  1.00 27.07 ? 67  ASP A CB  1 
ATOM   480  C CG  . ASP A 1 64  ? -6.730  5.379   9.928   1.00 27.67 ? 67  ASP A CG  1 
ATOM   481  O OD1 . ASP A 1 64  ? -6.529  5.969   8.851   1.00 29.28 ? 67  ASP A OD1 1 
ATOM   482  O OD2 . ASP A 1 64  ? -7.876  5.121   10.353  1.00 30.10 ? 67  ASP A OD2 1 
ATOM   483  N N   . TRP A 1 65  ? -2.174  4.069   9.676   1.00 22.07 ? 68  TRP A N   1 
ATOM   484  C CA  . TRP A 1 65  ? -0.762  4.127   10.071  1.00 22.88 ? 68  TRP A CA  1 
ATOM   485  C C   . TRP A 1 65  ? -0.076  5.266   9.306   1.00 23.26 ? 68  TRP A C   1 
ATOM   486  O O   . TRP A 1 65  ? 0.706   5.027   8.392   1.00 23.55 ? 68  TRP A O   1 
ATOM   487  C CB  . TRP A 1 65  ? -0.031  2.824   9.730   1.00 21.97 ? 68  TRP A CB  1 
ATOM   488  C CG  . TRP A 1 65  ? -0.619  1.572   10.313  1.00 20.92 ? 68  TRP A CG  1 
ATOM   489  C CD1 . TRP A 1 65  ? -1.318  1.450   11.480  1.00 21.58 ? 68  TRP A CD1 1 
ATOM   490  C CD2 . TRP A 1 65  ? -0.515  0.251   9.766   1.00 20.85 ? 68  TRP A CD2 1 
ATOM   491  N NE1 . TRP A 1 65  ? -1.658  0.132   11.694  1.00 21.14 ? 68  TRP A NE1 1 
ATOM   492  C CE2 . TRP A 1 65  ? -1.176  -0.625  10.657  1.00 20.66 ? 68  TRP A CE2 1 
ATOM   493  C CE3 . TRP A 1 65  ? 0.075   -0.280  8.609   1.00 20.47 ? 68  TRP A CE3 1 
ATOM   494  C CZ2 . TRP A 1 65  ? -1.264  -2.005  10.427  1.00 18.53 ? 68  TRP A CZ2 1 
ATOM   495  C CZ3 . TRP A 1 65  ? -0.012  -1.655  8.381   1.00 17.07 ? 68  TRP A CZ3 1 
ATOM   496  C CH2 . TRP A 1 65  ? -0.676  -2.497  9.286   1.00 17.02 ? 68  TRP A CH2 1 
ATOM   497  N N   . PRO A 1 66  ? -0.338  6.520   9.687   1.00 25.03 ? 69  PRO A N   1 
ATOM   498  C CA  . PRO A 1 66  ? 0.290   7.635   8.973   1.00 25.71 ? 69  PRO A CA  1 
ATOM   499  C C   . PRO A 1 66  ? 1.797   7.791   9.165   1.00 25.95 ? 69  PRO A C   1 
ATOM   500  O O   . PRO A 1 66  ? 2.337   7.480   10.227  1.00 25.03 ? 69  PRO A O   1 
ATOM   501  C CB  . PRO A 1 66  ? -0.477  8.842   9.490   1.00 25.39 ? 69  PRO A CB  1 
ATOM   502  C CG  . PRO A 1 66  ? -0.745  8.453   10.919  1.00 28.66 ? 69  PRO A CG  1 
ATOM   503  C CD  . PRO A 1 66  ? -1.182  7.005   10.793  1.00 25.70 ? 69  PRO A CD  1 
ATOM   504  N N   . PHE A 1 67  ? 2.470   8.257   8.117   1.00 25.72 ? 70  PHE A N   1 
ATOM   505  C CA  . PHE A 1 67  ? 3.908   8.513   8.185   1.00 26.48 ? 70  PHE A CA  1 
ATOM   506  C C   . PHE A 1 67  ? 3.969   9.944   8.706   1.00 27.23 ? 70  PHE A C   1 
ATOM   507  O O   . PHE A 1 67  ? 2.972   10.658  8.656   1.00 26.14 ? 70  PHE A O   1 
ATOM   508  C CB  . PHE A 1 67  ? 4.544   8.528   6.789   1.00 26.47 ? 70  PHE A CB  1 
ATOM   509  C CG  . PHE A 1 67  ? 4.426   7.241   6.026   1.00 25.22 ? 70  PHE A CG  1 
ATOM   510  C CD1 . PHE A 1 67  ? 4.895   7.174   4.715   1.00 25.65 ? 70  PHE A CD1 1 
ATOM   511  C CD2 . PHE A 1 67  ? 3.877   6.099   6.601   1.00 25.60 ? 70  PHE A CD2 1 
ATOM   512  C CE1 . PHE A 1 67  ? 4.820   5.996   3.985   1.00 24.88 ? 70  PHE A CE1 1 
ATOM   513  C CE2 . PHE A 1 67  ? 3.796   4.909   5.877   1.00 27.94 ? 70  PHE A CE2 1 
ATOM   514  C CZ  . PHE A 1 67  ? 4.272   4.860   4.564   1.00 26.78 ? 70  PHE A CZ  1 
ATOM   515  N N   . ASP A 1 68  ? 5.107   10.379  9.224   1.00 28.58 ? 71  ASP A N   1 
ATOM   516  C CA  . ASP A 1 68  ? 5.168   11.775  9.627   1.00 30.76 ? 71  ASP A CA  1 
ATOM   517  C C   . ASP A 1 68  ? 5.673   12.467  8.366   1.00 30.61 ? 71  ASP A C   1 
ATOM   518  O O   . ASP A 1 68  ? 6.817   12.282  7.957   1.00 30.06 ? 71  ASP A O   1 
ATOM   519  C CB  . ASP A 1 68  ? 6.098   12.003  10.833  1.00 34.20 ? 71  ASP A CB  1 
ATOM   520  C CG  . ASP A 1 68  ? 7.415   11.274  10.722  1.00 37.83 ? 71  ASP A CG  1 
ATOM   521  O OD1 . ASP A 1 68  ? 8.260   11.466  11.623  1.00 42.74 ? 71  ASP A OD1 1 
ATOM   522  O OD2 . ASP A 1 68  ? 7.613   10.512  9.757   1.00 41.77 ? 71  ASP A OD2 1 
ATOM   523  N N   . ASP A 1 69  ? 4.782   13.222  7.730   1.00 32.19 ? 72  ASP A N   1 
ATOM   524  C CA  . ASP A 1 69  ? 5.077   13.928  6.484   1.00 33.85 ? 72  ASP A CA  1 
ATOM   525  C C   . ASP A 1 69  ? 5.717   12.993  5.450   1.00 32.56 ? 72  ASP A C   1 
ATOM   526  O O   . ASP A 1 69  ? 5.423   11.798  5.423   1.00 33.52 ? 72  ASP A O   1 
ATOM   527  C CB  . ASP A 1 69  ? 5.967   15.164  6.740   1.00 35.56 ? 72  ASP A CB  1 
ATOM   528  C CG  . ASP A 1 69  ? 7.457   14.854  6.693   1.00 39.22 ? 72  ASP A CG  1 
ATOM   529  O OD1 . ASP A 1 69  ? 7.995   14.274  7.665   1.00 40.16 ? 72  ASP A OD1 1 
ATOM   530  O OD2 . ASP A 1 69  ? 8.093   15.201  5.670   1.00 40.02 ? 72  ASP A OD2 1 
ATOM   531  N N   . GLY A 1 70  ? 6.574   13.538  4.592   1.00 32.30 ? 73  GLY A N   1 
ATOM   532  C CA  . GLY A 1 70  ? 7.220   12.731  3.571   1.00 30.88 ? 73  GLY A CA  1 
ATOM   533  C C   . GLY A 1 70  ? 8.384   11.887  4.059   1.00 29.98 ? 73  GLY A C   1 
ATOM   534  O O   . GLY A 1 70  ? 9.181   11.404  3.255   1.00 30.64 ? 73  GLY A O   1 
ATOM   535  N N   . ALA A 1 71  ? 8.498   11.706  5.369   1.00 29.10 ? 74  ALA A N   1 
ATOM   536  C CA  . ALA A 1 71  ? 9.583   10.898  5.917   1.00 28.87 ? 74  ALA A CA  1 
ATOM   537  C C   . ALA A 1 71  ? 9.301   9.415   5.696   1.00 28.58 ? 74  ALA A C   1 
ATOM   538  O O   . ALA A 1 71  ? 8.146   9.009   5.542   1.00 27.12 ? 74  ALA A O   1 
ATOM   539  C CB  . ALA A 1 71  ? 9.747   11.175  7.404   1.00 27.04 ? 74  ALA A CB  1 
ATOM   540  N N   . PRO A 1 72  ? 10.357  8.588   5.645   1.00 28.87 ? 75  PRO A N   1 
ATOM   541  C CA  . PRO A 1 72  ? 10.174  7.148   5.445   1.00 28.85 ? 75  PRO A CA  1 
ATOM   542  C C   . PRO A 1 72  ? 9.292   6.572   6.549   1.00 27.85 ? 75  PRO A C   1 
ATOM   543  O O   . PRO A 1 72  ? 9.203   7.131   7.641   1.00 27.57 ? 75  PRO A O   1 
ATOM   544  C CB  . PRO A 1 72  ? 11.600  6.616   5.505   1.00 29.24 ? 75  PRO A CB  1 
ATOM   545  C CG  . PRO A 1 72  ? 12.374  7.717   4.860   1.00 28.94 ? 75  PRO A CG  1 
ATOM   546  C CD  . PRO A 1 72  ? 11.778  8.956   5.512   1.00 29.90 ? 75  PRO A CD  1 
ATOM   547  N N   . PRO A 1 73  ? 8.618   5.448   6.280   1.00 27.52 ? 76  PRO A N   1 
ATOM   548  C CA  . PRO A 1 73  ? 7.774   4.895   7.339   1.00 26.65 ? 76  PRO A CA  1 
ATOM   549  C C   . PRO A 1 73  ? 8.607   4.518   8.556   1.00 26.46 ? 76  PRO A C   1 
ATOM   550  O O   . PRO A 1 73  ? 9.784   4.167   8.427   1.00 25.85 ? 76  PRO A O   1 
ATOM   551  C CB  . PRO A 1 73  ? 7.129   3.687   6.668   1.00 28.09 ? 76  PRO A CB  1 
ATOM   552  C CG  . PRO A 1 73  ? 8.154   3.271   5.653   1.00 29.20 ? 76  PRO A CG  1 
ATOM   553  C CD  . PRO A 1 73  ? 8.617   4.584   5.088   1.00 28.75 ? 76  PRO A CD  1 
ATOM   554  N N   . SER A 1 74  ? 8.001   4.602   9.736   1.00 25.14 ? 77  SER A N   1 
ATOM   555  C CA  . SER A 1 74  ? 8.700   4.259   10.967  1.00 24.30 ? 77  SER A CA  1 
ATOM   556  C C   . SER A 1 74  ? 8.951   2.766   10.975  1.00 23.07 ? 77  SER A C   1 
ATOM   557  O O   . SER A 1 74  ? 8.369   2.031   10.175  1.00 22.73 ? 77  SER A O   1 
ATOM   558  C CB  . SER A 1 74  ? 7.857   4.628   12.186  1.00 25.59 ? 77  SER A CB  1 
ATOM   559  O OG  . SER A 1 74  ? 6.717   3.795   12.270  1.00 22.96 ? 77  SER A OG  1 
ATOM   560  N N   . ASN A 1 75  ? 9.813   2.313   11.877  1.00 21.41 ? 78  ASN A N   1 
ATOM   561  C CA  . ASN A 1 75  ? 10.107  0.895   11.973  1.00 22.55 ? 78  ASN A CA  1 
ATOM   562  C C   . ASN A 1 75  ? 8.841   0.145   12.364  1.00 21.35 ? 78  ASN A C   1 
ATOM   563  O O   . ASN A 1 75  ? 8.593   -0.957  11.884  1.00 20.61 ? 78  ASN A O   1 
ATOM   564  C CB  . ASN A 1 75  ? 11.219  0.646   13.000  1.00 23.10 ? 78  ASN A CB  1 
ATOM   565  C CG  . ASN A 1 75  ? 12.607  0.750   12.391  1.00 25.77 ? 78  ASN A CG  1 
ATOM   566  O OD1 . ASN A 1 75  ? 12.789  1.361   11.336  1.00 26.02 ? 78  ASN A OD1 1 
ATOM   567  N ND2 . ASN A 1 75  ? 13.596  0.160   13.058  1.00 26.42 ? 78  ASN A ND2 1 
ATOM   568  N N   . GLN A 1 76  ? 8.036   0.756   13.227  1.00 21.73 ? 79  GLN A N   1 
ATOM   569  C CA  . GLN A 1 76  ? 6.793   0.138   13.674  1.00 22.69 ? 79  GLN A CA  1 
ATOM   570  C C   . GLN A 1 76  ? 5.824   -0.076  12.510  1.00 21.08 ? 79  GLN A C   1 
ATOM   571  O O   . GLN A 1 76  ? 5.216   -1.136  12.392  1.00 20.69 ? 79  GLN A O   1 
ATOM   572  C CB  . GLN A 1 76  ? 6.126   0.997   14.761  1.00 24.66 ? 79  GLN A CB  1 
ATOM   573  C CG  . GLN A 1 76  ? 4.798   0.443   15.258  1.00 27.62 ? 79  GLN A CG  1 
ATOM   574  C CD  . GLN A 1 76  ? 4.279   1.152   16.495  1.00 30.14 ? 79  GLN A CD  1 
ATOM   575  O OE1 . GLN A 1 76  ? 4.870   1.062   17.574  1.00 33.00 ? 79  GLN A OE1 1 
ATOM   576  N NE2 . GLN A 1 76  ? 3.171   1.861   16.345  1.00 29.50 ? 79  GLN A NE2 1 
ATOM   577  N N   . ILE A 1 77  ? 5.686   0.923   11.647  1.00 22.60 ? 80  ILE A N   1 
ATOM   578  C CA  . ILE A 1 77  ? 4.783   0.801   10.507  1.00 22.65 ? 80  ILE A CA  1 
ATOM   579  C C   . ILE A 1 77  ? 5.303   -0.207  9.489   1.00 22.15 ? 80  ILE A C   1 
ATOM   580  O O   . ILE A 1 77  ? 4.531   -0.973  8.909   1.00 20.52 ? 80  ILE A O   1 
ATOM   581  C CB  . ILE A 1 77  ? 4.577   2.152   9.810   1.00 24.97 ? 80  ILE A CB  1 
ATOM   582  C CG1 . ILE A 1 77  ? 3.962   3.145   10.796  1.00 25.64 ? 80  ILE A CG1 1 
ATOM   583  C CG2 . ILE A 1 77  ? 3.680   1.978   8.592   1.00 25.97 ? 80  ILE A CG2 1 
ATOM   584  C CD1 . ILE A 1 77  ? 3.738   4.511   10.215  1.00 29.21 ? 80  ILE A CD1 1 
ATOM   585  N N   . VAL A 1 78  ? 6.612   -0.205  9.259   1.00 20.56 ? 81  VAL A N   1 
ATOM   586  C CA  . VAL A 1 78  ? 7.183   -1.155  8.317   1.00 19.94 ? 81  VAL A CA  1 
ATOM   587  C C   . VAL A 1 78  ? 6.944   -2.571  8.844   1.00 21.45 ? 81  VAL A C   1 
ATOM   588  O O   . VAL A 1 78  ? 6.567   -3.466  8.088   1.00 20.97 ? 81  VAL A O   1 
ATOM   589  C CB  . VAL A 1 78  ? 8.691   -0.926  8.132   1.00 19.66 ? 81  VAL A CB  1 
ATOM   590  C CG1 . VAL A 1 78  ? 9.291   -2.059  7.324   1.00 18.75 ? 81  VAL A CG1 1 
ATOM   591  C CG2 . VAL A 1 78  ? 8.923   0.400   7.422   1.00 21.74 ? 81  VAL A CG2 1 
ATOM   592  N N   . ASP A 1 79  ? 7.163   -2.768  10.142  1.00 20.18 ? 82  ASP A N   1 
ATOM   593  C CA  . ASP A 1 79  ? 6.944   -4.081  10.751  1.00 21.72 ? 82  ASP A CA  1 
ATOM   594  C C   . ASP A 1 79  ? 5.494   -4.537  10.579  1.00 19.59 ? 82  ASP A C   1 
ATOM   595  O O   . ASP A 1 79  ? 5.238   -5.636  10.094  1.00 18.91 ? 82  ASP A O   1 
ATOM   596  C CB  . ASP A 1 79  ? 7.267   -4.054  12.248  1.00 22.03 ? 82  ASP A CB  1 
ATOM   597  C CG  . ASP A 1 79  ? 8.756   -4.079  12.535  1.00 25.03 ? 82  ASP A CG  1 
ATOM   598  O OD1 . ASP A 1 79  ? 9.557   -4.244  11.588  1.00 24.79 ? 82  ASP A OD1 1 
ATOM   599  O OD2 . ASP A 1 79  ? 9.121   -3.943  13.724  1.00 24.86 ? 82  ASP A OD2 1 
ATOM   600  N N   . ASP A 1 80  ? 4.547   -3.693  10.978  1.00 19.21 ? 83  ASP A N   1 
ATOM   601  C CA  . ASP A 1 80  ? 3.135   -4.054  10.874  1.00 19.37 ? 83  ASP A CA  1 
ATOM   602  C C   . ASP A 1 80  ? 2.685   -4.245  9.429   1.00 17.61 ? 83  ASP A C   1 
ATOM   603  O O   . ASP A 1 80  ? 1.856   -5.115  9.144   1.00 14.72 ? 83  ASP A O   1 
ATOM   604  C CB  . ASP A 1 80  ? 2.245   -3.005  11.560  1.00 19.28 ? 83  ASP A CB  1 
ATOM   605  C CG  . ASP A 1 80  ? 2.437   -2.972  13.069  1.00 22.65 ? 83  ASP A CG  1 
ATOM   606  O OD1 . ASP A 1 80  ? 2.727   -4.037  13.657  1.00 23.60 ? 83  ASP A OD1 1 
ATOM   607  O OD2 . ASP A 1 80  ? 2.279   -1.886  13.672  1.00 25.16 ? 83  ASP A OD2 1 
ATOM   608  N N   . TRP A 1 81  ? 3.229   -3.440  8.520   1.00 17.60 ? 84  TRP A N   1 
ATOM   609  C CA  . TRP A 1 81  ? 2.871   -3.552  7.108   1.00 17.73 ? 84  TRP A CA  1 
ATOM   610  C C   . TRP A 1 81  ? 3.300   -4.901  6.547   1.00 18.39 ? 84  TRP A C   1 
ATOM   611  O O   . TRP A 1 81  ? 2.524   -5.568  5.862   1.00 16.52 ? 84  TRP A O   1 
ATOM   612  C CB  . TRP A 1 81  ? 3.508   -2.425  6.291   1.00 16.62 ? 84  TRP A CB  1 
ATOM   613  C CG  . TRP A 1 81  ? 3.497   -2.680  4.804   1.00 19.09 ? 84  TRP A CG  1 
ATOM   614  C CD1 . TRP A 1 81  ? 4.571   -2.989  4.019   1.00 19.90 ? 84  TRP A CD1 1 
ATOM   615  C CD2 . TRP A 1 81  ? 2.356   -2.666  3.933   1.00 19.90 ? 84  TRP A CD2 1 
ATOM   616  N NE1 . TRP A 1 81  ? 4.172   -3.165  2.714   1.00 22.37 ? 84  TRP A NE1 1 
ATOM   617  C CE2 . TRP A 1 81  ? 2.817   -2.973  2.634   1.00 22.25 ? 84  TRP A CE2 1 
ATOM   618  C CE3 . TRP A 1 81  ? 0.989   -2.424  4.126   1.00 21.37 ? 84  TRP A CE3 1 
ATOM   619  C CZ2 . TRP A 1 81  ? 1.956   -3.048  1.524   1.00 22.13 ? 84  TRP A CZ2 1 
ATOM   620  C CZ3 . TRP A 1 81  ? 0.129   -2.496  3.022   1.00 22.17 ? 84  TRP A CZ3 1 
ATOM   621  C CH2 . TRP A 1 81  ? 0.622   -2.806  1.738   1.00 21.20 ? 84  TRP A CH2 1 
ATOM   622  N N   . LEU A 1 82  ? 4.539   -5.299  6.842   1.00 20.14 ? 85  LEU A N   1 
ATOM   623  C CA  . LEU A 1 82  ? 5.064   -6.575  6.368   1.00 19.94 ? 85  LEU A CA  1 
ATOM   624  C C   . LEU A 1 82  ? 4.317   -7.741  7.006   1.00 19.71 ? 85  LEU A C   1 
ATOM   625  O O   . LEU A 1 82  ? 4.133   -8.780  6.381   1.00 21.62 ? 85  LEU A O   1 
ATOM   626  C CB  . LEU A 1 82  ? 6.564   -6.693  6.674   1.00 20.49 ? 85  LEU A CB  1 
ATOM   627  C CG  . LEU A 1 82  ? 7.505   -5.799  5.860   1.00 22.48 ? 85  LEU A CG  1 
ATOM   628  C CD1 . LEU A 1 82  ? 8.945   -6.036  6.307   1.00 23.82 ? 85  LEU A CD1 1 
ATOM   629  C CD2 . LEU A 1 82  ? 7.351   -6.099  4.376   1.00 22.10 ? 85  LEU A CD2 1 
ATOM   630  N N   . SER A 1 83  ? 3.883   -7.561  8.251   1.00 19.28 ? 86  SER A N   1 
ATOM   631  C CA  . SER A 1 83  ? 3.141   -8.604  8.953   1.00 18.13 ? 86  SER A CA  1 
ATOM   632  C C   . SER A 1 83  ? 1.754   -8.743  8.336   1.00 19.20 ? 86  SER A C   1 
ATOM   633  O O   . SER A 1 83  ? 1.240   -9.851  8.176   1.00 18.50 ? 86  SER A O   1 
ATOM   634  C CB  . SER A 1 83  ? 3.004   -8.260  10.438  1.00 16.52 ? 86  SER A CB  1 
ATOM   635  O OG  . SER A 1 83  ? 4.266   -8.207  11.073  1.00 19.67 ? 86  SER A OG  1 
ATOM   636  N N   . LEU A 1 84  ? 1.151   -7.605  7.999   1.00 18.96 ? 87  LEU A N   1 
ATOM   637  C CA  . LEU A 1 84  ? -0.171  -7.585  7.391   1.00 16.94 ? 87  LEU A CA  1 
ATOM   638  C C   . LEU A 1 84  ? -0.126  -8.352  6.082   1.00 17.62 ? 87  LEU A C   1 
ATOM   639  O O   . LEU A 1 84  ? -0.965  -9.209  5.826   1.00 16.67 ? 87  LEU A O   1 
ATOM   640  C CB  . LEU A 1 84  ? -0.604  -6.145  7.122   1.00 16.48 ? 87  LEU A CB  1 
ATOM   641  C CG  . LEU A 1 84  ? -1.947  -5.953  6.411   1.00 16.49 ? 87  LEU A CG  1 
ATOM   642  C CD1 . LEU A 1 84  ? -3.074  -6.415  7.306   1.00 16.88 ? 87  LEU A CD1 1 
ATOM   643  C CD2 . LEU A 1 84  ? -2.113  -4.480  6.047   1.00 16.75 ? 87  LEU A CD2 1 
ATOM   644  N N   . VAL A 1 85  ? 0.866   -8.031  5.256   1.00 17.67 ? 88  VAL A N   1 
ATOM   645  C CA  . VAL A 1 85  ? 1.045   -8.686  3.974   1.00 19.25 ? 88  VAL A CA  1 
ATOM   646  C C   . VAL A 1 85  ? 1.149   -10.196 4.141   1.00 21.28 ? 88  VAL A C   1 
ATOM   647  O O   . VAL A 1 85  ? 0.439   -10.962 3.482   1.00 20.51 ? 88  VAL A O   1 
ATOM   648  C CB  . VAL A 1 85  ? 2.311   -8.158  3.277   1.00 19.30 ? 88  VAL A CB  1 
ATOM   649  C CG1 . VAL A 1 85  ? 2.596   -8.971  2.018   1.00 19.26 ? 88  VAL A CG1 1 
ATOM   650  C CG2 . VAL A 1 85  ? 2.119   -6.681  2.925   1.00 18.27 ? 88  VAL A CG2 1 
ATOM   651  N N   . LYS A 1 86  ? 2.035   -10.614 5.038   1.00 22.87 ? 89  LYS A N   1 
ATOM   652  C CA  . LYS A 1 86  ? 2.245   -12.025 5.305   1.00 23.75 ? 89  LYS A CA  1 
ATOM   653  C C   . LYS A 1 86  ? 0.976   -12.723 5.780   1.00 24.94 ? 89  LYS A C   1 
ATOM   654  O O   . LYS A 1 86  ? 0.660   -13.817 5.315   1.00 24.93 ? 89  LYS A O   1 
ATOM   655  C CB  . LYS A 1 86  ? 3.358   -12.199 6.346   1.00 24.16 ? 89  LYS A CB  1 
ATOM   656  C CG  . LYS A 1 86  ? 3.828   -13.635 6.527   1.00 26.84 ? 89  LYS A CG  1 
ATOM   657  C CD  . LYS A 1 86  ? 5.133   -13.703 7.324   1.00 27.47 ? 89  LYS A CD  1 
ATOM   658  C CE  . LYS A 1 86  ? 5.622   -15.141 7.472   1.00 27.89 ? 89  LYS A CE  1 
ATOM   659  N NZ  . LYS A 1 86  ? 6.909   -15.222 8.231   1.00 29.18 ? 89  LYS A NZ  1 
ATOM   660  N N   . ILE A 1 87  ? 0.231   -12.101 6.690   1.00 24.02 ? 90  ILE A N   1 
ATOM   661  C CA  . ILE A 1 87  ? -0.972  -12.753 7.180   1.00 23.72 ? 90  ILE A CA  1 
ATOM   662  C C   . ILE A 1 87  ? -2.155  -12.688 6.214   1.00 24.07 ? 90  ILE A C   1 
ATOM   663  O O   . ILE A 1 87  ? -2.861  -13.678 6.044   1.00 23.39 ? 90  ILE A O   1 
ATOM   664  C CB  . ILE A 1 87  ? -1.415  -12.204 8.575   1.00 25.88 ? 90  ILE A CB  1 
ATOM   665  C CG1 . ILE A 1 87  ? -2.266  -10.954 8.418   1.00 26.35 ? 90  ILE A CG1 1 
ATOM   666  C CG2 . ILE A 1 87  ? -0.202  -11.928 9.449   1.00 27.43 ? 90  ILE A CG2 1 
ATOM   667  C CD1 . ILE A 1 87  ? -3.727  -11.197 8.732   1.00 25.82 ? 90  ILE A CD1 1 
ATOM   668  N N   . LYS A 1 88  ? -2.365  -11.538 5.572   1.00 23.16 ? 91  LYS A N   1 
ATOM   669  C CA  . LYS A 1 88  ? -3.480  -11.380 4.640   1.00 23.58 ? 91  LYS A CA  1 
ATOM   670  C C   . LYS A 1 88  ? -3.440  -12.305 3.421   1.00 25.02 ? 91  LYS A C   1 
ATOM   671  O O   . LYS A 1 88  ? -4.471  -12.834 3.008   1.00 23.53 ? 91  LYS A O   1 
ATOM   672  C CB  . LYS A 1 88  ? -3.574  -9.927  4.162   1.00 24.12 ? 91  LYS A CB  1 
ATOM   673  C CG  . LYS A 1 88  ? -4.178  -8.965  5.175   1.00 27.35 ? 91  LYS A CG  1 
ATOM   674  C CD  . LYS A 1 88  ? -5.700  -8.897  5.088   1.00 27.95 ? 91  LYS A CD  1 
ATOM   675  C CE  . LYS A 1 88  ? -6.378  -10.232 5.366   1.00 30.07 ? 91  LYS A CE  1 
ATOM   676  N NZ  . LYS A 1 88  ? -7.874  -10.129 5.330   1.00 25.89 ? 91  LYS A NZ  1 
ATOM   677  N N   . PHE A 1 89  ? -2.260  -12.492 2.838   1.00 24.55 ? 92  PHE A N   1 
ATOM   678  C CA  . PHE A 1 89  ? -2.147  -13.345 1.658   1.00 24.45 ? 92  PHE A CA  1 
ATOM   679  C C   . PHE A 1 89  ? -2.072  -14.821 2.003   1.00 25.43 ? 92  PHE A C   1 
ATOM   680  O O   . PHE A 1 89  ? -2.211  -15.683 1.136   1.00 23.25 ? 92  PHE A O   1 
ATOM   681  C CB  . PHE A 1 89  ? -0.938  -12.931 0.816   1.00 24.12 ? 92  PHE A CB  1 
ATOM   682  C CG  . PHE A 1 89  ? -1.100  -11.590 0.160   1.00 24.43 ? 92  PHE A CG  1 
ATOM   683  C CD1 . PHE A 1 89  ? -0.207  -10.557 0.425   1.00 24.53 ? 92  PHE A CD1 1 
ATOM   684  C CD2 . PHE A 1 89  ? -2.170  -11.347 -0.699  1.00 25.36 ? 92  PHE A CD2 1 
ATOM   685  C CE1 . PHE A 1 89  ? -0.375  -9.299  -0.154  1.00 23.76 ? 92  PHE A CE1 1 
ATOM   686  C CE2 . PHE A 1 89  ? -2.348  -10.095 -1.284  1.00 25.10 ? 92  PHE A CE2 1 
ATOM   687  C CZ  . PHE A 1 89  ? -1.447  -9.067  -1.008  1.00 25.21 ? 92  PHE A CZ  1 
ATOM   688  N N   . ARG A 1 90  ? -1.863  -15.112 3.279   1.00 25.82 ? 93  ARG A N   1 
ATOM   689  C CA  . ARG A 1 90  ? -1.795  -16.491 3.716   1.00 29.82 ? 93  ARG A CA  1 
ATOM   690  C C   . ARG A 1 90  ? -3.170  -16.915 4.230   1.00 29.52 ? 93  ARG A C   1 
ATOM   691  O O   . ARG A 1 90  ? -3.520  -18.088 4.170   1.00 31.15 ? 93  ARG A O   1 
ATOM   692  C CB  . ARG A 1 90  ? -0.732  -16.639 4.806   1.00 31.36 ? 93  ARG A CB  1 
ATOM   693  C CG  . ARG A 1 90  ? -0.316  -18.072 5.094   1.00 37.68 ? 93  ARG A CG  1 
ATOM   694  C CD  . ARG A 1 90  ? 1.205   -18.185 5.248   1.00 40.97 ? 93  ARG A CD  1 
ATOM   695  N NE  . ARG A 1 90  ? 1.897   -18.240 3.959   1.00 43.15 ? 93  ARG A NE  1 
ATOM   696  C CZ  . ARG A 1 90  ? 3.214   -18.119 3.806   1.00 44.09 ? 93  ARG A CZ  1 
ATOM   697  N NH1 . ARG A 1 90  ? 3.996   -17.928 4.862   1.00 45.93 ? 93  ARG A NH1 1 
ATOM   698  N NH2 . ARG A 1 90  ? 3.756   -18.194 2.596   1.00 44.84 ? 93  ARG A NH2 1 
ATOM   699  N N   . GLU A 1 91  ? -3.953  -15.957 4.726   1.00 28.85 ? 94  GLU A N   1 
ATOM   700  C CA  . GLU A 1 91  ? -5.288  -16.266 5.240   1.00 27.09 ? 94  GLU A CA  1 
ATOM   701  C C   . GLU A 1 91  ? -6.353  -16.001 4.179   1.00 27.53 ? 94  GLU A C   1 
ATOM   702  O O   . GLU A 1 91  ? -7.474  -16.504 4.272   1.00 27.13 ? 94  GLU A O   1 
ATOM   703  C CB  . GLU A 1 91  ? -5.593  -15.441 6.503   1.00 27.97 ? 94  GLU A CB  1 
ATOM   704  C CG  . GLU A 1 91  ? -6.222  -14.073 6.252   1.00 28.36 ? 94  GLU A CG  1 
ATOM   705  C CD  . GLU A 1 91  ? -6.565  -13.319 7.540   1.00 28.79 ? 94  GLU A CD  1 
ATOM   706  O OE1 . GLU A 1 91  ? -7.329  -12.328 7.468   1.00 25.02 ? 94  GLU A OE1 1 
ATOM   707  O OE2 . GLU A 1 91  ? -6.068  -13.708 8.620   1.00 29.18 ? 94  GLU A OE2 1 
ATOM   708  N N   . GLU A 1 92  ? -5.991  -15.211 3.169   1.00 27.24 ? 95  GLU A N   1 
ATOM   709  C CA  . GLU A 1 92  ? -6.897  -14.866 2.076   1.00 27.75 ? 95  GLU A CA  1 
ATOM   710  C C   . GLU A 1 92  ? -6.129  -14.876 0.756   1.00 27.60 ? 95  GLU A C   1 
ATOM   711  O O   . GLU A 1 92  ? -5.933  -13.835 0.130   1.00 27.44 ? 95  GLU A O   1 
ATOM   712  C CB  . GLU A 1 92  ? -7.492  -13.475 2.313   1.00 28.72 ? 95  GLU A CB  1 
ATOM   713  C CG  . GLU A 1 92  ? -8.993  -13.453 2.531   1.00 30.24 ? 95  GLU A CG  1 
ATOM   714  C CD  . GLU A 1 92  ? -9.478  -12.114 3.049   1.00 32.65 ? 95  GLU A CD  1 
ATOM   715  O OE1 . GLU A 1 92  ? -9.158  -11.081 2.429   1.00 33.54 ? 95  GLU A OE1 1 
ATOM   716  O OE2 . GLU A 1 92  ? -10.182 -12.094 4.082   1.00 35.55 ? 95  GLU A OE2 1 
ATOM   717  N N   . PRO A 1 93  ? -5.684  -16.057 0.313   1.00 27.51 ? 96  PRO A N   1 
ATOM   718  C CA  . PRO A 1 93  ? -4.936  -16.121 -0.944  1.00 26.73 ? 96  PRO A CA  1 
ATOM   719  C C   . PRO A 1 93  ? -5.660  -15.441 -2.099  1.00 26.96 ? 96  PRO A C   1 
ATOM   720  O O   . PRO A 1 93  ? -6.881  -15.567 -2.246  1.00 26.29 ? 96  PRO A O   1 
ATOM   721  C CB  . PRO A 1 93  ? -4.772  -17.622 -1.171  1.00 27.80 ? 96  PRO A CB  1 
ATOM   722  C CG  . PRO A 1 93  ? -4.742  -18.172 0.233   1.00 27.59 ? 96  PRO A CG  1 
ATOM   723  C CD  . PRO A 1 93  ? -5.860  -17.401 0.893   1.00 26.16 ? 96  PRO A CD  1 
ATOM   724  N N   . GLY A 1 94  ? -4.903  -14.704 -2.907  1.00 26.20 ? 97  GLY A N   1 
ATOM   725  C CA  . GLY A 1 94  ? -5.487  -14.042 -4.060  1.00 26.26 ? 97  GLY A CA  1 
ATOM   726  C C   . GLY A 1 94  ? -6.130  -12.686 -3.831  1.00 24.47 ? 97  GLY A C   1 
ATOM   727  O O   . GLY A 1 94  ? -6.521  -12.030 -4.794  1.00 23.38 ? 97  GLY A O   1 
ATOM   728  N N   . CYS A 1 95  ? -6.245  -12.255 -2.577  1.00 23.15 ? 98  CYS A N   1 
ATOM   729  C CA  . CYS A 1 95  ? -6.865  -10.965 -2.280  1.00 22.37 ? 98  CYS A CA  1 
ATOM   730  C C   . CYS A 1 95  ? -5.975  -9.789  -2.680  1.00 21.63 ? 98  CYS A C   1 
ATOM   731  O O   . CYS A 1 95  ? -4.872  -9.967  -3.195  1.00 19.94 ? 98  CYS A O   1 
ATOM   732  C CB  . CYS A 1 95  ? -7.194  -10.856 -0.789  1.00 24.18 ? 98  CYS A CB  1 
ATOM   733  S SG  . CYS A 1 95  ? -5.764  -10.615 0.283   1.00 23.67 ? 98  CYS A SG  1 
ATOM   734  N N   . CYS A 1 96  ? -6.468  -8.581  -2.440  1.00 20.37 ? 99  CYS A N   1 
ATOM   735  C CA  . CYS A 1 96  ? -5.717  -7.379  -2.767  1.00 19.19 ? 99  CYS A CA  1 
ATOM   736  C C   . CYS A 1 96  ? -5.705  -6.458  -1.556  1.00 19.77 ? 99  CYS A C   1 
ATOM   737  O O   . CYS A 1 96  ? -6.682  -6.381  -0.806  1.00 19.21 ? 99  CYS A O   1 
ATOM   738  C CB  . CYS A 1 96  ? -6.357  -6.663  -3.964  1.00 19.63 ? 99  CYS A CB  1 
ATOM   739  S SG  . CYS A 1 96  ? -5.479  -5.188  -4.552  1.00 22.19 ? 99  CYS A SG  1 
ATOM   740  N N   . ILE A 1 97  ? -4.586  -5.773  -1.355  1.00 18.56 ? 100 ILE A N   1 
ATOM   741  C CA  . ILE A 1 97  ? -4.466  -4.829  -0.259  1.00 18.14 ? 100 ILE A CA  1 
ATOM   742  C C   . ILE A 1 97  ? -4.358  -3.436  -0.865  1.00 17.26 ? 100 ILE A C   1 
ATOM   743  O O   . ILE A 1 97  ? -3.517  -3.193  -1.734  1.00 16.85 ? 100 ILE A O   1 
ATOM   744  C CB  . ILE A 1 97  ? -3.205  -5.114  0.587   1.00 19.05 ? 100 ILE A CB  1 
ATOM   745  C CG1 . ILE A 1 97  ? -3.340  -6.481  1.263   1.00 21.50 ? 100 ILE A CG1 1 
ATOM   746  C CG2 . ILE A 1 97  ? -2.997  -4.000  1.620   1.00 18.17 ? 100 ILE A CG2 1 
ATOM   747  C CD1 . ILE A 1 97  ? -2.114  -6.911  2.047   1.00 23.22 ? 100 ILE A CD1 1 
ATOM   748  N N   . ALA A 1 98  ? -5.222  -2.523  -0.433  1.00 15.90 ? 101 ALA A N   1 
ATOM   749  C CA  . ALA A 1 98  ? -5.163  -1.160  -0.944  1.00 17.56 ? 101 ALA A CA  1 
ATOM   750  C C   . ALA A 1 98  ? -4.370  -0.277  0.022   1.00 18.15 ? 101 ALA A C   1 
ATOM   751  O O   . ALA A 1 98  ? -4.348  -0.509  1.233   1.00 19.01 ? 101 ALA A O   1 
ATOM   752  C CB  . ALA A 1 98  ? -6.567  -0.590  -1.134  1.00 14.59 ? 101 ALA A CB  1 
ATOM   753  N N   . VAL A 1 99  ? -3.703  0.727   -0.533  1.00 17.96 ? 102 VAL A N   1 
ATOM   754  C CA  . VAL A 1 99  ? -2.926  1.671   0.259   1.00 18.10 ? 102 VAL A CA  1 
ATOM   755  C C   . VAL A 1 99  ? -3.069  3.009   -0.430  1.00 17.32 ? 102 VAL A C   1 
ATOM   756  O O   . VAL A 1 99  ? -3.192  3.065   -1.652  1.00 17.67 ? 102 VAL A O   1 
ATOM   757  C CB  . VAL A 1 99  ? -1.427  1.308   0.288   1.00 21.27 ? 102 VAL A CB  1 
ATOM   758  C CG1 . VAL A 1 99  ? -0.707  2.180   1.305   1.00 22.17 ? 102 VAL A CG1 1 
ATOM   759  C CG2 . VAL A 1 99  ? -1.249  -0.165  0.620   1.00 20.54 ? 102 VAL A CG2 1 
ATOM   760  N N   . HIS A 1 100 ? -3.053  4.092   0.338   1.00 18.57 ? 103 HIS A N   1 
ATOM   761  C CA  . HIS A 1 100 ? -3.182  5.396   -0.277  1.00 19.28 ? 103 HIS A CA  1 
ATOM   762  C C   . HIS A 1 100 ? -2.853  6.560   0.623   1.00 17.29 ? 103 HIS A C   1 
ATOM   763  O O   . HIS A 1 100 ? -2.808  6.446   1.847   1.00 15.53 ? 103 HIS A O   1 
ATOM   764  C CB  . HIS A 1 100 ? -4.613  5.598   -0.801  1.00 20.01 ? 103 HIS A CB  1 
ATOM   765  C CG  . HIS A 1 100 ? -5.594  6.020   0.255   1.00 18.23 ? 103 HIS A CG  1 
ATOM   766  N ND1 . HIS A 1 100 ? -5.586  7.276   0.822   1.00 20.61 ? 103 HIS A ND1 1 
ATOM   767  C CD2 . HIS A 1 100 ? -6.605  5.347   0.854   1.00 18.15 ? 103 HIS A CD2 1 
ATOM   768  C CE1 . HIS A 1 100 ? -6.549  7.360   1.722   1.00 18.73 ? 103 HIS A CE1 1 
ATOM   769  N NE2 . HIS A 1 100 ? -7.182  6.201   1.762   1.00 19.66 ? 103 HIS A NE2 1 
ATOM   770  N N   . CYS A 1 101 ? -2.602  7.683   -0.030  1.00 20.08 ? 104 CYS A N   1 
ATOM   771  C CA  . CYS A 1 101 ? -2.384  8.951   0.634   1.00 21.66 ? 104 CYS A CA  1 
ATOM   772  C C   . CYS A 1 101 ? -3.303  9.865   -0.181  1.00 22.51 ? 104 CYS A C   1 
ATOM   773  O O   . CYS A 1 101 ? -4.484  9.957   0.123   1.00 24.22 ? 104 CYS A O   1 
ATOM   774  C CB  . CYS A 1 101 ? -0.931  9.416   0.558   1.00 22.00 ? 104 CYS A CB  1 
ATOM   775  S SG  . CYS A 1 101 ? -0.709  11.073  1.293   1.00 23.48 ? 104 CYS A SG  1 
ATOM   776  N N   . VAL A 1 102 ? -2.789  10.500  -1.236  1.00 22.69 ? 105 VAL A N   1 
ATOM   777  C CA  . VAL A 1 102 ? -3.620  11.388  -2.057  1.00 22.86 ? 105 VAL A CA  1 
ATOM   778  C C   . VAL A 1 102 ? -3.376  11.262  -3.562  1.00 23.33 ? 105 VAL A C   1 
ATOM   779  O O   . VAL A 1 102 ? -3.751  12.147  -4.338  1.00 24.32 ? 105 VAL A O   1 
ATOM   780  C CB  . VAL A 1 102 ? -3.422  12.878  -1.676  1.00 23.09 ? 105 VAL A CB  1 
ATOM   781  C CG1 . VAL A 1 102 ? -3.798  13.102  -0.233  1.00 25.16 ? 105 VAL A CG1 1 
ATOM   782  C CG2 . VAL A 1 102 ? -1.979  13.298  -1.934  1.00 25.50 ? 105 VAL A CG2 1 
ATOM   783  N N   . ALA A 1 103 ? -2.746  10.170  -3.973  1.00 22.24 ? 106 ALA A N   1 
ATOM   784  C CA  . ALA A 1 103 ? -2.461  9.934   -5.380  1.00 23.03 ? 106 ALA A CA  1 
ATOM   785  C C   . ALA A 1 103 ? -1.488  10.962  -5.959  1.00 23.88 ? 106 ALA A C   1 
ATOM   786  O O   . ALA A 1 103 ? -1.764  11.569  -7.001  1.00 24.48 ? 106 ALA A O   1 
ATOM   787  C CB  . ALA A 1 103 ? -3.766  9.934   -6.187  1.00 21.59 ? 106 ALA A CB  1 
ATOM   788  N N   . GLY A 1 104 ? -0.352  11.157  -5.291  1.00 22.09 ? 107 GLY A N   1 
ATOM   789  C CA  . GLY A 1 104 ? 0.627   12.099  -5.798  1.00 23.19 ? 107 GLY A CA  1 
ATOM   790  C C   . GLY A 1 104 ? 1.740   12.547  -4.862  1.00 23.00 ? 107 GLY A C   1 
ATOM   791  O O   . GLY A 1 104 ? 2.722   13.127  -5.322  1.00 25.13 ? 107 GLY A O   1 
ATOM   792  N N   . LEU A 1 105 ? 1.610   12.295  -3.565  1.00 22.88 ? 108 LEU A N   1 
ATOM   793  C CA  . LEU A 1 105 ? 2.642   12.725  -2.620  1.00 24.09 ? 108 LEU A CA  1 
ATOM   794  C C   . LEU A 1 105 ? 3.890   11.853  -2.575  1.00 23.15 ? 108 LEU A C   1 
ATOM   795  O O   . LEU A 1 105 ? 4.880   12.226  -1.954  1.00 25.68 ? 108 LEU A O   1 
ATOM   796  C CB  . LEU A 1 105 ? 2.066   12.861  -1.209  1.00 24.20 ? 108 LEU A CB  1 
ATOM   797  C CG  . LEU A 1 105 ? 1.242   14.135  -0.984  1.00 24.62 ? 108 LEU A CG  1 
ATOM   798  C CD1 . LEU A 1 105 ? 0.707   14.176  0.446   1.00 25.98 ? 108 LEU A CD1 1 
ATOM   799  C CD2 . LEU A 1 105 ? 2.119   15.347  -1.260  1.00 25.88 ? 108 LEU A CD2 1 
ATOM   800  N N   . GLY A 1 106 ? 3.844   10.697  -3.226  1.00 23.63 ? 109 GLY A N   1 
ATOM   801  C CA  . GLY A 1 106 ? 4.998   9.816   -3.247  1.00 24.21 ? 109 GLY A CA  1 
ATOM   802  C C   . GLY A 1 106 ? 5.299   9.175   -1.908  1.00 24.91 ? 109 GLY A C   1 
ATOM   803  O O   . GLY A 1 106 ? 6.465   9.029   -1.535  1.00 24.94 ? 109 GLY A O   1 
ATOM   804  N N   . ARG A 1 107 ? 4.249   8.779   -1.192  1.00 21.88 ? 110 ARG A N   1 
ATOM   805  C CA  . ARG A 1 107 ? 4.396   8.151   0.117   1.00 22.41 ? 110 ARG A CA  1 
ATOM   806  C C   . ARG A 1 107 ? 3.861   6.717   0.112   1.00 22.66 ? 110 ARG A C   1 
ATOM   807  O O   . ARG A 1 107 ? 4.569   5.775   0.476   1.00 22.94 ? 110 ARG A O   1 
ATOM   808  C CB  . ARG A 1 107 ? 3.659   8.979   1.175   1.00 21.48 ? 110 ARG A CB  1 
ATOM   809  C CG  . ARG A 1 107 ? 4.082   10.443  1.185   1.00 22.08 ? 110 ARG A CG  1 
ATOM   810  C CD  . ARG A 1 107 ? 3.418   11.257  2.283   1.00 24.20 ? 110 ARG A CD  1 
ATOM   811  N NE  . ARG A 1 107 ? 3.889   12.641  2.256   1.00 23.71 ? 110 ARG A NE  1 
ATOM   812  C CZ  . ARG A 1 107 ? 3.431   13.616  3.035   1.00 25.64 ? 110 ARG A CZ  1 
ATOM   813  N NH1 . ARG A 1 107 ? 2.476   13.373  3.920   1.00 28.37 ? 110 ARG A NH1 1 
ATOM   814  N NH2 . ARG A 1 107 ? 3.933   14.840  2.930   1.00 26.90 ? 110 ARG A NH2 1 
ATOM   815  N N   . ALA A 1 108 ? 2.615   6.553   -0.315  1.00 22.25 ? 111 ALA A N   1 
ATOM   816  C CA  . ALA A 1 108 ? 1.990   5.235   -0.346  1.00 21.12 ? 111 ALA A CA  1 
ATOM   817  C C   . ALA A 1 108 ? 2.772   4.180   -1.124  1.00 20.07 ? 111 ALA A C   1 
ATOM   818  O O   . ALA A 1 108 ? 2.919   3.051   -0.664  1.00 19.23 ? 111 ALA A O   1 
ATOM   819  C CB  . ALA A 1 108 ? 0.567   5.342   -0.909  1.00 22.09 ? 111 ALA A CB  1 
ATOM   820  N N   . PRO A 1 109 ? 3.268   4.523   -2.320  1.00 19.57 ? 112 PRO A N   1 
ATOM   821  C CA  . PRO A 1 109 ? 4.022   3.545   -3.107  1.00 19.78 ? 112 PRO A CA  1 
ATOM   822  C C   . PRO A 1 109 ? 5.213   2.857   -2.426  1.00 20.30 ? 112 PRO A C   1 
ATOM   823  O O   . PRO A 1 109 ? 5.589   1.763   -2.834  1.00 20.31 ? 112 PRO A O   1 
ATOM   824  C CB  . PRO A 1 109 ? 4.438   4.348   -4.333  1.00 20.29 ? 112 PRO A CB  1 
ATOM   825  C CG  . PRO A 1 109 ? 3.261   5.271   -4.522  1.00 20.23 ? 112 PRO A CG  1 
ATOM   826  C CD  . PRO A 1 109 ? 3.003   5.740   -3.110  1.00 19.50 ? 112 PRO A CD  1 
ATOM   827  N N   . VAL A 1 110 ? 5.819   3.479   -1.414  1.00 21.71 ? 113 VAL A N   1 
ATOM   828  C CA  . VAL A 1 110 ? 6.965   2.850   -0.737  1.00 21.31 ? 113 VAL A CA  1 
ATOM   829  C C   . VAL A 1 110 ? 6.558   1.519   -0.152  1.00 21.44 ? 113 VAL A C   1 
ATOM   830  O O   . VAL A 1 110 ? 7.291   0.539   -0.245  1.00 20.00 ? 113 VAL A O   1 
ATOM   831  C CB  . VAL A 1 110 ? 7.492   3.640   0.474   1.00 23.29 ? 113 VAL A CB  1 
ATOM   832  C CG1 . VAL A 1 110 ? 9.014   3.534   0.542   1.00 23.17 ? 113 VAL A CG1 1 
ATOM   833  C CG2 . VAL A 1 110 ? 7.029   5.042   0.425   1.00 27.60 ? 113 VAL A CG2 1 
ATOM   834  N N   . LEU A 1 111 ? 5.394   1.497   0.489   1.00 20.04 ? 114 LEU A N   1 
ATOM   835  C CA  . LEU A 1 111 ? 4.917   0.273   1.100   1.00 20.71 ? 114 LEU A CA  1 
ATOM   836  C C   . LEU A 1 111 ? 4.844   -0.861  0.088   1.00 19.01 ? 114 LEU A C   1 
ATOM   837  O O   . LEU A 1 111 ? 5.244   -1.989  0.375   1.00 19.34 ? 114 LEU A O   1 
ATOM   838  C CB  . LEU A 1 111 ? 3.558   0.507   1.764   1.00 22.02 ? 114 LEU A CB  1 
ATOM   839  C CG  . LEU A 1 111 ? 3.606   1.373   3.030   1.00 23.17 ? 114 LEU A CG  1 
ATOM   840  C CD1 . LEU A 1 111 ? 2.277   1.259   3.765   1.00 24.41 ? 114 LEU A CD1 1 
ATOM   841  C CD2 . LEU A 1 111 ? 4.740   0.917   3.951   1.00 25.20 ? 114 LEU A CD2 1 
ATOM   842  N N   . VAL A 1 112 ? 4.357   -0.560  -1.108  1.00 20.05 ? 115 VAL A N   1 
ATOM   843  C CA  . VAL A 1 112 ? 4.263   -1.581  -2.142  1.00 20.08 ? 115 VAL A CA  1 
ATOM   844  C C   . VAL A 1 112 ? 5.675   -1.992  -2.534  1.00 20.31 ? 115 VAL A C   1 
ATOM   845  O O   . VAL A 1 112 ? 5.974   -3.179  -2.694  1.00 21.60 ? 115 VAL A O   1 
ATOM   846  C CB  . VAL A 1 112 ? 3.507   -1.046  -3.373  1.00 17.80 ? 115 VAL A CB  1 
ATOM   847  C CG1 . VAL A 1 112 ? 3.489   -2.089  -4.481  1.00 16.19 ? 115 VAL A CG1 1 
ATOM   848  C CG2 . VAL A 1 112 ? 2.089   -0.675  -2.969  1.00 19.43 ? 115 VAL A CG2 1 
ATOM   849  N N   . ALA A 1 113 ? 6.544   -0.996  -2.666  1.00 21.37 ? 116 ALA A N   1 
ATOM   850  C CA  . ALA A 1 113 ? 7.936   -1.229  -3.028  1.00 20.82 ? 116 ALA A CA  1 
ATOM   851  C C   . ALA A 1 113 ? 8.600   -2.180  -2.029  1.00 21.42 ? 116 ALA A C   1 
ATOM   852  O O   . ALA A 1 113 ? 9.264   -3.139  -2.433  1.00 20.52 ? 116 ALA A O   1 
ATOM   853  C CB  . ALA A 1 113 ? 8.681   0.094   -3.074  1.00 18.85 ? 116 ALA A CB  1 
ATOM   854  N N   . LEU A 1 114 ? 8.415   -1.914  -0.736  1.00 18.12 ? 117 LEU A N   1 
ATOM   855  C CA  . LEU A 1 114 ? 8.988   -2.749  0.324   1.00 21.50 ? 117 LEU A CA  1 
ATOM   856  C C   . LEU A 1 114 ? 8.501   -4.183  0.214   1.00 20.17 ? 117 LEU A C   1 
ATOM   857  O O   . LEU A 1 114 ? 9.248   -5.121  0.459   1.00 20.07 ? 117 LEU A O   1 
ATOM   858  C CB  . LEU A 1 114 ? 8.616   -2.211  1.713   1.00 21.76 ? 117 LEU A CB  1 
ATOM   859  C CG  . LEU A 1 114 ? 9.384   -1.024  2.308   1.00 23.97 ? 117 LEU A CG  1 
ATOM   860  C CD1 . LEU A 1 114 ? 10.872  -1.320  2.292   1.00 24.93 ? 117 LEU A CD1 1 
ATOM   861  C CD2 . LEU A 1 114 ? 9.120   0.217   1.531   1.00 28.99 ? 117 LEU A CD2 1 
ATOM   862  N N   . ALA A 1 115 ? 7.235   -4.349  -0.147  1.00 21.40 ? 118 ALA A N   1 
ATOM   863  C CA  . ALA A 1 115 ? 6.666   -5.678  -0.287  1.00 21.44 ? 118 ALA A CA  1 
ATOM   864  C C   . ALA A 1 115 ? 7.358   -6.420  -1.421  1.00 21.97 ? 118 ALA A C   1 
ATOM   865  O O   . ALA A 1 115 ? 7.667   -7.608  -1.301  1.00 22.69 ? 118 ALA A O   1 
ATOM   866  C CB  . ALA A 1 115 ? 5.176   -5.578  -0.555  1.00 19.48 ? 118 ALA A CB  1 
ATOM   867  N N   . LEU A 1 116 ? 7.601   -5.711  -2.521  1.00 21.15 ? 119 LEU A N   1 
ATOM   868  C CA  . LEU A 1 116 ? 8.256   -6.298  -3.686  1.00 21.30 ? 119 LEU A CA  1 
ATOM   869  C C   . LEU A 1 116 ? 9.679   -6.743  -3.360  1.00 21.42 ? 119 LEU A C   1 
ATOM   870  O O   . LEU A 1 116 ? 10.121  -7.809  -3.784  1.00 22.40 ? 119 LEU A O   1 
ATOM   871  C CB  . LEU A 1 116 ? 8.270   -5.288  -4.840  1.00 21.55 ? 119 LEU A CB  1 
ATOM   872  C CG  . LEU A 1 116 ? 6.886   -4.847  -5.336  1.00 23.06 ? 119 LEU A CG  1 
ATOM   873  C CD1 . LEU A 1 116 ? 7.015   -3.791  -6.437  1.00 23.12 ? 119 LEU A CD1 1 
ATOM   874  C CD2 . LEU A 1 116 ? 6.130   -6.056  -5.845  1.00 22.94 ? 119 LEU A CD2 1 
ATOM   875  N N   . ILE A 1 117 ? 10.391  -5.919  -2.603  1.00 21.92 ? 120 ILE A N   1 
ATOM   876  C CA  . ILE A 1 117 ? 11.758  -6.226  -2.218  1.00 23.16 ? 120 ILE A CA  1 
ATOM   877  C C   . ILE A 1 117 ? 11.777  -7.474  -1.338  1.00 23.56 ? 120 ILE A C   1 
ATOM   878  O O   . ILE A 1 117 ? 12.478  -8.438  -1.636  1.00 22.57 ? 120 ILE A O   1 
ATOM   879  C CB  . ILE A 1 117 ? 12.382  -5.018  -1.495  1.00 24.55 ? 120 ILE A CB  1 
ATOM   880  C CG1 . ILE A 1 117 ? 12.465  -3.844  -2.479  1.00 24.03 ? 120 ILE A CG1 1 
ATOM   881  C CG2 . ILE A 1 117 ? 13.756  -5.368  -0.953  1.00 23.73 ? 120 ILE A CG2 1 
ATOM   882  C CD1 . ILE A 1 117 ? 12.905  -2.534  -1.874  1.00 26.05 ? 120 ILE A CD1 1 
ATOM   883  N N   . GLU A 1 118 ? 10.984  -7.463  -0.272  1.00 24.78 ? 121 GLU A N   1 
ATOM   884  C CA  . GLU A 1 118 ? 10.904  -8.606  0.631   1.00 24.80 ? 121 GLU A CA  1 
ATOM   885  C C   . GLU A 1 118 ? 10.489  -9.851  -0.151  1.00 25.58 ? 121 GLU A C   1 
ATOM   886  O O   . GLU A 1 118 ? 10.817  -10.975 0.239   1.00 23.57 ? 121 GLU A O   1 
ATOM   887  C CB  . GLU A 1 118 ? 9.880   -8.340  1.735   1.00 25.31 ? 121 GLU A CB  1 
ATOM   888  C CG  . GLU A 1 118 ? 10.249  -7.217  2.680   1.00 25.14 ? 121 GLU A CG  1 
ATOM   889  C CD  . GLU A 1 118 ? 11.553  -7.477  3.400   1.00 29.56 ? 121 GLU A CD  1 
ATOM   890  O OE1 . GLU A 1 118 ? 11.756  -8.613  3.880   1.00 30.22 ? 121 GLU A OE1 1 
ATOM   891  O OE2 . GLU A 1 118 ? 12.373  -6.543  3.494   1.00 34.86 ? 121 GLU A OE2 1 
ATOM   892  N N   . GLY A 1 119 ? 9.766   -9.631  -1.249  1.00 24.23 ? 122 GLY A N   1 
ATOM   893  C CA  . GLY A 1 119 ? 9.307   -10.717 -2.093  1.00 24.32 ? 122 GLY A CA  1 
ATOM   894  C C   . GLY A 1 119 ? 10.386  -11.229 -3.031  1.00 25.99 ? 122 GLY A C   1 
ATOM   895  O O   . GLY A 1 119 ? 10.166  -12.183 -3.776  1.00 25.57 ? 122 GLY A O   1 
ATOM   896  N N   . GLY A 1 120 ? 11.551  -10.588 -3.008  1.00 27.30 ? 123 GLY A N   1 
ATOM   897  C CA  . GLY A 1 120 ? 12.639  -11.026 -3.860  1.00 27.83 ? 123 GLY A CA  1 
ATOM   898  C C   . GLY A 1 120 ? 13.204  -10.013 -4.840  1.00 27.65 ? 123 GLY A C   1 
ATOM   899  O O   . GLY A 1 120 ? 14.260  -10.259 -5.421  1.00 25.91 ? 123 GLY A O   1 
ATOM   900  N N   . MET A 1 121 ? 12.528  -8.885  -5.041  1.00 26.35 ? 124 MET A N   1 
ATOM   901  C CA  . MET A 1 121 ? 13.041  -7.889  -5.981  1.00 27.47 ? 124 MET A CA  1 
ATOM   902  C C   . MET A 1 121 ? 14.216  -7.065  -5.467  1.00 27.76 ? 124 MET A C   1 
ATOM   903  O O   . MET A 1 121 ? 14.432  -6.933  -4.256  1.00 26.30 ? 124 MET A O   1 
ATOM   904  C CB  . MET A 1 121 ? 11.941  -6.912  -6.416  1.00 27.01 ? 124 MET A CB  1 
ATOM   905  C CG  . MET A 1 121 ? 10.947  -7.464  -7.423  1.00 28.67 ? 124 MET A CG  1 
ATOM   906  S SD  . MET A 1 121 ? 10.039  -6.160  -8.296  1.00 29.85 ? 124 MET A SD  1 
ATOM   907  C CE  . MET A 1 121 ? 11.029  -5.967  -9.761  1.00 33.08 ? 124 MET A CE  1 
ATOM   908  N N   . LYS A 1 122 ? 14.980  -6.531  -6.417  1.00 27.81 ? 125 LYS A N   1 
ATOM   909  C CA  . LYS A 1 122 ? 16.115  -5.658  -6.134  1.00 28.09 ? 125 LYS A CA  1 
ATOM   910  C C   . LYS A 1 122 ? 15.387  -4.325  -5.973  1.00 26.26 ? 125 LYS A C   1 
ATOM   911  O O   . LYS A 1 122 ? 14.437  -4.071  -6.704  1.00 25.01 ? 125 LYS A O   1 
ATOM   912  C CB  . LYS A 1 122 ? 17.037  -5.592  -7.357  1.00 31.09 ? 125 LYS A CB  1 
ATOM   913  C CG  . LYS A 1 122 ? 18.524  -5.526  -7.052  1.00 35.12 ? 125 LYS A CG  1 
ATOM   914  C CD  . LYS A 1 122 ? 19.067  -6.883  -6.637  1.00 35.30 ? 125 LYS A CD  1 
ATOM   915  C CE  . LYS A 1 122 ? 20.577  -6.831  -6.442  1.00 36.90 ? 125 LYS A CE  1 
ATOM   916  N NZ  . LYS A 1 122 ? 20.976  -5.834  -5.402  1.00 38.47 ? 125 LYS A NZ  1 
ATOM   917  N N   . TYR A 1 123 ? 15.807  -3.468  -5.048  1.00 27.77 ? 126 TYR A N   1 
ATOM   918  C CA  . TYR A 1 123 ? 15.082  -2.209  -4.883  1.00 28.58 ? 126 TYR A CA  1 
ATOM   919  C C   . TYR A 1 123 ? 15.020  -1.427  -6.195  1.00 29.25 ? 126 TYR A C   1 
ATOM   920  O O   . TYR A 1 123 ? 14.038  -0.730  -6.466  1.00 27.90 ? 126 TYR A O   1 
ATOM   921  C CB  . TYR A 1 123 ? 15.706  -1.336  -3.784  1.00 27.33 ? 126 TYR A CB  1 
ATOM   922  C CG  . TYR A 1 123 ? 16.818  -0.435  -4.258  1.00 29.40 ? 126 TYR A CG  1 
ATOM   923  C CD1 . TYR A 1 123 ? 18.142  -0.868  -4.244  1.00 29.33 ? 126 TYR A CD1 1 
ATOM   924  C CD2 . TYR A 1 123 ? 16.542  0.837   -4.761  1.00 28.96 ? 126 TYR A CD2 1 
ATOM   925  C CE1 . TYR A 1 123 ? 19.165  -0.060  -4.721  1.00 30.19 ? 126 TYR A CE1 1 
ATOM   926  C CE2 . TYR A 1 123 ? 17.559  1.654   -5.244  1.00 29.07 ? 126 TYR A CE2 1 
ATOM   927  C CZ  . TYR A 1 123 ? 18.867  1.197   -5.220  1.00 29.32 ? 126 TYR A CZ  1 
ATOM   928  O OH  . TYR A 1 123 ? 19.882  1.988   -5.700  1.00 30.11 ? 126 TYR A OH  1 
ATOM   929  N N   . GLU A 1 124 ? 16.068  -1.547  -7.006  1.00 28.46 ? 127 GLU A N   1 
ATOM   930  C CA  . GLU A 1 124 ? 16.121  -0.848  -8.285  1.00 30.48 ? 127 GLU A CA  1 
ATOM   931  C C   . GLU A 1 124 ? 14.984  -1.287  -9.206  1.00 29.73 ? 127 GLU A C   1 
ATOM   932  O O   . GLU A 1 124 ? 14.309  -0.453  -9.811  1.00 30.00 ? 127 GLU A O   1 
ATOM   933  C CB  . GLU A 1 124 ? 17.469  -1.090  -8.982  1.00 31.03 ? 127 GLU A CB  1 
ATOM   934  C CG  . GLU A 1 124 ? 18.691  -0.624  -8.188  1.00 32.39 ? 127 GLU A CG  1 
ATOM   935  C CD  . GLU A 1 124 ? 19.434  -1.769  -7.508  1.00 34.30 ? 127 GLU A CD  1 
ATOM   936  O OE1 . GLU A 1 124 ? 18.789  -2.569  -6.803  1.00 33.67 ? 127 GLU A OE1 1 
ATOM   937  O OE2 . GLU A 1 124 ? 20.672  -1.868  -7.673  1.00 37.34 ? 127 GLU A OE2 1 
ATOM   938  N N   . ASP A 1 125 ? 14.775  -2.595  -9.316  1.00 29.61 ? 128 ASP A N   1 
ATOM   939  C CA  . ASP A 1 125 ? 13.711  -3.121  -10.168 1.00 28.52 ? 128 ASP A CA  1 
ATOM   940  C C   . ASP A 1 125 ? 12.332  -2.840  -9.582  1.00 26.70 ? 128 ASP A C   1 
ATOM   941  O O   . ASP A 1 125 ? 11.383  -2.582  -10.319 1.00 25.48 ? 128 ASP A O   1 
ATOM   942  C CB  . ASP A 1 125 ? 13.879  -4.624  -10.367 1.00 31.46 ? 128 ASP A CB  1 
ATOM   943  C CG  . ASP A 1 125 ? 15.136  -4.970  -11.126 1.00 35.17 ? 128 ASP A CG  1 
ATOM   944  O OD1 . ASP A 1 125 ? 15.287  -4.495  -12.272 1.00 37.59 ? 128 ASP A OD1 1 
ATOM   945  O OD2 . ASP A 1 125 ? 15.971  -5.716  -10.576 1.00 38.42 ? 128 ASP A OD2 1 
ATOM   946  N N   . ALA A 1 126 ? 12.224  -2.901  -8.258  1.00 25.63 ? 129 ALA A N   1 
ATOM   947  C CA  . ALA A 1 126 ? 10.950  -2.640  -7.593  1.00 24.58 ? 129 ALA A CA  1 
ATOM   948  C C   . ALA A 1 126 ? 10.506  -1.225  -7.945  1.00 24.96 ? 129 ALA A C   1 
ATOM   949  O O   . ALA A 1 126 ? 9.342   -0.992  -8.280  1.00 26.38 ? 129 ALA A O   1 
ATOM   950  C CB  . ALA A 1 126 ? 11.101  -2.789  -6.083  1.00 23.97 ? 129 ALA A CB  1 
ATOM   951  N N   . VAL A 1 127 ? 11.448  -0.287  -7.892  1.00 24.41 ? 130 VAL A N   1 
ATOM   952  C CA  . VAL A 1 127 ? 11.161  1.106   -8.210  1.00 25.30 ? 130 VAL A CA  1 
ATOM   953  C C   . VAL A 1 127 ? 10.752  1.314   -9.669  1.00 26.36 ? 130 VAL A C   1 
ATOM   954  O O   . VAL A 1 127 ? 9.794   2.033   -9.950  1.00 26.47 ? 130 VAL A O   1 
ATOM   955  C CB  . VAL A 1 127 ? 12.377  2.004   -7.890  1.00 25.73 ? 130 VAL A CB  1 
ATOM   956  C CG1 . VAL A 1 127 ? 12.100  3.436   -8.309  1.00 24.55 ? 130 VAL A CG1 1 
ATOM   957  C CG2 . VAL A 1 127 ? 12.679  1.940   -6.401  1.00 25.01 ? 130 VAL A CG2 1 
ATOM   958  N N   . GLN A 1 128 ? 11.470  0.697   -10.603 1.00 27.45 ? 131 GLN A N   1 
ATOM   959  C CA  . GLN A 1 128 ? 11.121  0.861   -12.011 1.00 28.53 ? 131 GLN A CA  1 
ATOM   960  C C   . GLN A 1 128 ? 9.792   0.193   -12.349 1.00 27.20 ? 131 GLN A C   1 
ATOM   961  O O   . GLN A 1 128 ? 9.060   0.656   -13.223 1.00 27.30 ? 131 GLN A O   1 
ATOM   962  C CB  . GLN A 1 128 ? 12.223  0.307   -12.917 1.00 31.55 ? 131 GLN A CB  1 
ATOM   963  C CG  . GLN A 1 128 ? 13.203  1.363   -13.420 1.00 37.62 ? 131 GLN A CG  1 
ATOM   964  C CD  . GLN A 1 128 ? 12.509  2.568   -14.052 1.00 39.85 ? 131 GLN A CD  1 
ATOM   965  O OE1 . GLN A 1 128 ? 11.525  2.424   -14.784 1.00 42.36 ? 131 GLN A OE1 1 
ATOM   966  N NE2 . GLN A 1 128 ? 13.029  3.761   -13.781 1.00 39.61 ? 131 GLN A NE2 1 
ATOM   967  N N   . PHE A 1 129 ? 9.477   -0.895  -11.654 1.00 26.71 ? 132 PHE A N   1 
ATOM   968  C CA  . PHE A 1 129 ? 8.229   -1.603  -11.899 1.00 28.00 ? 132 PHE A CA  1 
ATOM   969  C C   . PHE A 1 129 ? 7.044   -0.725  -11.517 1.00 27.61 ? 132 PHE A C   1 
ATOM   970  O O   . PHE A 1 129 ? 6.015   -0.728  -12.191 1.00 27.35 ? 132 PHE A O   1 
ATOM   971  C CB  . PHE A 1 129 ? 8.189   -2.906  -11.096 1.00 29.54 ? 132 PHE A CB  1 
ATOM   972  C CG  . PHE A 1 129 ? 6.979   -3.760  -11.380 1.00 31.95 ? 132 PHE A CG  1 
ATOM   973  C CD1 . PHE A 1 129 ? 6.769   -4.295  -12.648 1.00 33.93 ? 132 PHE A CD1 1 
ATOM   974  C CD2 . PHE A 1 129 ? 6.053   -4.030  -10.381 1.00 33.06 ? 132 PHE A CD2 1 
ATOM   975  C CE1 . PHE A 1 129 ? 5.649   -5.090  -12.918 1.00 34.86 ? 132 PHE A CE1 1 
ATOM   976  C CE2 . PHE A 1 129 ? 4.928   -4.822  -10.639 1.00 32.16 ? 132 PHE A CE2 1 
ATOM   977  C CZ  . PHE A 1 129 ? 4.729   -5.352  -11.910 1.00 34.35 ? 132 PHE A CZ  1 
ATOM   978  N N   . ILE A 1 130 ? 7.198   0.033   -10.436 1.00 28.35 ? 133 ILE A N   1 
ATOM   979  C CA  . ILE A 1 130 ? 6.135   0.914   -9.956  1.00 28.91 ? 133 ILE A CA  1 
ATOM   980  C C   . ILE A 1 130 ? 6.125   2.217   -10.748 1.00 29.59 ? 133 ILE A C   1 
ATOM   981  O O   . ILE A 1 130 ? 5.080   2.650   -11.239 1.00 28.83 ? 133 ILE A O   1 
ATOM   982  C CB  . ILE A 1 130 ? 6.324   1.244   -8.447  1.00 27.88 ? 133 ILE A CB  1 
ATOM   983  C CG1 . ILE A 1 130 ? 6.337   -0.049  -7.626  1.00 28.41 ? 133 ILE A CG1 1 
ATOM   984  C CG2 . ILE A 1 130 ? 5.208   2.155   -7.960  1.00 24.85 ? 133 ILE A CG2 1 
ATOM   985  C CD1 . ILE A 1 130 ? 5.100   -0.918  -7.816  1.00 30.15 ? 133 ILE A CD1 1 
ATOM   986  N N   . ARG A 1 131 ? 7.298   2.829   -10.871 1.00 30.17 ? 134 ARG A N   1 
ATOM   987  C CA  . ARG A 1 131 ? 7.447   4.090   -11.588 1.00 33.32 ? 134 ARG A CA  1 
ATOM   988  C C   . ARG A 1 131 ? 6.875   4.044   -13.003 1.00 33.65 ? 134 ARG A C   1 
ATOM   989  O O   . ARG A 1 131 ? 6.409   5.058   -13.517 1.00 34.40 ? 134 ARG A O   1 
ATOM   990  C CB  . ARG A 1 131 ? 8.927   4.487   -11.636 1.00 34.76 ? 134 ARG A CB  1 
ATOM   991  C CG  . ARG A 1 131 ? 9.193   5.826   -12.307 1.00 40.18 ? 134 ARG A CG  1 
ATOM   992  C CD  . ARG A 1 131 ? 10.682  6.147   -12.377 1.00 38.85 ? 134 ARG A CD  1 
ATOM   993  N NE  . ARG A 1 131 ? 11.313  6.159   -11.061 1.00 41.26 ? 134 ARG A NE  1 
ATOM   994  C CZ  . ARG A 1 131 ? 12.572  6.528   -10.845 1.00 43.08 ? 134 ARG A CZ  1 
ATOM   995  N NH1 . ARG A 1 131 ? 13.337  6.919   -11.858 1.00 43.13 ? 134 ARG A NH1 1 
ATOM   996  N NH2 . ARG A 1 131 ? 13.073  6.506   -9.617  1.00 44.26 ? 134 ARG A NH2 1 
ATOM   997  N N   . GLN A 1 132 ? 6.904   2.872   -13.628 1.00 34.56 ? 135 GLN A N   1 
ATOM   998  C CA  . GLN A 1 132 ? 6.385   2.722   -14.985 1.00 35.41 ? 135 GLN A CA  1 
ATOM   999  C C   . GLN A 1 132 ? 4.860   2.715   -15.014 1.00 35.09 ? 135 GLN A C   1 
ATOM   1000 O O   . GLN A 1 132 ? 4.242   3.025   -16.035 1.00 35.21 ? 135 GLN A O   1 
ATOM   1001 C CB  . GLN A 1 132 ? 6.920   1.431   -15.616 1.00 36.64 ? 135 GLN A CB  1 
ATOM   1002 C CG  . GLN A 1 132 ? 6.497   1.225   -17.068 1.00 40.88 ? 135 GLN A CG  1 
ATOM   1003 C CD  . GLN A 1 132 ? 5.210   0.420   -17.215 1.00 43.31 ? 135 GLN A CD  1 
ATOM   1004 O OE1 . GLN A 1 132 ? 4.197   0.711   -16.575 1.00 43.25 ? 135 GLN A OE1 1 
ATOM   1005 N NE2 . GLN A 1 132 ? 5.249   -0.598  -18.068 1.00 43.35 ? 135 GLN A NE2 1 
ATOM   1006 N N   . LYS A 1 133 ? 4.253   2.367   -13.885 1.00 34.80 ? 136 LYS A N   1 
ATOM   1007 C CA  . LYS A 1 133 ? 2.802   2.307   -13.790 1.00 33.62 ? 136 LYS A CA  1 
ATOM   1008 C C   . LYS A 1 133 ? 2.208   3.630   -13.318 1.00 33.62 ? 136 LYS A C   1 
ATOM   1009 O O   . LYS A 1 133 ? 1.013   3.883   -13.488 1.00 32.27 ? 136 LYS A O   1 
ATOM   1010 C CB  . LYS A 1 133 ? 2.394   1.179   -12.841 1.00 35.06 ? 136 LYS A CB  1 
ATOM   1011 C CG  . LYS A 1 133 ? 1.482   0.135   -13.472 1.00 38.80 ? 136 LYS A CG  1 
ATOM   1012 C CD  . LYS A 1 133 ? 2.144   -0.550  -14.664 1.00 40.55 ? 136 LYS A CD  1 
ATOM   1013 C CE  . LYS A 1 133 ? 1.147   -1.413  -15.434 1.00 42.20 ? 136 LYS A CE  1 
ATOM   1014 N NZ  . LYS A 1 133 ? 0.088   -0.589  -16.090 1.00 39.36 ? 136 LYS A NZ  1 
ATOM   1015 N N   . ARG A 1 134 ? 3.050   4.479   -12.737 1.00 33.16 ? 137 ARG A N   1 
ATOM   1016 C CA  . ARG A 1 134 ? 2.599   5.771   -12.239 1.00 33.48 ? 137 ARG A CA  1 
ATOM   1017 C C   . ARG A 1 134 ? 3.752   6.716   -11.917 1.00 32.50 ? 137 ARG A C   1 
ATOM   1018 O O   . ARG A 1 134 ? 4.816   6.286   -11.471 1.00 32.00 ? 137 ARG A O   1 
ATOM   1019 C CB  . ARG A 1 134 ? 1.741   5.562   -10.990 1.00 32.56 ? 137 ARG A CB  1 
ATOM   1020 C CG  . ARG A 1 134 ? 1.455   6.824   -10.207 1.00 37.39 ? 137 ARG A CG  1 
ATOM   1021 C CD  . ARG A 1 134 ? 0.598   6.531   -8.987  1.00 39.24 ? 137 ARG A CD  1 
ATOM   1022 N NE  . ARG A 1 134 ? 0.598   7.648   -8.044  1.00 41.59 ? 137 ARG A NE  1 
ATOM   1023 C CZ  . ARG A 1 134 ? 1.646   8.006   -7.309  1.00 40.68 ? 137 ARG A CZ  1 
ATOM   1024 N NH1 . ARG A 1 134 ? 2.781   7.333   -7.399  1.00 44.18 ? 137 ARG A NH1 1 
ATOM   1025 N NH2 . ARG A 1 134 ? 1.568   9.047   -6.497  1.00 40.66 ? 137 ARG A NH2 1 
ATOM   1026 N N   . ARG A 1 135 ? 3.529   8.010   -12.143 1.00 33.12 ? 138 ARG A N   1 
ATOM   1027 C CA  . ARG A 1 135 ? 4.534   9.028   -11.848 1.00 32.44 ? 138 ARG A CA  1 
ATOM   1028 C C   . ARG A 1 135 ? 4.358   9.517   -10.408 1.00 31.36 ? 138 ARG A C   1 
ATOM   1029 O O   . ARG A 1 135 ? 3.331   9.259   -9.776  1.00 28.94 ? 138 ARG A O   1 
ATOM   1030 C CB  . ARG A 1 135 ? 4.404   10.190  -12.845 1.00 33.80 ? 138 ARG A CB  1 
ATOM   1031 C CG  . ARG A 1 135 ? 5.112   11.507  -12.468 1.00 34.33 ? 138 ARG A CG  1 
ATOM   1032 C CD  . ARG A 1 135 ? 6.541   11.326  -11.938 1.00 35.88 ? 138 ARG A CD  1 
ATOM   1033 N NE  . ARG A 1 135 ? 7.413   10.524  -12.791 1.00 35.44 ? 138 ARG A NE  1 
ATOM   1034 C CZ  . ARG A 1 135 ? 8.590   10.046  -12.396 1.00 35.37 ? 138 ARG A CZ  1 
ATOM   1035 N NH1 . ARG A 1 135 ? 9.022   10.288  -11.167 1.00 34.49 ? 138 ARG A NH1 1 
ATOM   1036 N NH2 . ARG A 1 135 ? 9.341   9.339   -13.231 1.00 36.95 ? 138 ARG A NH2 1 
ATOM   1037 N N   . GLY A 1 136 ? 5.373   10.201  -9.890  1.00 30.42 ? 139 GLY A N   1 
ATOM   1038 C CA  . GLY A 1 136 ? 5.315   10.717  -8.536  1.00 29.47 ? 139 GLY A CA  1 
ATOM   1039 C C   . GLY A 1 136 ? 5.124   9.600   -7.533  1.00 29.36 ? 139 GLY A C   1 
ATOM   1040 O O   . GLY A 1 136 ? 4.479   9.790   -6.503  1.00 30.17 ? 139 GLY A O   1 
ATOM   1041 N N   . ALA A 1 137 ? 5.694   8.437   -7.835  1.00 29.88 ? 140 ALA A N   1 
ATOM   1042 C CA  . ALA A 1 137 ? 5.576   7.273   -6.965  1.00 29.04 ? 140 ALA A CA  1 
ATOM   1043 C C   . ALA A 1 137 ? 6.405   7.360   -5.692  1.00 28.50 ? 140 ALA A C   1 
ATOM   1044 O O   . ALA A 1 137 ? 5.977   6.875   -4.641  1.00 29.76 ? 140 ALA A O   1 
ATOM   1045 C CB  . ALA A 1 137 ? 5.948   6.005   -7.734  1.00 29.09 ? 140 ALA A CB  1 
ATOM   1046 N N   . PHE A 1 138 ? 7.580   7.978   -5.770  1.00 26.51 ? 141 PHE A N   1 
ATOM   1047 C CA  . PHE A 1 138 ? 8.448   8.077   -4.598  1.00 27.38 ? 141 PHE A CA  1 
ATOM   1048 C C   . PHE A 1 138 ? 9.117   9.437   -4.425  1.00 29.06 ? 141 PHE A C   1 
ATOM   1049 O O   . PHE A 1 138 ? 9.771   9.919   -5.351  1.00 31.06 ? 141 PHE A O   1 
ATOM   1050 C CB  . PHE A 1 138 ? 9.565   7.036   -4.692  1.00 28.03 ? 141 PHE A CB  1 
ATOM   1051 C CG  . PHE A 1 138 ? 9.092   5.665   -5.042  1.00 24.82 ? 141 PHE A CG  1 
ATOM   1052 C CD1 . PHE A 1 138 ? 8.477   4.861   -4.086  1.00 23.16 ? 141 PHE A CD1 1 
ATOM   1053 C CD2 . PHE A 1 138 ? 9.272   5.168   -6.324  1.00 22.14 ? 141 PHE A CD2 1 
ATOM   1054 C CE1 . PHE A 1 138 ? 8.052   3.578   -4.407  1.00 24.31 ? 141 PHE A CE1 1 
ATOM   1055 C CE2 . PHE A 1 138 ? 8.850   3.886   -6.656  1.00 23.85 ? 141 PHE A CE2 1 
ATOM   1056 C CZ  . PHE A 1 138 ? 8.240   3.088   -5.696  1.00 23.58 ? 141 PHE A CZ  1 
ATOM   1057 N N   . ASN A 1 139 ? 8.972   10.054  -3.253  1.00 27.44 ? 142 ASN A N   1 
ATOM   1058 C CA  . ASN A 1 139 ? 9.650   11.326  -3.024  1.00 28.93 ? 142 ASN A CA  1 
ATOM   1059 C C   . ASN A 1 139 ? 11.117  10.991  -2.746  1.00 28.85 ? 142 ASN A C   1 
ATOM   1060 O O   . ASN A 1 139 ? 11.455  9.829   -2.495  1.00 29.71 ? 142 ASN A O   1 
ATOM   1061 C CB  . ASN A 1 139 ? 9.037   12.112  -1.848  1.00 28.97 ? 142 ASN A CB  1 
ATOM   1062 C CG  . ASN A 1 139 ? 9.151   11.391  -0.513  1.00 29.11 ? 142 ASN A CG  1 
ATOM   1063 O OD1 . ASN A 1 139 ? 10.147  10.721  -0.230  1.00 29.43 ? 142 ASN A OD1 1 
ATOM   1064 N ND2 . ASN A 1 139 ? 8.133   11.556  0.332   1.00 26.49 ? 142 ASN A ND2 1 
ATOM   1065 N N   . SER A 1 140 ? 11.979  12.001  -2.789  1.00 29.78 ? 143 SER A N   1 
ATOM   1066 C CA  . SER A 1 140 ? 13.414  11.824  -2.576  1.00 29.92 ? 143 SER A CA  1 
ATOM   1067 C C   . SER A 1 140 ? 13.780  11.029  -1.330  1.00 30.52 ? 143 SER A C   1 
ATOM   1068 O O   . SER A 1 140 ? 14.586  10.102  -1.392  1.00 29.98 ? 143 SER A O   1 
ATOM   1069 C CB  . SER A 1 140 ? 14.100  13.186  -2.537  1.00 30.71 ? 143 SER A CB  1 
ATOM   1070 N N   . LYS A 1 141 ? 13.196  11.394  -0.196  1.00 31.05 ? 144 LYS A N   1 
ATOM   1071 C CA  . LYS A 1 141 ? 13.488  10.701  1.048   1.00 34.19 ? 144 LYS A CA  1 
ATOM   1072 C C   . LYS A 1 141 ? 13.100  9.227   0.938   1.00 34.09 ? 144 LYS A C   1 
ATOM   1073 O O   . LYS A 1 141 ? 13.759  8.349   1.498   1.00 34.14 ? 144 LYS A O   1 
ATOM   1074 C CB  . LYS A 1 141 ? 12.745  11.377  2.203   1.00 34.36 ? 144 LYS A CB  1 
ATOM   1075 C CG  . LYS A 1 141 ? 13.196  12.816  2.445   1.00 35.31 ? 144 LYS A CG  1 
ATOM   1076 C CD  . LYS A 1 141 ? 12.504  13.441  3.653   1.00 37.51 ? 144 LYS A CD  1 
ATOM   1077 C CE  . LYS A 1 141 ? 11.031  13.732  3.386   1.00 37.87 ? 144 LYS A CE  1 
ATOM   1078 N NZ  . LYS A 1 141 ? 10.844  14.852  2.416   1.00 40.69 ? 144 LYS A NZ  1 
ATOM   1079 N N   . GLN A 1 142 ? 12.039  8.969   0.184   1.00 34.33 ? 145 GLN A N   1 
ATOM   1080 C CA  . GLN A 1 142 ? 11.526  7.621   -0.031  1.00 34.02 ? 145 GLN A CA  1 
ATOM   1081 C C   . GLN A 1 142 ? 12.490  6.731   -0.813  1.00 32.04 ? 145 GLN A C   1 
ATOM   1082 O O   . GLN A 1 142 ? 12.744  5.589   -0.436  1.00 32.38 ? 145 GLN A O   1 
ATOM   1083 C CB  . GLN A 1 142 ? 10.199  7.711   -0.781  1.00 34.81 ? 145 GLN A CB  1 
ATOM   1084 C CG  . GLN A 1 142 ? 9.060   7.035   -0.082  1.00 37.09 ? 145 GLN A CG  1 
ATOM   1085 C CD  . GLN A 1 142 ? 8.972   7.388   1.390   1.00 36.60 ? 145 GLN A CD  1 
ATOM   1086 O OE1 . GLN A 1 142 ? 8.785   8.548   1.756   1.00 37.89 ? 145 GLN A OE1 1 
ATOM   1087 N NE2 . GLN A 1 142 ? 9.109   6.382   2.247   1.00 37.47 ? 145 GLN A NE2 1 
ATOM   1088 N N   . LEU A 1 143 ? 13.015  7.261   -1.907  1.00 30.31 ? 146 LEU A N   1 
ATOM   1089 C CA  . LEU A 1 143 ? 13.940  6.516   -2.750  1.00 31.15 ? 146 LEU A CA  1 
ATOM   1090 C C   . LEU A 1 143 ? 15.203  6.132   -1.982  1.00 29.90 ? 146 LEU A C   1 
ATOM   1091 O O   . LEU A 1 143 ? 15.670  4.996   -2.061  1.00 30.22 ? 146 LEU A O   1 
ATOM   1092 C CB  . LEU A 1 143 ? 14.308  7.357   -3.974  1.00 31.54 ? 146 LEU A CB  1 
ATOM   1093 C CG  . LEU A 1 143 ? 14.857  6.616   -5.194  1.00 33.95 ? 146 LEU A CG  1 
ATOM   1094 C CD1 . LEU A 1 143 ? 13.822  5.620   -5.695  1.00 35.87 ? 146 LEU A CD1 1 
ATOM   1095 C CD2 . LEU A 1 143 ? 15.192  7.625   -6.292  1.00 33.53 ? 146 LEU A CD2 1 
ATOM   1096 N N   . LEU A 1 144 ? 15.752  7.086   -1.240  1.00 29.43 ? 147 LEU A N   1 
ATOM   1097 C CA  . LEU A 1 144 ? 16.958  6.847   -0.459  1.00 28.97 ? 147 LEU A CA  1 
ATOM   1098 C C   . LEU A 1 144 ? 16.700  5.729   0.542   1.00 28.46 ? 147 LEU A C   1 
ATOM   1099 O O   . LEU A 1 144 ? 17.545  4.854   0.749   1.00 27.11 ? 147 LEU A O   1 
ATOM   1100 C CB  . LEU A 1 144 ? 17.371  8.122   0.283   1.00 29.13 ? 147 LEU A CB  1 
ATOM   1101 C CG  . LEU A 1 144 ? 18.727  8.076   0.991   1.00 30.71 ? 147 LEU A CG  1 
ATOM   1102 C CD1 . LEU A 1 144 ? 19.823  7.839   -0.041  1.00 29.78 ? 147 LEU A CD1 1 
ATOM   1103 C CD2 . LEU A 1 144 ? 18.972  9.381   1.740   1.00 32.69 ? 147 LEU A CD2 1 
ATOM   1104 N N   . TYR A 1 145 ? 15.525  5.764   1.167   1.00 27.00 ? 148 TYR A N   1 
ATOM   1105 C CA  . TYR A 1 145 ? 15.167  4.741   2.135   1.00 26.39 ? 148 TYR A CA  1 
ATOM   1106 C C   . TYR A 1 145 ? 15.279  3.373   1.466   1.00 24.74 ? 148 TYR A C   1 
ATOM   1107 O O   . TYR A 1 145 ? 15.970  2.482   1.956   1.00 24.99 ? 148 TYR A O   1 
ATOM   1108 C CB  . TYR A 1 145 ? 13.732  4.957   2.641   1.00 26.43 ? 148 TYR A CB  1 
ATOM   1109 C CG  . TYR A 1 145 ? 13.309  3.946   3.683   1.00 28.18 ? 148 TYR A CG  1 
ATOM   1110 C CD1 . TYR A 1 145 ? 13.945  3.892   4.923   1.00 28.18 ? 148 TYR A CD1 1 
ATOM   1111 C CD2 . TYR A 1 145 ? 12.321  3.000   3.409   1.00 27.46 ? 148 TYR A CD2 1 
ATOM   1112 C CE1 . TYR A 1 145 ? 13.617  2.919   5.859   1.00 30.02 ? 148 TYR A CE1 1 
ATOM   1113 C CE2 . TYR A 1 145 ? 11.985  2.021   4.341   1.00 28.23 ? 148 TYR A CE2 1 
ATOM   1114 C CZ  . TYR A 1 145 ? 12.639  1.983   5.561   1.00 29.77 ? 148 TYR A CZ  1 
ATOM   1115 O OH  . TYR A 1 145 ? 12.349  0.996   6.476   1.00 31.18 ? 148 TYR A OH  1 
ATOM   1116 N N   . LEU A 1 146 ? 14.606  3.219   0.332   1.00 24.15 ? 149 LEU A N   1 
ATOM   1117 C CA  . LEU A 1 146 ? 14.620  1.958   -0.399  1.00 24.71 ? 149 LEU A CA  1 
ATOM   1118 C C   . LEU A 1 146 ? 16.024  1.519   -0.805  1.00 25.20 ? 149 LEU A C   1 
ATOM   1119 O O   . LEU A 1 146 ? 16.327  0.324   -0.835  1.00 24.64 ? 149 LEU A O   1 
ATOM   1120 C CB  . LEU A 1 146 ? 13.738  2.071   -1.642  1.00 25.29 ? 149 LEU A CB  1 
ATOM   1121 C CG  . LEU A 1 146 ? 12.248  2.336   -1.400  1.00 22.87 ? 149 LEU A CG  1 
ATOM   1122 C CD1 . LEU A 1 146 ? 11.543  2.427   -2.740  1.00 22.43 ? 149 LEU A CD1 1 
ATOM   1123 C CD2 . LEU A 1 146 ? 11.639  1.229   -0.555  1.00 22.86 ? 149 LEU A CD2 1 
ATOM   1124 N N   . GLU A 1 147 ? 16.873  2.489   -1.122  1.00 27.93 ? 150 GLU A N   1 
ATOM   1125 C CA  . GLU A 1 147 ? 18.244  2.207   -1.525  1.00 30.38 ? 150 GLU A CA  1 
ATOM   1126 C C   . GLU A 1 147 ? 19.020  1.520   -0.410  1.00 31.40 ? 150 GLU A C   1 
ATOM   1127 O O   . GLU A 1 147 ? 19.736  0.544   -0.645  1.00 30.79 ? 150 GLU A O   1 
ATOM   1128 C CB  . GLU A 1 147 ? 18.958  3.504   -1.914  1.00 31.77 ? 150 GLU A CB  1 
ATOM   1129 C CG  . GLU A 1 147 ? 18.499  4.089   -3.231  1.00 35.54 ? 150 GLU A CG  1 
ATOM   1130 C CD  . GLU A 1 147 ? 19.142  5.428   -3.532  1.00 37.69 ? 150 GLU A CD  1 
ATOM   1131 O OE1 . GLU A 1 147 ? 19.017  6.344   -2.697  1.00 40.09 ? 150 GLU A OE1 1 
ATOM   1132 O OE2 . GLU A 1 147 ? 19.768  5.569   -4.602  1.00 38.52 ? 150 GLU A OE2 1 
ATOM   1133 N N   . LYS A 1 148 ? 18.863  2.038   0.803   1.00 30.38 ? 151 LYS A N   1 
ATOM   1134 C CA  . LYS A 1 148 ? 19.546  1.510   1.978   1.00 31.93 ? 151 LYS A CA  1 
ATOM   1135 C C   . LYS A 1 148 ? 18.745  0.420   2.681   1.00 31.53 ? 151 LYS A C   1 
ATOM   1136 O O   . LYS A 1 148 ? 19.200  -0.143  3.673   1.00 32.09 ? 151 LYS A O   1 
ATOM   1137 C CB  . LYS A 1 148 ? 19.792  2.641   2.980   1.00 32.84 ? 151 LYS A CB  1 
ATOM   1138 C CG  . LYS A 1 148 ? 20.462  3.873   2.406   1.00 35.28 ? 151 LYS A CG  1 
ATOM   1139 C CD  . LYS A 1 148 ? 20.281  5.054   3.346   1.00 38.46 ? 151 LYS A CD  1 
ATOM   1140 C CE  . LYS A 1 148 ? 21.068  6.270   2.878   1.00 41.13 ? 151 LYS A CE  1 
ATOM   1141 N NZ  . LYS A 1 148 ? 22.535  6.046   2.984   1.00 42.19 ? 151 LYS A NZ  1 
ATOM   1142 N N   . TYR A 1 149 ? 17.557  0.119   2.175   1.00 30.52 ? 152 TYR A N   1 
ATOM   1143 C CA  . TYR A 1 149 ? 16.709  -0.876  2.814   1.00 29.93 ? 152 TYR A CA  1 
ATOM   1144 C C   . TYR A 1 149 ? 17.182  -2.326  2.751   1.00 29.81 ? 152 TYR A C   1 
ATOM   1145 O O   . TYR A 1 149 ? 17.431  -2.867  1.674   1.00 29.83 ? 152 TYR A O   1 
ATOM   1146 C CB  . TYR A 1 149 ? 15.298  -0.796  2.240   1.00 29.42 ? 152 TYR A CB  1 
ATOM   1147 C CG  . TYR A 1 149 ? 14.334  -1.722  2.932   1.00 29.54 ? 152 TYR A CG  1 
ATOM   1148 C CD1 . TYR A 1 149 ? 13.786  -1.390  4.172   1.00 28.22 ? 152 TYR A CD1 1 
ATOM   1149 C CD2 . TYR A 1 149 ? 13.996  -2.950  2.367   1.00 29.62 ? 152 TYR A CD2 1 
ATOM   1150 C CE1 . TYR A 1 149 ? 12.924  -2.262  4.835   1.00 27.44 ? 152 TYR A CE1 1 
ATOM   1151 C CE2 . TYR A 1 149 ? 13.138  -3.825  3.020   1.00 28.20 ? 152 TYR A CE2 1 
ATOM   1152 C CZ  . TYR A 1 149 ? 12.606  -3.473  4.253   1.00 25.95 ? 152 TYR A CZ  1 
ATOM   1153 O OH  . TYR A 1 149 ? 11.742  -4.334  4.886   1.00 27.42 ? 152 TYR A OH  1 
ATOM   1154 N N   . ARG A 1 150 ? 17.289  -2.953  3.918   1.00 28.93 ? 153 ARG A N   1 
ATOM   1155 C CA  . ARG A 1 150 ? 17.690  -4.352  4.017   1.00 31.42 ? 153 ARG A CA  1 
ATOM   1156 C C   . ARG A 1 150 ? 16.492  -5.168  4.502   1.00 31.22 ? 153 ARG A C   1 
ATOM   1157 O O   . ARG A 1 150 ? 15.841  -4.803  5.478   1.00 31.31 ? 153 ARG A O   1 
ATOM   1158 C CB  . ARG A 1 150 ? 18.860  -4.519  4.992   1.00 32.74 ? 153 ARG A CB  1 
ATOM   1159 C CG  . ARG A 1 150 ? 20.136  -3.804  4.568   1.00 34.64 ? 153 ARG A CG  1 
ATOM   1160 C CD  . ARG A 1 150 ? 20.430  -4.034  3.083   1.00 37.42 ? 153 ARG A CD  1 
ATOM   1161 N NE  . ARG A 1 150 ? 20.403  -5.451  2.722   1.00 40.04 ? 153 ARG A NE  1 
ATOM   1162 C CZ  . ARG A 1 150 ? 20.421  -5.907  1.472   1.00 40.24 ? 153 ARG A CZ  1 
ATOM   1163 N NH1 . ARG A 1 150 ? 20.469  -5.055  0.455   1.00 38.99 ? 153 ARG A NH1 1 
ATOM   1164 N NH2 . ARG A 1 150 ? 20.387  -7.215  1.238   1.00 39.44 ? 153 ARG A NH2 1 
ATOM   1165 N N   . PRO A 1 151 ? 16.189  -6.286  3.825   1.00 31.58 ? 154 PRO A N   1 
ATOM   1166 C CA  . PRO A 1 151 ? 15.063  -7.162  4.175   1.00 30.65 ? 154 PRO A CA  1 
ATOM   1167 C C   . PRO A 1 151 ? 14.942  -7.486  5.667   1.00 30.42 ? 154 PRO A C   1 
ATOM   1168 O O   . PRO A 1 151 ? 15.893  -7.957  6.292   1.00 32.05 ? 154 PRO A O   1 
ATOM   1169 C CB  . PRO A 1 151 ? 15.324  -8.401  3.331   1.00 30.86 ? 154 PRO A CB  1 
ATOM   1170 C CG  . PRO A 1 151 ? 15.962  -7.824  2.098   1.00 31.45 ? 154 PRO A CG  1 
ATOM   1171 C CD  . PRO A 1 151 ? 16.948  -6.844  2.689   1.00 31.39 ? 154 PRO A CD  1 
ATOM   1172 N N   . LYS A 1 152 ? 13.760  -7.243  6.221   1.00 29.78 ? 155 LYS A N   1 
ATOM   1173 C CA  . LYS A 1 152 ? 13.489  -7.491  7.633   1.00 30.32 ? 155 LYS A CA  1 
ATOM   1174 C C   . LYS A 1 152 ? 12.711  -8.787  7.856   1.00 30.49 ? 155 LYS A C   1 
ATOM   1175 O O   . LYS A 1 152 ? 12.824  -9.421  8.909   1.00 30.04 ? 155 LYS A O   1 
ATOM   1176 C CB  . LYS A 1 152 ? 12.700  -6.322  8.212   1.00 29.96 ? 155 LYS A CB  1 
ATOM   1177 C CG  . LYS A 1 152 ? 13.417  -4.992  8.130   1.00 31.73 ? 155 LYS A CG  1 
ATOM   1178 C CD  . LYS A 1 152 ? 12.516  -3.873  8.614   1.00 34.23 ? 155 LYS A CD  1 
ATOM   1179 C CE  . LYS A 1 152 ? 13.262  -2.556  8.712   1.00 36.90 ? 155 LYS A CE  1 
ATOM   1180 N NZ  . LYS A 1 152 ? 14.248  -2.577  9.824   1.00 39.44 ? 155 LYS A NZ  1 
ATOM   1181 N N   . MET A 1 153 ? 11.913  -9.168  6.866   1.00 28.87 ? 156 MET A N   1 
ATOM   1182 C CA  . MET A 1 153 ? 11.115  -10.384 6.948   1.00 30.38 ? 156 MET A CA  1 
ATOM   1183 C C   . MET A 1 153 ? 10.651  -10.758 5.549   1.00 31.81 ? 156 MET A C   1 
ATOM   1184 O O   . MET A 1 153 ? 9.621   -10.279 5.074   1.00 32.82 ? 156 MET A O   1 
ATOM   1185 C CB  . MET A 1 153 ? 9.908   -10.162 7.859   1.00 29.87 ? 156 MET A CB  1 
ATOM   1186 C CG  . MET A 1 153 ? 9.149   -11.432 8.201   1.00 30.96 ? 156 MET A CG  1 
ATOM   1187 S SD  . MET A 1 153 ? 7.854   -11.118 9.409   1.00 34.80 ? 156 MET A SD  1 
ATOM   1188 C CE  . MET A 1 153 ? 8.801   -11.175 10.925  1.00 33.24 ? 156 MET A CE  1 
ATOM   1189 N N   . ARG A 1 154 ? 11.420  -11.617 4.890   1.00 31.95 ? 157 ARG A N   1 
ATOM   1190 C CA  . ARG A 1 154 ? 11.103  -12.031 3.533   1.00 31.49 ? 157 ARG A CA  1 
ATOM   1191 C C   . ARG A 1 154 ? 9.733   -12.680 3.385   1.00 32.70 ? 157 ARG A C   1 
ATOM   1192 O O   . ARG A 1 154 ? 9.255   -13.385 4.278   1.00 30.94 ? 157 ARG A O   1 
ATOM   1193 C CB  . ARG A 1 154 ? 12.196  -12.965 3.012   1.00 32.03 ? 157 ARG A CB  1 
ATOM   1194 C CG  . ARG A 1 154 ? 13.527  -12.263 2.816   1.00 30.08 ? 157 ARG A CG  1 
ATOM   1195 C CD  . ARG A 1 154 ? 14.642  -13.260 2.599   1.00 29.46 ? 157 ARG A CD  1 
ATOM   1196 N NE  . ARG A 1 154 ? 14.856  -14.074 3.787   1.00 30.81 ? 157 ARG A NE  1 
ATOM   1197 C CZ  . ARG A 1 154 ? 15.706  -15.091 3.855   1.00 32.90 ? 157 ARG A CZ  1 
ATOM   1198 N NH1 . ARG A 1 154 ? 16.431  -15.421 2.794   1.00 32.68 ? 157 ARG A NH1 1 
ATOM   1199 N NH2 . ARG A 1 154 ? 15.826  -15.785 4.980   1.00 29.90 ? 157 ARG A NH2 1 
ATOM   1200 N N   . LEU A 1 155 ? 9.102   -12.422 2.246   1.00 33.44 ? 158 LEU A N   1 
ATOM   1201 C CA  . LEU A 1 155 ? 7.785   -12.967 1.962   1.00 35.84 ? 158 LEU A CA  1 
ATOM   1202 C C   . LEU A 1 155 ? 7.946   -14.205 1.096   1.00 37.54 ? 158 LEU A C   1 
ATOM   1203 O O   . LEU A 1 155 ? 8.363   -14.113 -0.058  1.00 36.91 ? 158 LEU A O   1 
ATOM   1204 C CB  . LEU A 1 155 ? 6.936   -11.900 1.270   1.00 34.00 ? 158 LEU A CB  1 
ATOM   1205 C CG  . LEU A 1 155 ? 6.854   -10.636 2.134   1.00 32.42 ? 158 LEU A CG  1 
ATOM   1206 C CD1 . LEU A 1 155 ? 6.180   -9.508  1.371   1.00 30.36 ? 158 LEU A CD1 1 
ATOM   1207 C CD2 . LEU A 1 155 ? 6.099   -10.953 3.423   1.00 32.31 ? 158 LEU A CD2 1 
ATOM   1208 N N   . ARG A 1 156 ? 7.613   -15.354 1.684   1.00 40.72 ? 159 ARG A N   1 
ATOM   1209 C CA  . ARG A 1 156 ? 7.734   -16.673 1.059   1.00 42.90 ? 159 ARG A CA  1 
ATOM   1210 C C   . ARG A 1 156 ? 9.165   -17.162 1.255   1.00 44.51 ? 159 ARG A C   1 
ATOM   1211 O O   . ARG A 1 156 ? 10.043  -16.884 0.441   1.00 45.19 ? 159 ARG A O   1 
ATOM   1212 C CB  . ARG A 1 156 ? 7.395   -16.628 -0.431  1.00 43.70 ? 159 ARG A CB  1 
ATOM   1213 C CG  . ARG A 1 156 ? 5.923   -16.822 -0.740  1.00 45.20 ? 159 ARG A CG  1 
ATOM   1214 C CD  . ARG A 1 156 ? 5.068   -15.705 -0.176  1.00 47.10 ? 159 ARG A CD  1 
ATOM   1215 N NE  . ARG A 1 156 ? 3.663   -15.876 -0.540  1.00 49.18 ? 159 ARG A NE  1 
ATOM   1216 C CZ  . ARG A 1 156 ? 2.685   -15.060 -0.163  1.00 48.44 ? 159 ARG A CZ  1 
ATOM   1217 N NH1 . ARG A 1 156 ? 2.946   -14.004 0.596   1.00 49.39 ? 159 ARG A NH1 1 
ATOM   1218 N NH2 . ARG A 1 156 ? 1.442   -15.302 -0.548  1.00 50.61 ? 159 ARG A NH2 1 
ATOM   1219 N N   . PHE A 1 157 ? 9.372   -17.886 2.352   1.00 46.35 ? 160 PHE A N   1 
ATOM   1220 C CA  . PHE A 1 157 ? 10.667  -18.433 2.756   1.00 47.59 ? 160 PHE A CA  1 
ATOM   1221 C C   . PHE A 1 157 ? 11.838  -17.452 2.706   1.00 48.27 ? 160 PHE A C   1 
ATOM   1222 O O   . PHE A 1 157 ? 11.671  -16.329 2.181   1.00 49.00 ? 160 PHE A O   1 
ATOM   1223 C CB  . PHE A 1 157 ? 11.001  -19.711 1.958   1.00 48.20 ? 160 PHE A CB  1 
ATOM   1224 C CG  . PHE A 1 157 ? 11.087  -19.518 0.463   1.00 49.20 ? 160 PHE A CG  1 
ATOM   1225 C CD1 . PHE A 1 157 ? 12.117  -18.772 -0.106  1.00 49.08 ? 160 PHE A CD1 1 
ATOM   1226 C CD2 . PHE A 1 157 ? 10.147  -20.116 -0.379  1.00 49.17 ? 160 PHE A CD2 1 
ATOM   1227 C CE1 . PHE A 1 157 ? 12.213  -18.626 -1.493  1.00 49.94 ? 160 PHE A CE1 1 
ATOM   1228 C CE2 . PHE A 1 157 ? 10.234  -19.977 -1.766  1.00 49.53 ? 160 PHE A CE2 1 
ATOM   1229 C CZ  . PHE A 1 157 ? 11.269  -19.231 -2.324  1.00 50.40 ? 160 PHE A CZ  1 
ATOM   1230 O OXT . PHE A 1 157 ? 12.918  -17.821 3.214   1.00 48.44 ? 160 PHE A OXT 1 
HETATM 1231 C C1  . 4XA B 2 .   ? 9.906   -9.976  -12.979 1.00 32.97 ? 201 4XA A C1  1 
HETATM 1232 C C2  . 4XA B 2 .   ? 10.229  -8.636  -13.113 1.00 33.30 ? 201 4XA A C2  1 
HETATM 1233 O O1  . 4XA B 2 .   ? 6.937   -15.758 -9.277  1.00 33.51 ? 201 4XA A O1  1 
HETATM 1234 O O2  . 4XA B 2 .   ? 4.351   -16.870 -4.822  1.00 31.22 ? 201 4XA A O2  1 
HETATM 1235 N N1  . 4XA B 2 .   ? 6.724   -11.500 -11.907 1.00 31.44 ? 201 4XA A N1  1 
HETATM 1236 N N2  . 4XA B 2 .   ? 4.853   -16.333 -8.894  1.00 32.70 ? 201 4XA A N2  1 
HETATM 1237 N N3  . 4XA B 2 .   ? 4.757   -16.460 -7.544  1.00 33.67 ? 201 4XA A N3  1 
HETATM 1238 C C3  . 4XA B 2 .   ? 9.260   -7.661  -12.816 1.00 33.75 ? 201 4XA A C3  1 
HETATM 1239 C C4  . 4XA B 2 .   ? 7.999   -8.059  -12.394 1.00 33.54 ? 201 4XA A C4  1 
HETATM 1240 C C5  . 4XA B 2 .   ? 7.704   -9.401  -12.270 1.00 32.04 ? 201 4XA A C5  1 
HETATM 1241 C C6  . 4XA B 2 .   ? 8.652   -10.346 -12.561 1.00 32.15 ? 201 4XA A C6  1 
HETATM 1242 C C7  . 4XA B 2 .   ? 6.406   -10.031 -11.831 1.00 33.79 ? 201 4XA A C7  1 
HETATM 1243 C C8  . 4XA B 2 .   ? 8.130   -11.741 -12.362 1.00 33.02 ? 201 4XA A C8  1 
HETATM 1244 C C9  . 4XA B 2 .   ? 5.887   -12.458 -11.616 1.00 33.94 ? 201 4XA A C9  1 
HETATM 1245 C C10 . 4XA B 2 .   ? 6.216   -13.489 -10.743 1.00 33.89 ? 201 4XA A C10 1 
HETATM 1246 C C11 . 4XA B 2 .   ? 5.357   -14.532 -10.412 1.00 34.37 ? 201 4XA A C11 1 
HETATM 1247 C C12 . 4XA B 2 .   ? 4.097   -14.531 -10.997 1.00 34.43 ? 201 4XA A C12 1 
HETATM 1248 C C13 . 4XA B 2 .   ? 3.729   -13.529 -11.868 1.00 32.86 ? 201 4XA A C13 1 
HETATM 1249 C C14 . 4XA B 2 .   ? 4.608   -12.515 -12.171 1.00 33.15 ? 201 4XA A C14 1 
HETATM 1250 C C15 . 4XA B 2 .   ? 5.772   -15.523 -9.536  1.00 34.01 ? 201 4XA A C15 1 
HETATM 1251 C C16 . 4XA B 2 .   ? 4.533   -17.584 -6.998  1.00 31.60 ? 201 4XA A C16 1 
HETATM 1252 C C17 . 4XA B 2 .   ? 4.421   -17.784 -5.665  1.00 32.82 ? 201 4XA A C17 1 
HETATM 1253 C C18 . 4XA B 2 .   ? 4.256   -17.368 -3.699  1.00 32.11 ? 201 4XA A C18 1 
HETATM 1254 C C19 . 4XA B 2 .   ? 4.259   -18.709 -3.748  1.00 34.08 ? 201 4XA A C19 1 
HETATM 1255 C C20 . 4XA B 2 .   ? 4.368   -18.988 -5.059  1.00 31.40 ? 201 4XA A C20 1 
HETATM 1256 C C21 . 4XA B 2 .   ? 9.552   -6.173  -12.942 1.00 33.69 ? 201 4XA A C21 1 
HETATM 1257 C C22 . 4XA B 2 .   ? 11.634  -8.275  -13.579 1.00 32.55 ? 201 4XA A C22 1 
HETATM 1258 S S   . SO4 C 3 .   ? 0.740   8.804   -2.925  1.00 19.33 ? 202 SO4 A S   1 
HETATM 1259 O O1  . SO4 C 3 .   ? -0.235  9.858   -2.587  1.00 17.56 ? 202 SO4 A O1  1 
HETATM 1260 O O2  . SO4 C 3 .   ? 0.035   7.592   -3.369  1.00 20.10 ? 202 SO4 A O2  1 
HETATM 1261 O O3  . SO4 C 3 .   ? 1.612   9.270   -4.016  1.00 17.98 ? 202 SO4 A O3  1 
HETATM 1262 O O4  . SO4 C 3 .   ? 1.539   8.491   -1.733  1.00 20.09 ? 202 SO4 A O4  1 
HETATM 1263 S S   . SO4 D 3 .   ? 20.046  -7.577  -2.779  1.00 48.19 ? 203 SO4 A S   1 
HETATM 1264 O O1  . SO4 D 3 .   ? 19.494  -6.227  -2.557  1.00 50.11 ? 203 SO4 A O1  1 
HETATM 1265 O O2  . SO4 D 3 .   ? 19.216  -8.297  -3.761  1.00 50.62 ? 203 SO4 A O2  1 
HETATM 1266 O O3  . SO4 D 3 .   ? 21.429  -7.460  -3.286  1.00 49.24 ? 203 SO4 A O3  1 
HETATM 1267 O O4  . SO4 D 3 .   ? 20.054  -8.321  -1.500  1.00 49.53 ? 203 SO4 A O4  1 
HETATM 1268 O O   . HOH E 4 .   ? 7.095   8.184   8.833   1.00 47.23 ? 301 HOH A O   1 
HETATM 1269 O O   . HOH E 4 .   ? -6.491  -7.486  2.163   1.00 38.96 ? 302 HOH A O   1 
HETATM 1270 O O   . HOH E 4 .   ? 11.060  -2.289  10.818  1.00 31.29 ? 303 HOH A O   1 
HETATM 1271 O O   . HOH E 4 .   ? -2.111  6.047   -7.473  1.00 24.68 ? 304 HOH A O   1 
HETATM 1272 O O   . HOH E 4 .   ? 16.478  -2.521  6.573   1.00 44.03 ? 305 HOH A O   1 
HETATM 1273 O O   . HOH E 4 .   ? 8.360   -14.375 -2.657  1.00 35.64 ? 306 HOH A O   1 
HETATM 1274 O O   . HOH E 4 .   ? -2.675  7.592   -2.904  1.00 24.92 ? 307 HOH A O   1 
HETATM 1275 O O   . HOH E 4 .   ? 9.317   -14.397 6.688   1.00 32.31 ? 308 HOH A O   1 
HETATM 1276 O O   . HOH E 4 .   ? 2.110   11.172  6.241   1.00 29.18 ? 309 HOH A O   1 
HETATM 1277 O O   . HOH E 4 .   ? 17.503  -2.260  -0.870  1.00 28.33 ? 310 HOH A O   1 
HETATM 1278 O O   . HOH E 4 .   ? 15.408  8.776   3.497   1.00 28.91 ? 311 HOH A O   1 
HETATM 1279 O O   . HOH E 4 .   ? 6.134   6.442   -1.869  1.00 35.89 ? 312 HOH A O   1 
HETATM 1280 O O   . HOH E 4 .   ? 11.307  7.905   9.043   1.00 36.32 ? 313 HOH A O   1 
HETATM 1281 O O   . HOH E 4 .   ? 1.817   0.318   12.284  1.00 24.97 ? 314 HOH A O   1 
HETATM 1282 O O   . HOH E 4 .   ? -18.060 6.122   6.811   1.00 47.18 ? 315 HOH A O   1 
HETATM 1283 O O   . HOH E 4 .   ? 17.506  -4.339  -3.203  1.00 41.10 ? 316 HOH A O   1 
HETATM 1284 O O   . HOH E 4 .   ? 4.932   4.056   14.218  1.00 53.61 ? 317 HOH A O   1 
HETATM 1285 O O   . HOH E 4 .   ? -11.550 8.752   9.523   1.00 28.71 ? 318 HOH A O   1 
HETATM 1286 O O   . HOH E 4 .   ? 11.959  2.481   9.076   1.00 50.77 ? 319 HOH A O   1 
HETATM 1287 O O   . HOH E 4 .   ? 2.029   2.741   14.110  1.00 36.03 ? 320 HOH A O   1 
HETATM 1288 O O   . HOH E 4 .   ? 16.456  2.027   4.549   1.00 38.99 ? 321 HOH A O   1 
HETATM 1289 O O   . HOH E 4 .   ? 14.828  -7.827  -9.382  1.00 49.96 ? 322 HOH A O   1 
HETATM 1290 O O   . HOH E 4 .   ? -4.290  7.474   8.899   1.00 40.69 ? 323 HOH A O   1 
HETATM 1291 O O   . HOH E 4 .   ? 7.009   0.080   18.896  1.00 35.37 ? 324 HOH A O   1 
HETATM 1292 O O   . HOH E 4 .   ? -22.136 1.255   -0.076  1.00 40.54 ? 325 HOH A O   1 
HETATM 1293 O O   . HOH E 4 .   ? -3.172  -11.945 -3.923  1.00 25.95 ? 326 HOH A O   1 
HETATM 1294 O O   . HOH E 4 .   ? 17.359  -14.128 0.602   1.00 50.46 ? 327 HOH A O   1 
HETATM 1295 O O   . HOH E 4 .   ? -1.085  -8.070  -13.134 1.00 32.67 ? 328 HOH A O   1 
HETATM 1296 O O   . HOH E 4 .   ? 5.895   13.599  0.182   1.00 38.06 ? 329 HOH A O   1 
HETATM 1297 O O   . HOH E 4 .   ? -16.985 2.646   -8.608  1.00 44.18 ? 330 HOH A O   1 
HETATM 1298 O O   . HOH E 4 .   ? -20.841 0.802   -2.875  1.00 43.92 ? 331 HOH A O   1 
HETATM 1299 O O   . HOH E 4 .   ? 16.357  10.396  -3.479  1.00 43.51 ? 332 HOH A O   1 
HETATM 1300 O O   . HOH E 4 .   ? -13.792 -6.937  -1.697  1.00 33.18 ? 333 HOH A O   1 
HETATM 1301 O O   . HOH E 4 .   ? -2.392  -20.099 2.638   1.00 50.38 ? 334 HOH A O   1 
HETATM 1302 O O   . HOH E 4 .   ? -10.781 11.879  9.726   1.00 48.89 ? 335 HOH A O   1 
HETATM 1303 O O   . HOH E 4 .   ? 8.863   8.765   -8.112  1.00 41.52 ? 336 HOH A O   1 
HETATM 1304 O O   . HOH E 4 .   ? -6.803  9.518   4.398   1.00 41.53 ? 337 HOH A O   1 
HETATM 1305 O O   . HOH E 4 .   ? -10.202 -10.829 -3.047  1.00 34.93 ? 338 HOH A O   1 
HETATM 1306 O O   . HOH E 4 .   ? -2.161  -14.934 -2.298  1.00 33.10 ? 339 HOH A O   1 
HETATM 1307 O O   . HOH E 4 .   ? -20.980 -5.798  1.608   1.00 63.50 ? 340 HOH A O   1 
HETATM 1308 O O   . HOH E 4 .   ? 2.953   13.410  -8.123  1.00 36.33 ? 341 HOH A O   1 
HETATM 1309 O O   . HOH E 4 .   ? 11.783  14.106  -0.148  1.00 46.91 ? 342 HOH A O   1 
HETATM 1310 O O   . HOH E 4 .   ? 12.956  -0.852  15.631  1.00 32.93 ? 343 HOH A O   1 
HETATM 1311 O O   . HOH E 4 .   ? -8.894  5.386   -6.649  1.00 21.89 ? 344 HOH A O   1 
HETATM 1312 O O   . HOH E 4 .   ? -14.901 7.691   -4.967  1.00 29.75 ? 345 HOH A O   1 
HETATM 1313 O O   . HOH E 4 .   ? -0.771  1.851   -14.485 1.00 48.14 ? 346 HOH A O   1 
HETATM 1314 O O   . HOH E 4 .   ? -1.379  -4.747  -13.127 1.00 40.63 ? 347 HOH A O   1 
HETATM 1315 O O   . HOH E 4 .   ? -23.178 11.789  -2.264  1.00 47.60 ? 348 HOH A O   1 
HETATM 1316 O O   . HOH E 4 .   ? -5.726  -0.413  -11.638 1.00 47.23 ? 349 HOH A O   1 
HETATM 1317 O O   . HOH E 4 .   ? -0.308  12.933  6.062   1.00 32.71 ? 350 HOH A O   1 
HETATM 1318 O O   . HOH E 4 .   ? 10.017  -1.586  15.188  1.00 37.55 ? 351 HOH A O   1 
HETATM 1319 O O   . HOH E 4 .   ? -21.819 10.872  2.353   1.00 50.38 ? 352 HOH A O   1 
HETATM 1320 O O   . HOH E 4 .   ? 7.158   7.649   -10.383 1.00 40.33 ? 353 HOH A O   1 
HETATM 1321 O O   . HOH E 4 .   ? -4.025  8.477   3.765   1.00 25.05 ? 354 HOH A O   1 
HETATM 1322 O O   . HOH E 4 .   ? -10.679 0.294   11.767  1.00 27.31 ? 355 HOH A O   1 
HETATM 1323 O O   . HOH E 4 .   ? -13.396 6.960   11.185  1.00 45.31 ? 356 HOH A O   1 
HETATM 1324 O O   . HOH E 4 .   ? 16.390  12.114  -0.154  1.00 40.68 ? 357 HOH A O   1 
HETATM 1325 O O   . HOH E 4 .   ? -21.098 7.948   -0.977  1.00 25.96 ? 358 HOH A O   1 
HETATM 1326 O O   . HOH E 4 .   ? 1.629   -5.495  -11.896 1.00 28.08 ? 359 HOH A O   1 
HETATM 1327 O O   . HOH E 4 .   ? 15.203  0.151   7.015   1.00 29.07 ? 360 HOH A O   1 
HETATM 1328 O O   . HOH E 4 .   ? 11.218  4.129   13.906  1.00 37.15 ? 361 HOH A O   1 
HETATM 1329 O O   . HOH E 4 .   ? -3.822  2.301   -13.823 1.00 52.62 ? 362 HOH A O   1 
HETATM 1330 O O   . HOH E 4 .   ? -11.336 4.657   -11.059 1.00 54.60 ? 363 HOH A O   1 
HETATM 1331 O O   . HOH E 4 .   ? 2.050   6.167   13.020  1.00 34.68 ? 364 HOH A O   1 
HETATM 1332 O O   . HOH E 4 .   ? 6.760   16.103  2.165   1.00 46.95 ? 365 HOH A O   1 
HETATM 1333 O O   . HOH E 4 .   ? -7.586  -19.203 6.017   1.00 38.74 ? 366 HOH A O   1 
HETATM 1334 O O   . HOH E 4 .   ? 11.339  -14.258 -1.323  1.00 38.35 ? 367 HOH A O   1 
HETATM 1335 O O   . HOH E 4 .   ? -2.818  -0.828  -13.198 1.00 40.40 ? 368 HOH A O   1 
HETATM 1336 O O   . HOH E 4 .   ? -20.468 7.887   -4.249  1.00 30.61 ? 369 HOH A O   1 
HETATM 1337 O O   . HOH E 4 .   ? -3.472  -17.291 -4.393  1.00 36.34 ? 370 HOH A O   1 
HETATM 1338 O O   . HOH E 4 .   ? -8.699  -16.503 -4.903  1.00 44.42 ? 371 HOH A O   1 
HETATM 1339 O O   . HOH E 4 .   ? -2.799  10.496  -10.036 1.00 32.96 ? 372 HOH A O   1 
HETATM 1340 O O   . HOH E 4 .   ? 8.929   15.938  -0.168  1.00 29.03 ? 373 HOH A O   1 
HETATM 1341 O O   . HOH E 4 .   ? -0.058  12.373  -9.852  1.00 43.19 ? 374 HOH A O   1 
HETATM 1342 O O   . HOH E 4 .   ? -5.308  14.352  12.714  1.00 45.86 ? 375 HOH A O   1 
HETATM 1343 O O   . HOH E 4 .   ? 7.542   -17.201 -3.572  1.00 46.98 ? 376 HOH A O   1 
HETATM 1344 O O   . HOH E 4 .   ? 16.962  0.978   13.296  1.00 41.16 ? 377 HOH A O   1 
HETATM 1345 O O   . HOH E 4 .   ? -7.616  3.507   -13.702 1.00 56.40 ? 378 HOH A O   1 
HETATM 1346 O O   . HOH E 4 .   ? -5.894  15.084  9.614   1.00 60.78 ? 379 HOH A O   1 
HETATM 1347 O O   . HOH E 4 .   ? -24.647 -2.354  0.292   1.00 60.24 ? 380 HOH A O   1 
HETATM 1348 O O   . HOH E 4 .   ? -16.837 0.324   11.558  1.00 61.30 ? 381 HOH A O   1 
HETATM 1349 O O   . HOH E 4 .   ? 9.322   0.984   16.639  1.00 41.97 ? 382 HOH A O   1 
HETATM 1350 O O   . HOH E 4 .   ? -13.613 5.624   -6.806  1.00 41.47 ? 383 HOH A O   1 
HETATM 1351 O O   . HOH E 4 .   ? 23.331  1.318   -0.597  1.00 45.64 ? 384 HOH A O   1 
HETATM 1352 O O   . HOH E 4 .   ? -24.022 6.391   -5.459  1.00 45.47 ? 385 HOH A O   1 
HETATM 1353 O O   . HOH E 4 .   ? 1.384   4.930   17.369  1.00 36.62 ? 386 HOH A O   1 
HETATM 1354 O O   . HOH E 4 .   ? -22.964 -1.529  -7.289  1.00 37.79 ? 387 HOH A O   1 
HETATM 1355 O O   . HOH E 4 .   ? -3.048  -12.923 -6.945  1.00 42.69 ? 388 HOH A O   1 
HETATM 1356 O O   . HOH E 4 .   ? -1.510  -19.678 -3.369  1.00 47.15 ? 389 HOH A O   1 
HETATM 1357 O O   . HOH E 4 .   ? 7.611   1.858   -19.902 1.00 60.14 ? 390 HOH A O   1 
HETATM 1358 O O   . HOH E 4 .   ? -0.074  -18.989 0.665   1.00 59.02 ? 391 HOH A O   1 
HETATM 1359 O O   . HOH E 4 .   ? -5.604  -15.019 -7.295  1.00 49.93 ? 392 HOH A O   1 
HETATM 1360 O O   . HOH E 4 .   ? 10.466  6.803   12.177  1.00 53.59 ? 393 HOH A O   1 
HETATM 1361 O O   . HOH E 4 .   ? 14.473  11.425  -6.014  1.00 44.05 ? 394 HOH A O   1 
HETATM 1362 O O   . HOH E 4 .   ? 6.299   -0.547  -22.122 1.00 54.97 ? 395 HOH A O   1 
HETATM 1363 O O   . HOH E 4 .   ? 12.885  18.744  2.043   1.00 44.29 ? 396 HOH A O   1 
HETATM 1364 O O   . HOH E 4 .   ? 5.165   14.617  13.072  1.00 47.16 ? 397 HOH A O   1 
HETATM 1365 O O   . HOH E 4 .   ? 18.105  4.171   5.928   1.00 38.95 ? 398 HOH A O   1 
HETATM 1366 O O   . HOH E 4 .   ? -2.202  -22.869 4.800   1.00 50.02 ? 399 HOH A O   1 
HETATM 1367 O O   . HOH E 4 .   ? -24.926 12.967  -5.230  1.00 48.42 ? 400 HOH A O   1 
# 
